data_2P6V
# 
_entry.id   2P6V 
# 
_audit_conform.dict_name       mmcif_pdbx.dic 
_audit_conform.dict_version    5.403 
_audit_conform.dict_location   http://mmcif.pdb.org/dictionaries/ascii/mmcif_pdbx.dic 
# 
loop_
_database_2.database_id 
_database_2.database_code 
_database_2.pdbx_database_accession 
_database_2.pdbx_DOI 
PDB   2P6V         pdb_00002p6v 10.2210/pdb2p6v/pdb 
RCSB  RCSB042040   ?            ?                   
WWPDB D_1000042040 ?            ?                   
# 
loop_
_pdbx_audit_revision_history.ordinal 
_pdbx_audit_revision_history.data_content_type 
_pdbx_audit_revision_history.major_revision 
_pdbx_audit_revision_history.minor_revision 
_pdbx_audit_revision_history.revision_date 
_pdbx_audit_revision_history.part_number 
1 'Structure model' 1 0 2007-05-15 ? 
2 'Structure model' 1 1 2008-05-01 ? 
3 'Structure model' 1 2 2011-07-13 ? 
4 'Structure model' 1 3 2025-03-26 ? 
# 
_pdbx_audit_revision_details.ordinal             1 
_pdbx_audit_revision_details.revision_ordinal    1 
_pdbx_audit_revision_details.data_content_type   'Structure model' 
_pdbx_audit_revision_details.provider            repository 
_pdbx_audit_revision_details.type                'Initial release' 
_pdbx_audit_revision_details.description         ? 
_pdbx_audit_revision_details.details             ? 
# 
loop_
_pdbx_audit_revision_group.ordinal 
_pdbx_audit_revision_group.revision_ordinal 
_pdbx_audit_revision_group.data_content_type 
_pdbx_audit_revision_group.group 
1 2 'Structure model' 'Version format compliance' 
2 3 'Structure model' 'Version format compliance' 
3 4 'Structure model' 'Data collection'           
4 4 'Structure model' 'Database references'       
5 4 'Structure model' 'Derived calculations'      
6 4 'Structure model' 'Structure summary'         
# 
loop_
_pdbx_audit_revision_category.ordinal 
_pdbx_audit_revision_category.revision_ordinal 
_pdbx_audit_revision_category.data_content_type 
_pdbx_audit_revision_category.category 
1 4 'Structure model' chem_comp_atom            
2 4 'Structure model' chem_comp_bond            
3 4 'Structure model' database_2                
4 4 'Structure model' pdbx_entry_details        
5 4 'Structure model' pdbx_modification_feature 
6 4 'Structure model' struct_conn               
7 4 'Structure model' struct_ref_seq_dif        
8 4 'Structure model' struct_site               
# 
loop_
_pdbx_audit_revision_item.ordinal 
_pdbx_audit_revision_item.revision_ordinal 
_pdbx_audit_revision_item.data_content_type 
_pdbx_audit_revision_item.item 
1 4 'Structure model' '_database_2.pdbx_DOI'                
2 4 'Structure model' '_database_2.pdbx_database_accession' 
3 4 'Structure model' '_struct_conn.pdbx_leaving_atom_flag' 
4 4 'Structure model' '_struct_ref_seq_dif.details'         
5 4 'Structure model' '_struct_site.pdbx_auth_asym_id'      
6 4 'Structure model' '_struct_site.pdbx_auth_comp_id'      
7 4 'Structure model' '_struct_site.pdbx_auth_seq_id'       
# 
_pdbx_database_status.status_code                     REL 
_pdbx_database_status.entry_id                        2P6V 
_pdbx_database_status.recvd_initial_deposition_date   2007-03-19 
_pdbx_database_status.deposit_site                    RCSB 
_pdbx_database_status.process_site                    RCSB 
_pdbx_database_status.status_code_sf                  REL 
_pdbx_database_status.status_code_mr                  ? 
_pdbx_database_status.SG_entry                        ? 
_pdbx_database_status.pdb_format_compatible           Y 
_pdbx_database_status.status_code_cs                  ? 
_pdbx_database_status.status_code_nmr_data            ? 
_pdbx_database_status.methods_development_category    ? 
# 
loop_
_audit_author.name 
_audit_author.pdbx_ordinal 
'Wang, X.'       1 
'Truckses, D.M.' 2 
'Takada, S.'     3 
'Matsumura, T.'  4 
'Tanese, N.'     5 
'Jacobson, R.H.' 6 
# 
_citation.id                        primary 
_citation.title                     
'Conserved region I of human coactivator TAF4 binds to a short hydrophobic motif present in transcriptional regulators.' 
_citation.journal_abbrev            Proc.Natl.Acad.Sci.Usa 
_citation.journal_volume            104 
_citation.page_first                7839 
_citation.page_last                 7844 
_citation.year                      2007 
_citation.journal_id_ASTM           PNASA6 
_citation.country                   US 
_citation.journal_id_ISSN           0027-8424 
_citation.journal_id_CSD            0040 
_citation.book_publisher            ? 
_citation.pdbx_database_id_PubMed   17483474 
_citation.pdbx_database_id_DOI      10.1073/pnas.0608570104 
# 
loop_
_citation_author.citation_id 
_citation_author.name 
_citation_author.ordinal 
_citation_author.identifier_ORCID 
primary 'Wang, X.'       1 ? 
primary 'Truckses, D.M.' 2 ? 
primary 'Takada, S.'     3 ? 
primary 'Matsumura, T.'  4 ? 
primary 'Tanese, N.'     5 ? 
primary 'Jacobson, R.H.' 6 ? 
# 
loop_
_entity.id 
_entity.type 
_entity.src_method 
_entity.pdbx_description 
_entity.formula_weight 
_entity.pdbx_number_of_molecules 
_entity.pdbx_ec 
_entity.pdbx_mutation 
_entity.pdbx_fragment 
_entity.details 
1 polymer     man 'Transcription initiation factor TFIID subunit 4' 12651.351 1  ? ? 'TAFH domain' ? 
2 non-polymer syn 'SULFATE ION'                                     96.063    1  ? ? ?             ? 
3 water       nat water                                             18.015    39 ? ? ?             ? 
# 
_entity_name_com.entity_id   1 
_entity_name_com.name        
;TBP-associated factor 4, Transcription initiation factor TFIID 135 kDa subunit, TAFII, 135, TAFII-135, TAFII135, TAFII-130, TAFII130
;
# 
_entity_poly.entity_id                      1 
_entity_poly.type                           'polypeptide(L)' 
_entity_poly.nstd_linkage                   no 
_entity_poly.nstd_monomer                   yes 
_entity_poly.pdbx_seq_one_letter_code       
;TVPGATTTSSAATETMENV(MLY)(MLY)C(MLY)NFLSTLI(MLY)LASSG(MLY)QSTETAANV(MLY)ELVQNLLDG
(MLY)IEAEDFTSRLYRELNSSPQPYLVPFL(MLY)RSLPALRQLTPDSAAFIQQSQQQPPPPTSQ
;
_entity_poly.pdbx_seq_one_letter_code_can   
;TVPGATTTSSAATETMENVKKCKNFLSTLIKLASSGKQSTETAANVKELVQNLLDGKIEAEDFTSRLYRELNSSPQPYLV
PFLKRSLPALRQLTPDSAAFIQQSQQQPPPPTSQ
;
_entity_poly.pdbx_strand_id                 A 
_entity_poly.pdbx_target_identifier         ? 
# 
loop_
_pdbx_entity_nonpoly.entity_id 
_pdbx_entity_nonpoly.name 
_pdbx_entity_nonpoly.comp_id 
2 'SULFATE ION' SO4 
3 water         HOH 
# 
loop_
_entity_poly_seq.entity_id 
_entity_poly_seq.num 
_entity_poly_seq.mon_id 
_entity_poly_seq.hetero 
1 1   THR n 
1 2   VAL n 
1 3   PRO n 
1 4   GLY n 
1 5   ALA n 
1 6   THR n 
1 7   THR n 
1 8   THR n 
1 9   SER n 
1 10  SER n 
1 11  ALA n 
1 12  ALA n 
1 13  THR n 
1 14  GLU n 
1 15  THR n 
1 16  MET n 
1 17  GLU n 
1 18  ASN n 
1 19  VAL n 
1 20  MLY n 
1 21  MLY n 
1 22  CYS n 
1 23  MLY n 
1 24  ASN n 
1 25  PHE n 
1 26  LEU n 
1 27  SER n 
1 28  THR n 
1 29  LEU n 
1 30  ILE n 
1 31  MLY n 
1 32  LEU n 
1 33  ALA n 
1 34  SER n 
1 35  SER n 
1 36  GLY n 
1 37  MLY n 
1 38  GLN n 
1 39  SER n 
1 40  THR n 
1 41  GLU n 
1 42  THR n 
1 43  ALA n 
1 44  ALA n 
1 45  ASN n 
1 46  VAL n 
1 47  MLY n 
1 48  GLU n 
1 49  LEU n 
1 50  VAL n 
1 51  GLN n 
1 52  ASN n 
1 53  LEU n 
1 54  LEU n 
1 55  ASP n 
1 56  GLY n 
1 57  MLY n 
1 58  ILE n 
1 59  GLU n 
1 60  ALA n 
1 61  GLU n 
1 62  ASP n 
1 63  PHE n 
1 64  THR n 
1 65  SER n 
1 66  ARG n 
1 67  LEU n 
1 68  TYR n 
1 69  ARG n 
1 70  GLU n 
1 71  LEU n 
1 72  ASN n 
1 73  SER n 
1 74  SER n 
1 75  PRO n 
1 76  GLN n 
1 77  PRO n 
1 78  TYR n 
1 79  LEU n 
1 80  VAL n 
1 81  PRO n 
1 82  PHE n 
1 83  LEU n 
1 84  MLY n 
1 85  ARG n 
1 86  SER n 
1 87  LEU n 
1 88  PRO n 
1 89  ALA n 
1 90  LEU n 
1 91  ARG n 
1 92  GLN n 
1 93  LEU n 
1 94  THR n 
1 95  PRO n 
1 96  ASP n 
1 97  SER n 
1 98  ALA n 
1 99  ALA n 
1 100 PHE n 
1 101 ILE n 
1 102 GLN n 
1 103 GLN n 
1 104 SER n 
1 105 GLN n 
1 106 GLN n 
1 107 GLN n 
1 108 PRO n 
1 109 PRO n 
1 110 PRO n 
1 111 PRO n 
1 112 THR n 
1 113 SER n 
1 114 GLN n 
# 
_entity_src_gen.entity_id                          1 
_entity_src_gen.pdbx_src_id                        1 
_entity_src_gen.pdbx_alt_source_flag               sample 
_entity_src_gen.pdbx_seq_type                      ? 
_entity_src_gen.pdbx_beg_seq_num                   ? 
_entity_src_gen.pdbx_end_seq_num                   ? 
_entity_src_gen.gene_src_common_name               human 
_entity_src_gen.gene_src_genus                     Homo 
_entity_src_gen.pdbx_gene_src_gene                 'TAF4, TAF2C, TAF2C1, TAF4A, TAFII130, TAFII135' 
_entity_src_gen.gene_src_species                   ? 
_entity_src_gen.gene_src_strain                    ? 
_entity_src_gen.gene_src_tissue                    ? 
_entity_src_gen.gene_src_tissue_fraction           ? 
_entity_src_gen.gene_src_details                   ? 
_entity_src_gen.pdbx_gene_src_fragment             ? 
_entity_src_gen.pdbx_gene_src_scientific_name      'Homo sapiens' 
_entity_src_gen.pdbx_gene_src_ncbi_taxonomy_id     9606 
_entity_src_gen.pdbx_gene_src_variant              ? 
_entity_src_gen.pdbx_gene_src_cell_line            ? 
_entity_src_gen.pdbx_gene_src_atcc                 ? 
_entity_src_gen.pdbx_gene_src_organ                ? 
_entity_src_gen.pdbx_gene_src_organelle            ? 
_entity_src_gen.pdbx_gene_src_cell                 ? 
_entity_src_gen.pdbx_gene_src_cellular_location    ? 
_entity_src_gen.host_org_common_name               ? 
_entity_src_gen.pdbx_host_org_scientific_name      'Escherichia coli' 
_entity_src_gen.pdbx_host_org_ncbi_taxonomy_id     562 
_entity_src_gen.host_org_genus                     Escherichia 
_entity_src_gen.pdbx_host_org_gene                 ? 
_entity_src_gen.pdbx_host_org_organ                ? 
_entity_src_gen.host_org_species                   ? 
_entity_src_gen.pdbx_host_org_tissue               ? 
_entity_src_gen.pdbx_host_org_tissue_fraction      ? 
_entity_src_gen.pdbx_host_org_strain               'BL21 (DE3) RIL' 
_entity_src_gen.pdbx_host_org_variant              ? 
_entity_src_gen.pdbx_host_org_cell_line            ? 
_entity_src_gen.pdbx_host_org_atcc                 ? 
_entity_src_gen.pdbx_host_org_culture_collection   ? 
_entity_src_gen.pdbx_host_org_cell                 ? 
_entity_src_gen.pdbx_host_org_organelle            ? 
_entity_src_gen.pdbx_host_org_cellular_location    ? 
_entity_src_gen.pdbx_host_org_vector_type          plasmid 
_entity_src_gen.pdbx_host_org_vector               ? 
_entity_src_gen.host_org_details                   ? 
_entity_src_gen.expression_system_id               ? 
_entity_src_gen.plasmid_name                       pDEST15 
_entity_src_gen.plasmid_details                    ? 
_entity_src_gen.pdbx_description                   ? 
# 
loop_
_chem_comp.id 
_chem_comp.type 
_chem_comp.mon_nstd_flag 
_chem_comp.name 
_chem_comp.pdbx_synonyms 
_chem_comp.formula 
_chem_comp.formula_weight 
ALA 'L-peptide linking' y ALANINE           ? 'C3 H7 N O2'     89.093  
ARG 'L-peptide linking' y ARGININE          ? 'C6 H15 N4 O2 1' 175.209 
ASN 'L-peptide linking' y ASPARAGINE        ? 'C4 H8 N2 O3'    132.118 
ASP 'L-peptide linking' y 'ASPARTIC ACID'   ? 'C4 H7 N O4'     133.103 
CYS 'L-peptide linking' y CYSTEINE          ? 'C3 H7 N O2 S'   121.158 
GLN 'L-peptide linking' y GLUTAMINE         ? 'C5 H10 N2 O3'   146.144 
GLU 'L-peptide linking' y 'GLUTAMIC ACID'   ? 'C5 H9 N O4'     147.129 
GLY 'peptide linking'   y GLYCINE           ? 'C2 H5 N O2'     75.067  
HOH non-polymer         . WATER             ? 'H2 O'           18.015  
ILE 'L-peptide linking' y ISOLEUCINE        ? 'C6 H13 N O2'    131.173 
LEU 'L-peptide linking' y LEUCINE           ? 'C6 H13 N O2'    131.173 
LYS 'L-peptide linking' y LYSINE            ? 'C6 H15 N2 O2 1' 147.195 
MET 'L-peptide linking' y METHIONINE        ? 'C5 H11 N O2 S'  149.211 
MLY 'L-peptide linking' n N-DIMETHYL-LYSINE ? 'C8 H18 N2 O2'   174.241 
PHE 'L-peptide linking' y PHENYLALANINE     ? 'C9 H11 N O2'    165.189 
PRO 'L-peptide linking' y PROLINE           ? 'C5 H9 N O2'     115.130 
SER 'L-peptide linking' y SERINE            ? 'C3 H7 N O3'     105.093 
SO4 non-polymer         . 'SULFATE ION'     ? 'O4 S -2'        96.063  
THR 'L-peptide linking' y THREONINE         ? 'C4 H9 N O3'     119.119 
TYR 'L-peptide linking' y TYROSINE          ? 'C9 H11 N O3'    181.189 
VAL 'L-peptide linking' y VALINE            ? 'C5 H11 N O2'    117.146 
# 
loop_
_pdbx_poly_seq_scheme.asym_id 
_pdbx_poly_seq_scheme.entity_id 
_pdbx_poly_seq_scheme.seq_id 
_pdbx_poly_seq_scheme.mon_id 
_pdbx_poly_seq_scheme.ndb_seq_num 
_pdbx_poly_seq_scheme.pdb_seq_num 
_pdbx_poly_seq_scheme.auth_seq_num 
_pdbx_poly_seq_scheme.pdb_mon_id 
_pdbx_poly_seq_scheme.auth_mon_id 
_pdbx_poly_seq_scheme.pdb_strand_id 
_pdbx_poly_seq_scheme.pdb_ins_code 
_pdbx_poly_seq_scheme.hetero 
A 1 1   THR 1   574 ?   ?   ?   A . n 
A 1 2   VAL 2   575 ?   ?   ?   A . n 
A 1 3   PRO 3   576 ?   ?   ?   A . n 
A 1 4   GLY 4   577 ?   ?   ?   A . n 
A 1 5   ALA 5   578 ?   ?   ?   A . n 
A 1 6   THR 6   579 ?   ?   ?   A . n 
A 1 7   THR 7   580 ?   ?   ?   A . n 
A 1 8   THR 8   581 ?   ?   ?   A . n 
A 1 9   SER 9   582 582 SER SER A . n 
A 1 10  SER 10  583 583 SER SER A . n 
A 1 11  ALA 11  584 584 ALA ALA A . n 
A 1 12  ALA 12  585 585 ALA ALA A . n 
A 1 13  THR 13  586 586 THR THR A . n 
A 1 14  GLU 14  587 587 GLU GLU A . n 
A 1 15  THR 15  588 588 THR THR A . n 
A 1 16  MET 16  589 589 MET MET A . n 
A 1 17  GLU 17  590 590 GLU GLU A . n 
A 1 18  ASN 18  591 591 ASN ASN A . n 
A 1 19  VAL 19  592 592 VAL VAL A . n 
A 1 20  MLY 20  593 593 MLY MLY A . n 
A 1 21  MLY 21  594 594 MLY MLY A . n 
A 1 22  CYS 22  595 595 CYS CYS A . n 
A 1 23  MLY 23  596 596 MLY MLY A . n 
A 1 24  ASN 24  597 597 ASN ASN A . n 
A 1 25  PHE 25  598 598 PHE PHE A . n 
A 1 26  LEU 26  599 599 LEU LEU A . n 
A 1 27  SER 27  600 600 SER SER A . n 
A 1 28  THR 28  601 601 THR THR A . n 
A 1 29  LEU 29  602 602 LEU LEU A . n 
A 1 30  ILE 30  603 603 ILE ILE A . n 
A 1 31  MLY 31  604 604 MLY MLY A . n 
A 1 32  LEU 32  605 605 LEU LEU A . n 
A 1 33  ALA 33  606 606 ALA ALA A . n 
A 1 34  SER 34  607 607 SER SER A . n 
A 1 35  SER 35  608 608 SER SER A . n 
A 1 36  GLY 36  609 609 GLY GLY A . n 
A 1 37  MLY 37  610 610 MLY MLY A . n 
A 1 38  GLN 38  611 611 GLN GLN A . n 
A 1 39  SER 39  612 612 SER SER A . n 
A 1 40  THR 40  613 613 THR THR A . n 
A 1 41  GLU 41  614 614 GLU GLU A . n 
A 1 42  THR 42  615 615 THR THR A . n 
A 1 43  ALA 43  616 616 ALA ALA A . n 
A 1 44  ALA 44  617 617 ALA ALA A . n 
A 1 45  ASN 45  618 618 ASN ASN A . n 
A 1 46  VAL 46  619 619 VAL VAL A . n 
A 1 47  MLY 47  620 620 MLY MLY A . n 
A 1 48  GLU 48  621 621 GLU GLU A . n 
A 1 49  LEU 49  622 622 LEU LEU A . n 
A 1 50  VAL 50  623 623 VAL VAL A . n 
A 1 51  GLN 51  624 624 GLN GLN A . n 
A 1 52  ASN 52  625 625 ASN ASN A . n 
A 1 53  LEU 53  626 626 LEU LEU A . n 
A 1 54  LEU 54  627 627 LEU LEU A . n 
A 1 55  ASP 55  628 628 ASP ASP A . n 
A 1 56  GLY 56  629 629 GLY GLY A . n 
A 1 57  MLY 57  630 630 MLY MLY A . n 
A 1 58  ILE 58  631 631 ILE ILE A . n 
A 1 59  GLU 59  632 632 GLU GLU A . n 
A 1 60  ALA 60  633 633 ALA ALA A . n 
A 1 61  GLU 61  634 634 GLU GLU A . n 
A 1 62  ASP 62  635 635 ASP ASP A . n 
A 1 63  PHE 63  636 636 PHE PHE A . n 
A 1 64  THR 64  637 637 THR THR A . n 
A 1 65  SER 65  638 638 SER SER A . n 
A 1 66  ARG 66  639 639 ARG ARG A . n 
A 1 67  LEU 67  640 640 LEU LEU A . n 
A 1 68  TYR 68  641 641 TYR TYR A . n 
A 1 69  ARG 69  642 642 ARG ARG A . n 
A 1 70  GLU 70  643 643 GLU GLU A . n 
A 1 71  LEU 71  644 644 LEU LEU A . n 
A 1 72  ASN 72  645 645 ASN ASN A . n 
A 1 73  SER 73  646 646 SER SER A . n 
A 1 74  SER 74  647 647 SER SER A . n 
A 1 75  PRO 75  648 648 PRO PRO A . n 
A 1 76  GLN 76  649 649 GLN GLN A . n 
A 1 77  PRO 77  650 650 PRO PRO A . n 
A 1 78  TYR 78  651 651 TYR TYR A . n 
A 1 79  LEU 79  652 652 LEU LEU A . n 
A 1 80  VAL 80  653 653 VAL VAL A . n 
A 1 81  PRO 81  654 654 PRO PRO A . n 
A 1 82  PHE 82  655 655 PHE PHE A . n 
A 1 83  LEU 83  656 656 LEU LEU A . n 
A 1 84  MLY 84  657 657 MLY MLY A . n 
A 1 85  ARG 85  658 658 ARG ARG A . n 
A 1 86  SER 86  659 659 SER SER A . n 
A 1 87  LEU 87  660 660 LEU LEU A . n 
A 1 88  PRO 88  661 661 PRO PRO A . n 
A 1 89  ALA 89  662 662 ALA ALA A . n 
A 1 90  LEU 90  663 663 LEU LEU A . n 
A 1 91  ARG 91  664 664 ARG ARG A . n 
A 1 92  GLN 92  665 665 GLN GLN A . n 
A 1 93  LEU 93  666 666 LEU LEU A . n 
A 1 94  THR 94  667 667 THR THR A . n 
A 1 95  PRO 95  668 668 PRO PRO A . n 
A 1 96  ASP 96  669 669 ASP ASP A . n 
A 1 97  SER 97  670 670 SER SER A . n 
A 1 98  ALA 98  671 671 ALA ALA A . n 
A 1 99  ALA 99  672 672 ALA ALA A . n 
A 1 100 PHE 100 673 673 PHE PHE A . n 
A 1 101 ILE 101 674 674 ILE ILE A . n 
A 1 102 GLN 102 675 675 GLN GLN A . n 
A 1 103 GLN 103 676 676 GLN GLN A . n 
A 1 104 SER 104 677 677 SER SER A . n 
A 1 105 GLN 105 678 678 GLN GLN A . n 
A 1 106 GLN 106 679 ?   ?   ?   A . n 
A 1 107 GLN 107 680 ?   ?   ?   A . n 
A 1 108 PRO 108 681 ?   ?   ?   A . n 
A 1 109 PRO 109 682 ?   ?   ?   A . n 
A 1 110 PRO 110 683 ?   ?   ?   A . n 
A 1 111 PRO 111 684 ?   ?   ?   A . n 
A 1 112 THR 112 685 ?   ?   ?   A . n 
A 1 113 SER 113 686 ?   ?   ?   A . n 
A 1 114 GLN 114 687 ?   ?   ?   A . n 
# 
loop_
_pdbx_nonpoly_scheme.asym_id 
_pdbx_nonpoly_scheme.entity_id 
_pdbx_nonpoly_scheme.mon_id 
_pdbx_nonpoly_scheme.ndb_seq_num 
_pdbx_nonpoly_scheme.pdb_seq_num 
_pdbx_nonpoly_scheme.auth_seq_num 
_pdbx_nonpoly_scheme.pdb_mon_id 
_pdbx_nonpoly_scheme.auth_mon_id 
_pdbx_nonpoly_scheme.pdb_strand_id 
_pdbx_nonpoly_scheme.pdb_ins_code 
B 2 SO4 1  700 700 SO4 SO4 A . 
C 3 HOH 1  1   1   HOH HOH A . 
C 3 HOH 2  2   2   HOH HOH A . 
C 3 HOH 3  3   3   HOH HOH A . 
C 3 HOH 4  4   4   HOH HOH A . 
C 3 HOH 5  5   5   HOH HOH A . 
C 3 HOH 6  6   6   HOH HOH A . 
C 3 HOH 7  7   7   HOH HOH A . 
C 3 HOH 8  8   8   HOH HOH A . 
C 3 HOH 9  9   9   HOH HOH A . 
C 3 HOH 10 10  10  HOH HOH A . 
C 3 HOH 11 11  11  HOH HOH A . 
C 3 HOH 12 12  12  HOH HOH A . 
C 3 HOH 13 13  13  HOH HOH A . 
C 3 HOH 14 14  14  HOH HOH A . 
C 3 HOH 15 15  15  HOH HOH A . 
C 3 HOH 16 16  16  HOH HOH A . 
C 3 HOH 17 17  17  HOH HOH A . 
C 3 HOH 18 18  18  HOH HOH A . 
C 3 HOH 19 19  19  HOH HOH A . 
C 3 HOH 20 20  20  HOH HOH A . 
C 3 HOH 21 21  21  HOH HOH A . 
C 3 HOH 22 22  22  HOH HOH A . 
C 3 HOH 23 23  23  HOH HOH A . 
C 3 HOH 24 24  24  HOH HOH A . 
C 3 HOH 25 25  25  HOH HOH A . 
C 3 HOH 26 26  26  HOH HOH A . 
C 3 HOH 27 27  27  HOH HOH A . 
C 3 HOH 28 28  28  HOH HOH A . 
C 3 HOH 29 29  29  HOH HOH A . 
C 3 HOH 30 30  30  HOH HOH A . 
C 3 HOH 31 31  31  HOH HOH A . 
C 3 HOH 32 32  32  HOH HOH A . 
C 3 HOH 33 33  33  HOH HOH A . 
C 3 HOH 34 34  34  HOH HOH A . 
C 3 HOH 35 35  35  HOH HOH A . 
C 3 HOH 36 36  36  HOH HOH A . 
C 3 HOH 37 37  37  HOH HOH A . 
C 3 HOH 38 38  38  HOH HOH A . 
C 3 HOH 39 39  39  HOH HOH A . 
# 
loop_
_software.name 
_software.classification 
_software.version 
_software.citation_id 
_software.pdbx_ordinal 
REFMAC  refinement        5.2.0005  ? 1 
ADSC    'data collection' QUANTUM   ? 2 
MOSFLM  'data reduction'  .         ? 3 
CCP4    'data scaling'    '(SCALA)' ? 4 
MLPHARE phasing           .         ? 5 
# 
_cell.entry_id           2P6V 
_cell.length_a           74.852 
_cell.length_b           74.852 
_cell.length_c           131.785 
_cell.angle_alpha        90.00 
_cell.angle_beta         90.00 
_cell.angle_gamma        120.00 
_cell.Z_PDB              12 
_cell.pdbx_unique_axis   ? 
_cell.length_a_esd       ? 
_cell.length_b_esd       ? 
_cell.length_c_esd       ? 
_cell.angle_alpha_esd    ? 
_cell.angle_beta_esd     ? 
_cell.angle_gamma_esd    ? 
# 
_symmetry.entry_id                         2P6V 
_symmetry.space_group_name_H-M             'P 63 2 2' 
_symmetry.pdbx_full_space_group_name_H-M   ? 
_symmetry.cell_setting                     ? 
_symmetry.Int_Tables_number                182 
_symmetry.space_group_name_Hall            ? 
# 
_exptl.entry_id          2P6V 
_exptl.method            'X-RAY DIFFRACTION' 
_exptl.crystals_number   1 
# 
_exptl_crystal.id                    1 
_exptl_crystal.density_meas          ? 
_exptl_crystal.density_Matthews      4.21 
_exptl_crystal.density_percent_sol   70.77 
_exptl_crystal.description           ? 
_exptl_crystal.F_000                 ? 
_exptl_crystal.preparation           ? 
# 
_exptl_crystal_grow.crystal_id      1 
_exptl_crystal_grow.method          'VAPOR DIFFUSION, HANGING DROP' 
_exptl_crystal_grow.temp            295 
_exptl_crystal_grow.temp_details    ? 
_exptl_crystal_grow.pH              6.6 
_exptl_crystal_grow.pdbx_details    
;Crystals of methylated hTAF4-TAFH containing SeMet were grown by hanging drop vapor diffusion at 22 C by mixing equal volumes of protein solution and crystallization buffer (200 mM ammonium acetate, 2.2 M ammonium sulfate and 150 mM sodium bromide). , pH 6.6, VAPOR DIFFUSION, HANGING DROP, temperature 295K
;
_exptl_crystal_grow.pdbx_pH_range   . 
# 
_diffrn.id                     1 
_diffrn.ambient_temp           100 
_diffrn.ambient_temp_details   ? 
_diffrn.crystal_id             1 
# 
_diffrn_detector.diffrn_id              1 
_diffrn_detector.detector               CCD 
_diffrn_detector.type                   'ADSC QUANTUM 210' 
_diffrn_detector.pdbx_collection_date   2004-03-16 
_diffrn_detector.details                ? 
# 
_diffrn_radiation.diffrn_id                        1 
_diffrn_radiation.wavelength_id                    1 
_diffrn_radiation.pdbx_monochromatic_or_laue_m_l   M 
_diffrn_radiation.monochromator                    ? 
_diffrn_radiation.pdbx_diffrn_protocol             MAD 
_diffrn_radiation.pdbx_scattering_type             x-ray 
# 
loop_
_diffrn_radiation_wavelength.id 
_diffrn_radiation_wavelength.wavelength 
_diffrn_radiation_wavelength.wt 
1 0.9797 1.0 
2 1.0199 1.0 
# 
_diffrn_source.diffrn_id                   1 
_diffrn_source.source                      SYNCHROTRON 
_diffrn_source.type                        'ALS BEAMLINE 8.3.1' 
_diffrn_source.pdbx_synchrotron_site       ALS 
_diffrn_source.pdbx_synchrotron_beamline   8.3.1 
_diffrn_source.pdbx_wavelength             ? 
_diffrn_source.pdbx_wavelength_list        '0.9797, 1.0199' 
# 
_reflns.entry_id                     2P6V 
_reflns.observed_criterion_sigma_F   0 
_reflns.observed_criterion_sigma_I   0 
_reflns.d_resolution_high            2.00 
_reflns.d_resolution_low             65.94 
_reflns.number_all                   15659 
_reflns.number_obs                   15423 
_reflns.percent_possible_obs         98.49 
_reflns.pdbx_Rmerge_I_obs            0.095 
_reflns.pdbx_Rsym_value              0.107 
_reflns.pdbx_netI_over_sigmaI        16.7 
_reflns.B_iso_Wilson_estimate        42.8 
_reflns.pdbx_redundancy              13.9 
_reflns.R_free_details               ? 
_reflns.limit_h_max                  ? 
_reflns.limit_h_min                  ? 
_reflns.limit_k_max                  ? 
_reflns.limit_k_min                  ? 
_reflns.limit_l_max                  ? 
_reflns.limit_l_min                  ? 
_reflns.observed_criterion_F_max     ? 
_reflns.observed_criterion_F_min     ? 
_reflns.pdbx_chi_squared             ? 
_reflns.pdbx_scaling_rejects         ? 
_reflns.pdbx_diffrn_id               1 
_reflns.pdbx_ordinal                 1 
# 
_reflns_shell.d_res_high             2.0 
_reflns_shell.d_res_low              2.11 
_reflns_shell.percent_possible_all   98.3 
_reflns_shell.Rmerge_I_obs           0.105 
_reflns_shell.pdbx_Rsym_value        0.110 
_reflns_shell.meanI_over_sigI_obs    3.7 
_reflns_shell.pdbx_redundancy        10.1 
_reflns_shell.percent_possible_obs   ? 
_reflns_shell.number_unique_all      2184 
_reflns_shell.number_measured_all    ? 
_reflns_shell.number_measured_obs    ? 
_reflns_shell.number_unique_obs      ? 
_reflns_shell.pdbx_chi_squared       ? 
_reflns_shell.pdbx_diffrn_id         ? 
_reflns_shell.pdbx_ordinal           1 
# 
_refine.entry_id                                 2P6V 
_refine.ls_number_reflns_obs                     15423 
_refine.ls_number_reflns_all                     15659 
_refine.pdbx_ls_sigma_I                          0 
_refine.pdbx_ls_sigma_F                          0 
_refine.pdbx_data_cutoff_high_absF               ? 
_refine.pdbx_data_cutoff_low_absF                ? 
_refine.pdbx_data_cutoff_high_rms_absF           ? 
_refine.ls_d_res_low                             65.94 
_refine.ls_d_res_high                            2.00 
_refine.ls_percent_reflns_obs                    98.49 
_refine.ls_R_factor_obs                          0.21567 
_refine.ls_R_factor_all                          0.21400 
_refine.ls_R_factor_R_work                       0.21402 
_refine.ls_R_factor_R_free                       0.24835 
_refine.ls_R_factor_R_free_error                 ? 
_refine.ls_R_factor_R_free_error_details         ? 
_refine.ls_percent_reflns_R_free                 5.2 
_refine.ls_number_reflns_R_free                  786 
_refine.ls_number_parameters                     ? 
_refine.ls_number_restraints                     ? 
_refine.occupancy_min                            ? 
_refine.occupancy_max                            ? 
_refine.correlation_coeff_Fo_to_Fc               0.960 
_refine.correlation_coeff_Fo_to_Fc_free          0.948 
_refine.B_iso_mean                               53.387 
_refine.aniso_B[1][1]                            2.71 
_refine.aniso_B[2][2]                            2.71 
_refine.aniso_B[3][3]                            -4.07 
_refine.aniso_B[1][2]                            1.36 
_refine.aniso_B[1][3]                            0.00 
_refine.aniso_B[2][3]                            0.00 
_refine.solvent_model_details                    'BABINET MODEL WITH MASK' 
_refine.solvent_model_param_ksol                 ? 
_refine.solvent_model_param_bsol                 ? 
_refine.pdbx_solvent_vdw_probe_radii             1.20 
_refine.pdbx_solvent_ion_probe_radii             0.80 
_refine.pdbx_solvent_shrinkage_radii             0.80 
_refine.pdbx_ls_cross_valid_method               THROUGHOUT 
_refine.details                                  'HYDROGENS HAVE BEEN ADDED IN THE RIDING POSITIONS' 
_refine.pdbx_starting_model                      ? 
_refine.pdbx_method_to_determine_struct          MAD 
_refine.pdbx_isotropic_thermal_model             ? 
_refine.pdbx_stereochemistry_target_values       'MAXIMUM LIKELIHOOD' 
_refine.pdbx_stereochem_target_val_spec_case     ? 
_refine.pdbx_R_Free_selection_details            RANDOM 
_refine.pdbx_overall_ESU_R                       0.119 
_refine.pdbx_overall_ESU_R_Free                  0.121 
_refine.overall_SU_ML                            0.102 
_refine.overall_SU_B                             3.843 
_refine.ls_redundancy_reflns_obs                 ? 
_refine.B_iso_min                                ? 
_refine.B_iso_max                                ? 
_refine.overall_SU_R_Cruickshank_DPI             ? 
_refine.overall_SU_R_free                        ? 
_refine.ls_wR_factor_R_free                      ? 
_refine.ls_wR_factor_R_work                      ? 
_refine.overall_FOM_free_R_set                   ? 
_refine.overall_FOM_work_R_set                   ? 
_refine.pdbx_refine_id                           'X-RAY DIFFRACTION' 
_refine.pdbx_diffrn_id                           1 
_refine.pdbx_TLS_residual_ADP_flag               ? 
_refine.pdbx_overall_phase_error                 ? 
_refine.pdbx_overall_SU_R_free_Cruickshank_DPI   ? 
_refine.pdbx_overall_SU_R_Blow_DPI               ? 
_refine.pdbx_overall_SU_R_free_Blow_DPI          ? 
# 
_refine_hist.pdbx_refine_id                   'X-RAY DIFFRACTION' 
_refine_hist.cycle_id                         LAST 
_refine_hist.pdbx_number_atoms_protein        776 
_refine_hist.pdbx_number_atoms_nucleic_acid   0 
_refine_hist.pdbx_number_atoms_ligand         5 
_refine_hist.number_atoms_solvent             39 
_refine_hist.number_atoms_total               820 
_refine_hist.d_res_high                       2.00 
_refine_hist.d_res_low                        65.94 
# 
loop_
_refine_ls_restr.type 
_refine_ls_restr.dev_ideal 
_refine_ls_restr.dev_ideal_target 
_refine_ls_restr.weight 
_refine_ls_restr.number 
_refine_ls_restr.pdbx_refine_id 
_refine_ls_restr.pdbx_restraint_function 
r_bond_refined_d             0.017  0.021  ? 790  'X-RAY DIFFRACTION' ? 
r_bond_other_d               0.001  0.020  ? 762  'X-RAY DIFFRACTION' ? 
r_angle_refined_deg          2.343  2.056  ? 1069 'X-RAY DIFFRACTION' ? 
r_angle_other_deg            1.167  3.000  ? 1774 'X-RAY DIFFRACTION' ? 
r_dihedral_angle_1_deg       5.569  5.000  ? 96   'X-RAY DIFFRACTION' ? 
r_dihedral_angle_2_deg       38.872 25.152 ? 33   'X-RAY DIFFRACTION' ? 
r_dihedral_angle_3_deg       14.690 15.000 ? 116  'X-RAY DIFFRACTION' ? 
r_dihedral_angle_4_deg       18.370 15.000 ? 5    'X-RAY DIFFRACTION' ? 
r_chiral_restr               0.119  0.200  ? 131  'X-RAY DIFFRACTION' ? 
r_gen_planes_refined         0.006  0.020  ? 834  'X-RAY DIFFRACTION' ? 
r_gen_planes_other           0.000  0.020  ? 139  'X-RAY DIFFRACTION' ? 
r_nbd_refined                0.242  0.300  ? 199  'X-RAY DIFFRACTION' ? 
r_nbd_other                  0.220  0.300  ? 793  'X-RAY DIFFRACTION' ? 
r_nbtor_refined              0.213  0.500  ? 391  'X-RAY DIFFRACTION' ? 
r_nbtor_other                0.168  0.500  ? 493  'X-RAY DIFFRACTION' ? 
r_xyhbond_nbd_refined        0.216  0.500  ? 57   'X-RAY DIFFRACTION' ? 
r_xyhbond_nbd_other          ?      ?      ? ?    'X-RAY DIFFRACTION' ? 
r_metal_ion_refined          ?      ?      ? ?    'X-RAY DIFFRACTION' ? 
r_metal_ion_other            ?      ?      ? ?    'X-RAY DIFFRACTION' ? 
r_symmetry_vdw_refined       0.154  0.300  ? 6    'X-RAY DIFFRACTION' ? 
r_symmetry_vdw_other         0.199  0.300  ? 40   'X-RAY DIFFRACTION' ? 
r_symmetry_hbond_refined     0.433  0.500  ? 4    'X-RAY DIFFRACTION' ? 
r_symmetry_hbond_other       ?      ?      ? ?    'X-RAY DIFFRACTION' ? 
r_symmetry_metal_ion_refined ?      ?      ? ?    'X-RAY DIFFRACTION' ? 
r_symmetry_metal_ion_other   ?      ?      ? ?    'X-RAY DIFFRACTION' ? 
r_mcbond_it                  13.170 5.000  ? 607  'X-RAY DIFFRACTION' ? 
r_mcbond_other               7.564  5.000  ? 193  'X-RAY DIFFRACTION' ? 
r_mcangle_it                 12.661 3.000  ? 790  'X-RAY DIFFRACTION' ? 
r_scbond_it                  16.183 4.000  ? 324  'X-RAY DIFFRACTION' ? 
r_scangle_it                 17.267 2.000  ? 279  'X-RAY DIFFRACTION' ? 
r_rigid_bond_restr           ?      ?      ? ?    'X-RAY DIFFRACTION' ? 
r_sphericity_free            ?      ?      ? ?    'X-RAY DIFFRACTION' ? 
r_sphericity_bonded          ?      ?      ? ?    'X-RAY DIFFRACTION' ? 
# 
_refine_ls_shell.pdbx_total_number_of_bins_used   20 
_refine_ls_shell.d_res_high                       2.000 
_refine_ls_shell.d_res_low                        2.052 
_refine_ls_shell.number_reflns_R_work             1018 
_refine_ls_shell.R_factor_R_work                  0.342 
_refine_ls_shell.percent_reflns_obs               98.34 
_refine_ls_shell.R_factor_R_free                  0.458 
_refine_ls_shell.R_factor_R_free_error            ? 
_refine_ls_shell.percent_reflns_R_free            ? 
_refine_ls_shell.number_reflns_R_free             50 
_refine_ls_shell.number_reflns_all                ? 
_refine_ls_shell.R_factor_all                     ? 
_refine_ls_shell.number_reflns_obs                ? 
_refine_ls_shell.redundancy_reflns_obs            ? 
_refine_ls_shell.pdbx_refine_id                   'X-RAY DIFFRACTION' 
# 
_struct.entry_id                  2P6V 
_struct.title                     'Structure of TAFH domain of the human TAF4 subunit of TFIID' 
_struct.pdbx_model_details        ? 
_struct.pdbx_CASP_flag            N 
_struct.pdbx_model_type_details   ? 
# 
_struct_keywords.entry_id        2P6V 
_struct_keywords.pdbx_keywords   TRANSCRIPTION 
_struct_keywords.text            'ALPHA HELIX, TRANSCRIPTION' 
# 
loop_
_struct_asym.id 
_struct_asym.pdbx_blank_PDB_chainid_flag 
_struct_asym.pdbx_modified 
_struct_asym.entity_id 
_struct_asym.details 
A N N 1 ? 
B N N 2 ? 
C N N 3 ? 
# 
_struct_ref.id                         1 
_struct_ref.db_name                    UNP 
_struct_ref.db_code                    TAF4_HUMAN 
_struct_ref.pdbx_db_accession          O00268 
_struct_ref.entity_id                  1 
_struct_ref.pdbx_seq_one_letter_code   
;TVPGATTTSSAATETMENVKKCKNFLSTLIKLASSGKQSTETAANVKELVQNLLDGKIEAEDFTSRLYRELNSSPQPYLV
PFLKRSLPALRQLTPDSAAFIQQSQQQPPPPTSQ
;
_struct_ref.pdbx_align_begin           575 
_struct_ref.pdbx_db_isoform            ? 
# 
_struct_ref_seq.align_id                      1 
_struct_ref_seq.ref_id                        1 
_struct_ref_seq.pdbx_PDB_id_code              2P6V 
_struct_ref_seq.pdbx_strand_id                A 
_struct_ref_seq.seq_align_beg                 2 
_struct_ref_seq.pdbx_seq_align_beg_ins_code   ? 
_struct_ref_seq.seq_align_end                 105 
_struct_ref_seq.pdbx_seq_align_end_ins_code   ? 
_struct_ref_seq.pdbx_db_accession             O00268 
_struct_ref_seq.db_align_beg                  575 
_struct_ref_seq.pdbx_db_align_beg_ins_code    ? 
_struct_ref_seq.db_align_end                  688 
_struct_ref_seq.pdbx_db_align_end_ins_code    ? 
_struct_ref_seq.pdbx_auth_seq_align_beg       575 
_struct_ref_seq.pdbx_auth_seq_align_end       678 
# 
loop_
_struct_ref_seq_dif.align_id 
_struct_ref_seq_dif.pdbx_pdb_id_code 
_struct_ref_seq_dif.mon_id 
_struct_ref_seq_dif.pdbx_pdb_strand_id 
_struct_ref_seq_dif.seq_num 
_struct_ref_seq_dif.pdbx_pdb_ins_code 
_struct_ref_seq_dif.pdbx_seq_db_name 
_struct_ref_seq_dif.pdbx_seq_db_accession_code 
_struct_ref_seq_dif.db_mon_id 
_struct_ref_seq_dif.pdbx_seq_db_seq_num 
_struct_ref_seq_dif.details 
_struct_ref_seq_dif.pdbx_auth_seq_num 
_struct_ref_seq_dif.pdbx_ordinal 
1 2P6V MLY A 20 ? UNP O00268 LYS 594 'modified residue' 593 1 
1 2P6V MLY A 21 ? UNP O00268 LYS 595 'modified residue' 594 2 
1 2P6V MLY A 23 ? UNP O00268 LYS 597 'modified residue' 596 3 
1 2P6V MLY A 31 ? UNP O00268 LYS 605 'modified residue' 604 4 
1 2P6V MLY A 37 ? UNP O00268 LYS 611 'modified residue' 610 5 
1 2P6V MLY A 47 ? UNP O00268 LYS 621 'modified residue' 620 6 
1 2P6V MLY A 57 ? UNP O00268 LYS 631 'modified residue' 630 7 
1 2P6V MLY A 84 ? UNP O00268 LYS 658 'modified residue' 657 8 
# 
_pdbx_struct_assembly.id                   1 
_pdbx_struct_assembly.details              author_defined_assembly 
_pdbx_struct_assembly.method_details       ? 
_pdbx_struct_assembly.oligomeric_details   hexameric 
_pdbx_struct_assembly.oligomeric_count     6 
# 
_pdbx_struct_assembly_gen.assembly_id       1 
_pdbx_struct_assembly_gen.oper_expression   1,2,3,4,5,6 
_pdbx_struct_assembly_gen.asym_id_list      A,B,C 
# 
loop_
_pdbx_struct_oper_list.id 
_pdbx_struct_oper_list.type 
_pdbx_struct_oper_list.name 
_pdbx_struct_oper_list.symmetry_operation 
_pdbx_struct_oper_list.matrix[1][1] 
_pdbx_struct_oper_list.matrix[1][2] 
_pdbx_struct_oper_list.matrix[1][3] 
_pdbx_struct_oper_list.vector[1] 
_pdbx_struct_oper_list.matrix[2][1] 
_pdbx_struct_oper_list.matrix[2][2] 
_pdbx_struct_oper_list.matrix[2][3] 
_pdbx_struct_oper_list.vector[2] 
_pdbx_struct_oper_list.matrix[3][1] 
_pdbx_struct_oper_list.matrix[3][2] 
_pdbx_struct_oper_list.matrix[3][3] 
_pdbx_struct_oper_list.vector[3] 
1 'identity operation'         1_555  x,y,z            1.0000000000  0.0000000000  0.0000000000  0.0000000000  0.0000000000  1.0000000000  0.0000000000  0.0000000000  0.0000000000  0.0000000000  1.0000000000  0.0000000000   
2 'crystal symmetry operation' 2_655  -y+1,x-y,z       -0.4990438302 0.1427992537  -0.8547301496 2.5128748370  -0.2168666708 0.9343640416  0.2827236900  5.1001145572  0.8390018490  0.3264539951  -0.4353202114 -23.7118332815 
3 'crystal symmetry operation' 3_665  -x+y+1,-x+1,z    -0.4990438302 -0.2168666708 0.8390018490  22.2543515136 0.1427992537  0.9343640416  0.3264539951  2.6166224053  -0.8547301496 0.2827236900  -0.4353202114 -9.6163335973  
4 'crystal symmetry operation' 10_666 -y+1,-x+1,-z+3/2 0.9307747052  0.1229618577  -0.3442946844 -4.5647028170 0.1229618577  -0.9921691441 -0.0219264909 42.4039415893 -0.3442946844 -0.0219264909 -0.9386055611 -10.4542575493 
5 'crystal symmetry operation' 11_656 -x+y+1,y,-z+3/2  -0.7800275795 0.1354086963  -0.6109185381 6.5651952349  0.1354086963  -0.9166463005 -0.3760638839 38.1726703490 -0.6109185381 -0.3760638839 0.6966738799  10.8248039668  
6 'crystal symmetry operation' 12_556 x,x-y,-z+3/2     -0.1526594653 -0.1843031369 0.9709415232  19.7816819461 -0.1843031369 -0.9599126386 -0.2111873103 42.7550984323 0.9709415232  -0.2111873103 0.1125721039  -9.1477416368 
# 
loop_
_struct_conf.conf_type_id 
_struct_conf.id 
_struct_conf.pdbx_PDB_helix_id 
_struct_conf.beg_label_comp_id 
_struct_conf.beg_label_asym_id 
_struct_conf.beg_label_seq_id 
_struct_conf.pdbx_beg_PDB_ins_code 
_struct_conf.end_label_comp_id 
_struct_conf.end_label_asym_id 
_struct_conf.end_label_seq_id 
_struct_conf.pdbx_end_PDB_ins_code 
_struct_conf.beg_auth_comp_id 
_struct_conf.beg_auth_asym_id 
_struct_conf.beg_auth_seq_id 
_struct_conf.end_auth_comp_id 
_struct_conf.end_auth_asym_id 
_struct_conf.end_auth_seq_id 
_struct_conf.pdbx_PDB_helix_class 
_struct_conf.details 
_struct_conf.pdbx_PDB_helix_length 
HELX_P HELX_P1 1 SER A 10 ? SER A 34  ? SER A 583 SER A 607 1 ? 25 
HELX_P HELX_P2 2 SER A 39 ? ASP A 55  ? SER A 612 ASP A 628 1 ? 17 
HELX_P HELX_P3 3 GLU A 59 ? LEU A 71  ? GLU A 632 LEU A 644 1 ? 13 
HELX_P HELX_P4 4 TYR A 78 ? LEU A 93  ? TYR A 651 LEU A 666 1 ? 16 
HELX_P HELX_P5 5 ASP A 96 ? SER A 104 ? ASP A 669 SER A 677 1 ? 9  
# 
_struct_conf_type.id          HELX_P 
_struct_conf_type.criteria    ? 
_struct_conf_type.reference   ? 
# 
loop_
_struct_conn.id 
_struct_conn.conn_type_id 
_struct_conn.pdbx_leaving_atom_flag 
_struct_conn.pdbx_PDB_id 
_struct_conn.ptnr1_label_asym_id 
_struct_conn.ptnr1_label_comp_id 
_struct_conn.ptnr1_label_seq_id 
_struct_conn.ptnr1_label_atom_id 
_struct_conn.pdbx_ptnr1_label_alt_id 
_struct_conn.pdbx_ptnr1_PDB_ins_code 
_struct_conn.pdbx_ptnr1_standard_comp_id 
_struct_conn.ptnr1_symmetry 
_struct_conn.ptnr2_label_asym_id 
_struct_conn.ptnr2_label_comp_id 
_struct_conn.ptnr2_label_seq_id 
_struct_conn.ptnr2_label_atom_id 
_struct_conn.pdbx_ptnr2_label_alt_id 
_struct_conn.pdbx_ptnr2_PDB_ins_code 
_struct_conn.ptnr1_auth_asym_id 
_struct_conn.ptnr1_auth_comp_id 
_struct_conn.ptnr1_auth_seq_id 
_struct_conn.ptnr2_auth_asym_id 
_struct_conn.ptnr2_auth_comp_id 
_struct_conn.ptnr2_auth_seq_id 
_struct_conn.ptnr2_symmetry 
_struct_conn.pdbx_ptnr3_label_atom_id 
_struct_conn.pdbx_ptnr3_label_seq_id 
_struct_conn.pdbx_ptnr3_label_comp_id 
_struct_conn.pdbx_ptnr3_label_asym_id 
_struct_conn.pdbx_ptnr3_label_alt_id 
_struct_conn.pdbx_ptnr3_PDB_ins_code 
_struct_conn.details 
_struct_conn.pdbx_dist_value 
_struct_conn.pdbx_value_order 
_struct_conn.pdbx_role 
covale1  covale both ? A VAL 19 C ? ? ? 1_555 A MLY 20 N ? ? A VAL 592 A MLY 593 1_555 ? ? ? ? ? ? ? 1.327 ? ? 
covale2  covale both ? A MLY 20 C ? ? ? 1_555 A MLY 21 N ? ? A MLY 593 A MLY 594 1_555 ? ? ? ? ? ? ? 1.327 ? ? 
covale3  covale both ? A MLY 21 C ? ? ? 1_555 A CYS 22 N ? ? A MLY 594 A CYS 595 1_555 ? ? ? ? ? ? ? 1.331 ? ? 
covale4  covale both ? A CYS 22 C ? ? ? 1_555 A MLY 23 N ? ? A CYS 595 A MLY 596 1_555 ? ? ? ? ? ? ? 1.326 ? ? 
covale5  covale both ? A MLY 23 C ? ? ? 1_555 A ASN 24 N ? ? A MLY 596 A ASN 597 1_555 ? ? ? ? ? ? ? 1.323 ? ? 
covale6  covale both ? A ILE 30 C ? ? ? 1_555 A MLY 31 N ? ? A ILE 603 A MLY 604 1_555 ? ? ? ? ? ? ? 1.334 ? ? 
covale7  covale both ? A MLY 31 C ? ? ? 1_555 A LEU 32 N ? ? A MLY 604 A LEU 605 1_555 ? ? ? ? ? ? ? 1.327 ? ? 
covale8  covale both ? A GLY 36 C ? ? ? 1_555 A MLY 37 N ? ? A GLY 609 A MLY 610 1_555 ? ? ? ? ? ? ? 1.327 ? ? 
covale9  covale both ? A MLY 37 C ? ? ? 1_555 A GLN 38 N ? ? A MLY 610 A GLN 611 1_555 ? ? ? ? ? ? ? 1.336 ? ? 
covale10 covale both ? A VAL 46 C ? ? ? 1_555 A MLY 47 N ? ? A VAL 619 A MLY 620 1_555 ? ? ? ? ? ? ? 1.334 ? ? 
covale11 covale both ? A MLY 47 C ? ? ? 1_555 A GLU 48 N ? ? A MLY 620 A GLU 621 1_555 ? ? ? ? ? ? ? 1.329 ? ? 
covale12 covale both ? A GLY 56 C ? ? ? 1_555 A MLY 57 N ? ? A GLY 629 A MLY 630 1_555 ? ? ? ? ? ? ? 1.327 ? ? 
covale13 covale both ? A MLY 57 C ? ? ? 1_555 A ILE 58 N ? ? A MLY 630 A ILE 631 1_555 ? ? ? ? ? ? ? 1.336 ? ? 
covale14 covale both ? A LEU 83 C ? ? ? 1_555 A MLY 84 N ? ? A LEU 656 A MLY 657 1_555 ? ? ? ? ? ? ? 1.326 ? ? 
covale15 covale both ? A MLY 84 C ? ? ? 1_555 A ARG 85 N ? ? A MLY 657 A ARG 658 1_555 ? ? ? ? ? ? ? 1.317 ? ? 
# 
_struct_conn_type.id          covale 
_struct_conn_type.criteria    ? 
_struct_conn_type.reference   ? 
# 
loop_
_pdbx_modification_feature.ordinal 
_pdbx_modification_feature.label_comp_id 
_pdbx_modification_feature.label_asym_id 
_pdbx_modification_feature.label_seq_id 
_pdbx_modification_feature.label_alt_id 
_pdbx_modification_feature.modified_residue_label_comp_id 
_pdbx_modification_feature.modified_residue_label_asym_id 
_pdbx_modification_feature.modified_residue_label_seq_id 
_pdbx_modification_feature.modified_residue_label_alt_id 
_pdbx_modification_feature.auth_comp_id 
_pdbx_modification_feature.auth_asym_id 
_pdbx_modification_feature.auth_seq_id 
_pdbx_modification_feature.PDB_ins_code 
_pdbx_modification_feature.symmetry 
_pdbx_modification_feature.modified_residue_auth_comp_id 
_pdbx_modification_feature.modified_residue_auth_asym_id 
_pdbx_modification_feature.modified_residue_auth_seq_id 
_pdbx_modification_feature.modified_residue_PDB_ins_code 
_pdbx_modification_feature.modified_residue_symmetry 
_pdbx_modification_feature.comp_id_linking_atom 
_pdbx_modification_feature.modified_residue_id_linking_atom 
_pdbx_modification_feature.modified_residue_id 
_pdbx_modification_feature.ref_pcm_id 
_pdbx_modification_feature.ref_comp_id 
_pdbx_modification_feature.type 
_pdbx_modification_feature.category 
1 MLY A 20 ? . . . . MLY A 593 ? 1_555 . . . . . . . LYS 1 MLY Methylation 'Named protein modification' 
2 MLY A 21 ? . . . . MLY A 594 ? 1_555 . . . . . . . LYS 1 MLY Methylation 'Named protein modification' 
3 MLY A 23 ? . . . . MLY A 596 ? 1_555 . . . . . . . LYS 1 MLY Methylation 'Named protein modification' 
4 MLY A 31 ? . . . . MLY A 604 ? 1_555 . . . . . . . LYS 1 MLY Methylation 'Named protein modification' 
5 MLY A 37 ? . . . . MLY A 610 ? 1_555 . . . . . . . LYS 1 MLY Methylation 'Named protein modification' 
6 MLY A 47 ? . . . . MLY A 620 ? 1_555 . . . . . . . LYS 1 MLY Methylation 'Named protein modification' 
7 MLY A 57 ? . . . . MLY A 630 ? 1_555 . . . . . . . LYS 1 MLY Methylation 'Named protein modification' 
8 MLY A 84 ? . . . . MLY A 657 ? 1_555 . . . . . . . LYS 1 MLY Methylation 'Named protein modification' 
# 
_struct_site.id                   AC1 
_struct_site.pdbx_evidence_code   Software 
_struct_site.pdbx_auth_asym_id    A 
_struct_site.pdbx_auth_comp_id    SO4 
_struct_site.pdbx_auth_seq_id     700 
_struct_site.pdbx_auth_ins_code   ? 
_struct_site.pdbx_num_residues    5 
_struct_site.details              'BINDING SITE FOR RESIDUE SO4 A 700' 
# 
loop_
_struct_site_gen.id 
_struct_site_gen.site_id 
_struct_site_gen.pdbx_num_res 
_struct_site_gen.label_comp_id 
_struct_site_gen.label_asym_id 
_struct_site_gen.label_seq_id 
_struct_site_gen.pdbx_auth_ins_code 
_struct_site_gen.auth_comp_id 
_struct_site_gen.auth_asym_id 
_struct_site_gen.auth_seq_id 
_struct_site_gen.label_atom_id 
_struct_site_gen.label_alt_id 
_struct_site_gen.symmetry 
_struct_site_gen.details 
1 AC1 5 SER A 73 ? SER A 646 . ? 2_655 ? 
2 AC1 5 SER A 73 ? SER A 646 . ? 1_555 ? 
3 AC1 5 SER A 74 ? SER A 647 . ? 2_655 ? 
4 AC1 5 SER A 74 ? SER A 647 . ? 3_665 ? 
5 AC1 5 SER A 74 ? SER A 647 . ? 1_555 ? 
# 
_pdbx_entry_details.entry_id                   2P6V 
_pdbx_entry_details.compound_details           ? 
_pdbx_entry_details.source_details             ? 
_pdbx_entry_details.nonpolymer_details         ? 
_pdbx_entry_details.sequence_details           ? 
_pdbx_entry_details.has_ligand_of_interest     ? 
_pdbx_entry_details.has_protein_modification   Y 
# 
_pdbx_validate_close_contact.id               1 
_pdbx_validate_close_contact.PDB_model_num    1 
_pdbx_validate_close_contact.auth_atom_id_1   O 
_pdbx_validate_close_contact.auth_asym_id_1   A 
_pdbx_validate_close_contact.auth_comp_id_1   HOH 
_pdbx_validate_close_contact.auth_seq_id_1    29 
_pdbx_validate_close_contact.PDB_ins_code_1   ? 
_pdbx_validate_close_contact.label_alt_id_1   ? 
_pdbx_validate_close_contact.auth_atom_id_2   O 
_pdbx_validate_close_contact.auth_asym_id_2   A 
_pdbx_validate_close_contact.auth_comp_id_2   HOH 
_pdbx_validate_close_contact.auth_seq_id_2    38 
_pdbx_validate_close_contact.PDB_ins_code_2   ? 
_pdbx_validate_close_contact.label_alt_id_2   ? 
_pdbx_validate_close_contact.dist             2.09 
# 
_pdbx_validate_symm_contact.id                1 
_pdbx_validate_symm_contact.PDB_model_num     1 
_pdbx_validate_symm_contact.auth_atom_id_1    O 
_pdbx_validate_symm_contact.auth_asym_id_1    A 
_pdbx_validate_symm_contact.auth_comp_id_1    HOH 
_pdbx_validate_symm_contact.auth_seq_id_1     33 
_pdbx_validate_symm_contact.PDB_ins_code_1    ? 
_pdbx_validate_symm_contact.label_alt_id_1    ? 
_pdbx_validate_symm_contact.site_symmetry_1   1_555 
_pdbx_validate_symm_contact.auth_atom_id_2    O 
_pdbx_validate_symm_contact.auth_asym_id_2    A 
_pdbx_validate_symm_contact.auth_comp_id_2    HOH 
_pdbx_validate_symm_contact.auth_seq_id_2     35 
_pdbx_validate_symm_contact.PDB_ins_code_2    ? 
_pdbx_validate_symm_contact.label_alt_id_2    ? 
_pdbx_validate_symm_contact.site_symmetry_2   3_665 
_pdbx_validate_symm_contact.dist              1.99 
# 
_pdbx_validate_rmsd_angle.id                         1 
_pdbx_validate_rmsd_angle.PDB_model_num              1 
_pdbx_validate_rmsd_angle.auth_atom_id_1             CB 
_pdbx_validate_rmsd_angle.auth_asym_id_1             A 
_pdbx_validate_rmsd_angle.auth_comp_id_1             ARG 
_pdbx_validate_rmsd_angle.auth_seq_id_1              642 
_pdbx_validate_rmsd_angle.PDB_ins_code_1             ? 
_pdbx_validate_rmsd_angle.label_alt_id_1             B 
_pdbx_validate_rmsd_angle.auth_atom_id_2             CA 
_pdbx_validate_rmsd_angle.auth_asym_id_2             A 
_pdbx_validate_rmsd_angle.auth_comp_id_2             ARG 
_pdbx_validate_rmsd_angle.auth_seq_id_2              642 
_pdbx_validate_rmsd_angle.PDB_ins_code_2             ? 
_pdbx_validate_rmsd_angle.label_alt_id_2             ? 
_pdbx_validate_rmsd_angle.auth_atom_id_3             C 
_pdbx_validate_rmsd_angle.auth_asym_id_3             A 
_pdbx_validate_rmsd_angle.auth_comp_id_3             ARG 
_pdbx_validate_rmsd_angle.auth_seq_id_3              642 
_pdbx_validate_rmsd_angle.PDB_ins_code_3             ? 
_pdbx_validate_rmsd_angle.label_alt_id_3             ? 
_pdbx_validate_rmsd_angle.angle_value                98.01 
_pdbx_validate_rmsd_angle.angle_target_value         110.40 
_pdbx_validate_rmsd_angle.angle_deviation            -12.39 
_pdbx_validate_rmsd_angle.angle_standard_deviation   2.00 
_pdbx_validate_rmsd_angle.linker_flag                N 
# 
_pdbx_validate_torsion.id              1 
_pdbx_validate_torsion.PDB_model_num   1 
_pdbx_validate_torsion.auth_comp_id    SER 
_pdbx_validate_torsion.auth_asym_id    A 
_pdbx_validate_torsion.auth_seq_id     677 
_pdbx_validate_torsion.PDB_ins_code    ? 
_pdbx_validate_torsion.label_alt_id    ? 
_pdbx_validate_torsion.phi             -77.97 
_pdbx_validate_torsion.psi             35.78 
# 
loop_
_pdbx_struct_mod_residue.id 
_pdbx_struct_mod_residue.label_asym_id 
_pdbx_struct_mod_residue.label_comp_id 
_pdbx_struct_mod_residue.label_seq_id 
_pdbx_struct_mod_residue.auth_asym_id 
_pdbx_struct_mod_residue.auth_comp_id 
_pdbx_struct_mod_residue.auth_seq_id 
_pdbx_struct_mod_residue.PDB_ins_code 
_pdbx_struct_mod_residue.parent_comp_id 
_pdbx_struct_mod_residue.details 
1 A MLY 20 A MLY 593 ? LYS N-DIMETHYL-LYSINE 
2 A MLY 21 A MLY 594 ? LYS N-DIMETHYL-LYSINE 
3 A MLY 23 A MLY 596 ? LYS N-DIMETHYL-LYSINE 
4 A MLY 31 A MLY 604 ? LYS N-DIMETHYL-LYSINE 
5 A MLY 37 A MLY 610 ? LYS N-DIMETHYL-LYSINE 
6 A MLY 47 A MLY 620 ? LYS N-DIMETHYL-LYSINE 
7 A MLY 57 A MLY 630 ? LYS N-DIMETHYL-LYSINE 
8 A MLY 84 A MLY 657 ? LYS N-DIMETHYL-LYSINE 
# 
loop_
_pdbx_struct_special_symmetry.id 
_pdbx_struct_special_symmetry.PDB_model_num 
_pdbx_struct_special_symmetry.auth_asym_id 
_pdbx_struct_special_symmetry.auth_comp_id 
_pdbx_struct_special_symmetry.auth_seq_id 
_pdbx_struct_special_symmetry.PDB_ins_code 
_pdbx_struct_special_symmetry.label_asym_id 
_pdbx_struct_special_symmetry.label_comp_id 
_pdbx_struct_special_symmetry.label_seq_id 
1 1 A SO4 700 ? B SO4 . 
2 1 A HOH 31  ? C HOH . 
# 
loop_
_pdbx_unobs_or_zero_occ_residues.id 
_pdbx_unobs_or_zero_occ_residues.PDB_model_num 
_pdbx_unobs_or_zero_occ_residues.polymer_flag 
_pdbx_unobs_or_zero_occ_residues.occupancy_flag 
_pdbx_unobs_or_zero_occ_residues.auth_asym_id 
_pdbx_unobs_or_zero_occ_residues.auth_comp_id 
_pdbx_unobs_or_zero_occ_residues.auth_seq_id 
_pdbx_unobs_or_zero_occ_residues.PDB_ins_code 
_pdbx_unobs_or_zero_occ_residues.label_asym_id 
_pdbx_unobs_or_zero_occ_residues.label_comp_id 
_pdbx_unobs_or_zero_occ_residues.label_seq_id 
1  1 Y 1 A THR 574 ? A THR 1   
2  1 Y 1 A VAL 575 ? A VAL 2   
3  1 Y 1 A PRO 576 ? A PRO 3   
4  1 Y 1 A GLY 577 ? A GLY 4   
5  1 Y 1 A ALA 578 ? A ALA 5   
6  1 Y 1 A THR 579 ? A THR 6   
7  1 Y 1 A THR 580 ? A THR 7   
8  1 Y 1 A THR 581 ? A THR 8   
9  1 Y 1 A GLN 679 ? A GLN 106 
10 1 Y 1 A GLN 680 ? A GLN 107 
11 1 Y 1 A PRO 681 ? A PRO 108 
12 1 Y 1 A PRO 682 ? A PRO 109 
13 1 Y 1 A PRO 683 ? A PRO 110 
14 1 Y 1 A PRO 684 ? A PRO 111 
15 1 Y 1 A THR 685 ? A THR 112 
16 1 Y 1 A SER 686 ? A SER 113 
17 1 Y 1 A GLN 687 ? A GLN 114 
# 
loop_
_chem_comp_atom.comp_id 
_chem_comp_atom.atom_id 
_chem_comp_atom.type_symbol 
_chem_comp_atom.pdbx_aromatic_flag 
_chem_comp_atom.pdbx_stereo_config 
_chem_comp_atom.pdbx_ordinal 
ALA N    N N N 1   
ALA CA   C N S 2   
ALA C    C N N 3   
ALA O    O N N 4   
ALA CB   C N N 5   
ALA OXT  O N N 6   
ALA H    H N N 7   
ALA H2   H N N 8   
ALA HA   H N N 9   
ALA HB1  H N N 10  
ALA HB2  H N N 11  
ALA HB3  H N N 12  
ALA HXT  H N N 13  
ARG N    N N N 14  
ARG CA   C N S 15  
ARG C    C N N 16  
ARG O    O N N 17  
ARG CB   C N N 18  
ARG CG   C N N 19  
ARG CD   C N N 20  
ARG NE   N N N 21  
ARG CZ   C N N 22  
ARG NH1  N N N 23  
ARG NH2  N N N 24  
ARG OXT  O N N 25  
ARG H    H N N 26  
ARG H2   H N N 27  
ARG HA   H N N 28  
ARG HB2  H N N 29  
ARG HB3  H N N 30  
ARG HG2  H N N 31  
ARG HG3  H N N 32  
ARG HD2  H N N 33  
ARG HD3  H N N 34  
ARG HE   H N N 35  
ARG HH11 H N N 36  
ARG HH12 H N N 37  
ARG HH21 H N N 38  
ARG HH22 H N N 39  
ARG HXT  H N N 40  
ASN N    N N N 41  
ASN CA   C N S 42  
ASN C    C N N 43  
ASN O    O N N 44  
ASN CB   C N N 45  
ASN CG   C N N 46  
ASN OD1  O N N 47  
ASN ND2  N N N 48  
ASN OXT  O N N 49  
ASN H    H N N 50  
ASN H2   H N N 51  
ASN HA   H N N 52  
ASN HB2  H N N 53  
ASN HB3  H N N 54  
ASN HD21 H N N 55  
ASN HD22 H N N 56  
ASN HXT  H N N 57  
ASP N    N N N 58  
ASP CA   C N S 59  
ASP C    C N N 60  
ASP O    O N N 61  
ASP CB   C N N 62  
ASP CG   C N N 63  
ASP OD1  O N N 64  
ASP OD2  O N N 65  
ASP OXT  O N N 66  
ASP H    H N N 67  
ASP H2   H N N 68  
ASP HA   H N N 69  
ASP HB2  H N N 70  
ASP HB3  H N N 71  
ASP HD2  H N N 72  
ASP HXT  H N N 73  
CYS N    N N N 74  
CYS CA   C N R 75  
CYS C    C N N 76  
CYS O    O N N 77  
CYS CB   C N N 78  
CYS SG   S N N 79  
CYS OXT  O N N 80  
CYS H    H N N 81  
CYS H2   H N N 82  
CYS HA   H N N 83  
CYS HB2  H N N 84  
CYS HB3  H N N 85  
CYS HG   H N N 86  
CYS HXT  H N N 87  
GLN N    N N N 88  
GLN CA   C N S 89  
GLN C    C N N 90  
GLN O    O N N 91  
GLN CB   C N N 92  
GLN CG   C N N 93  
GLN CD   C N N 94  
GLN OE1  O N N 95  
GLN NE2  N N N 96  
GLN OXT  O N N 97  
GLN H    H N N 98  
GLN H2   H N N 99  
GLN HA   H N N 100 
GLN HB2  H N N 101 
GLN HB3  H N N 102 
GLN HG2  H N N 103 
GLN HG3  H N N 104 
GLN HE21 H N N 105 
GLN HE22 H N N 106 
GLN HXT  H N N 107 
GLU N    N N N 108 
GLU CA   C N S 109 
GLU C    C N N 110 
GLU O    O N N 111 
GLU CB   C N N 112 
GLU CG   C N N 113 
GLU CD   C N N 114 
GLU OE1  O N N 115 
GLU OE2  O N N 116 
GLU OXT  O N N 117 
GLU H    H N N 118 
GLU H2   H N N 119 
GLU HA   H N N 120 
GLU HB2  H N N 121 
GLU HB3  H N N 122 
GLU HG2  H N N 123 
GLU HG3  H N N 124 
GLU HE2  H N N 125 
GLU HXT  H N N 126 
GLY N    N N N 127 
GLY CA   C N N 128 
GLY C    C N N 129 
GLY O    O N N 130 
GLY OXT  O N N 131 
GLY H    H N N 132 
GLY H2   H N N 133 
GLY HA2  H N N 134 
GLY HA3  H N N 135 
GLY HXT  H N N 136 
HOH O    O N N 137 
HOH H1   H N N 138 
HOH H2   H N N 139 
ILE N    N N N 140 
ILE CA   C N S 141 
ILE C    C N N 142 
ILE O    O N N 143 
ILE CB   C N S 144 
ILE CG1  C N N 145 
ILE CG2  C N N 146 
ILE CD1  C N N 147 
ILE OXT  O N N 148 
ILE H    H N N 149 
ILE H2   H N N 150 
ILE HA   H N N 151 
ILE HB   H N N 152 
ILE HG12 H N N 153 
ILE HG13 H N N 154 
ILE HG21 H N N 155 
ILE HG22 H N N 156 
ILE HG23 H N N 157 
ILE HD11 H N N 158 
ILE HD12 H N N 159 
ILE HD13 H N N 160 
ILE HXT  H N N 161 
LEU N    N N N 162 
LEU CA   C N S 163 
LEU C    C N N 164 
LEU O    O N N 165 
LEU CB   C N N 166 
LEU CG   C N N 167 
LEU CD1  C N N 168 
LEU CD2  C N N 169 
LEU OXT  O N N 170 
LEU H    H N N 171 
LEU H2   H N N 172 
LEU HA   H N N 173 
LEU HB2  H N N 174 
LEU HB3  H N N 175 
LEU HG   H N N 176 
LEU HD11 H N N 177 
LEU HD12 H N N 178 
LEU HD13 H N N 179 
LEU HD21 H N N 180 
LEU HD22 H N N 181 
LEU HD23 H N N 182 
LEU HXT  H N N 183 
LYS N    N N N 184 
LYS CA   C N S 185 
LYS C    C N N 186 
LYS O    O N N 187 
LYS CB   C N N 188 
LYS CG   C N N 189 
LYS CD   C N N 190 
LYS CE   C N N 191 
LYS NZ   N N N 192 
LYS OXT  O N N 193 
LYS H    H N N 194 
LYS H2   H N N 195 
LYS HA   H N N 196 
LYS HB2  H N N 197 
LYS HB3  H N N 198 
LYS HG2  H N N 199 
LYS HG3  H N N 200 
LYS HD2  H N N 201 
LYS HD3  H N N 202 
LYS HE2  H N N 203 
LYS HE3  H N N 204 
LYS HZ1  H N N 205 
LYS HZ2  H N N 206 
LYS HZ3  H N N 207 
LYS HXT  H N N 208 
MET N    N N N 209 
MET CA   C N S 210 
MET C    C N N 211 
MET O    O N N 212 
MET CB   C N N 213 
MET CG   C N N 214 
MET SD   S N N 215 
MET CE   C N N 216 
MET OXT  O N N 217 
MET H    H N N 218 
MET H2   H N N 219 
MET HA   H N N 220 
MET HB2  H N N 221 
MET HB3  H N N 222 
MET HG2  H N N 223 
MET HG3  H N N 224 
MET HE1  H N N 225 
MET HE2  H N N 226 
MET HE3  H N N 227 
MET HXT  H N N 228 
MLY N    N N N 229 
MLY CA   C N S 230 
MLY CB   C N N 231 
MLY CG   C N N 232 
MLY CD   C N N 233 
MLY CE   C N N 234 
MLY NZ   N N N 235 
MLY CH1  C N N 236 
MLY CH2  C N N 237 
MLY C    C N N 238 
MLY O    O N N 239 
MLY OXT  O N N 240 
MLY H    H N N 241 
MLY H2   H N N 242 
MLY HA   H N N 243 
MLY HB2  H N N 244 
MLY HB3  H N N 245 
MLY HG2  H N N 246 
MLY HG3  H N N 247 
MLY HD2  H N N 248 
MLY HD3  H N N 249 
MLY HE2  H N N 250 
MLY HE3  H N N 251 
MLY HH11 H N N 252 
MLY HH12 H N N 253 
MLY HH13 H N N 254 
MLY HH21 H N N 255 
MLY HH22 H N N 256 
MLY HH23 H N N 257 
MLY HXT  H N N 258 
PHE N    N N N 259 
PHE CA   C N S 260 
PHE C    C N N 261 
PHE O    O N N 262 
PHE CB   C N N 263 
PHE CG   C Y N 264 
PHE CD1  C Y N 265 
PHE CD2  C Y N 266 
PHE CE1  C Y N 267 
PHE CE2  C Y N 268 
PHE CZ   C Y N 269 
PHE OXT  O N N 270 
PHE H    H N N 271 
PHE H2   H N N 272 
PHE HA   H N N 273 
PHE HB2  H N N 274 
PHE HB3  H N N 275 
PHE HD1  H N N 276 
PHE HD2  H N N 277 
PHE HE1  H N N 278 
PHE HE2  H N N 279 
PHE HZ   H N N 280 
PHE HXT  H N N 281 
PRO N    N N N 282 
PRO CA   C N S 283 
PRO C    C N N 284 
PRO O    O N N 285 
PRO CB   C N N 286 
PRO CG   C N N 287 
PRO CD   C N N 288 
PRO OXT  O N N 289 
PRO H    H N N 290 
PRO HA   H N N 291 
PRO HB2  H N N 292 
PRO HB3  H N N 293 
PRO HG2  H N N 294 
PRO HG3  H N N 295 
PRO HD2  H N N 296 
PRO HD3  H N N 297 
PRO HXT  H N N 298 
SER N    N N N 299 
SER CA   C N S 300 
SER C    C N N 301 
SER O    O N N 302 
SER CB   C N N 303 
SER OG   O N N 304 
SER OXT  O N N 305 
SER H    H N N 306 
SER H2   H N N 307 
SER HA   H N N 308 
SER HB2  H N N 309 
SER HB3  H N N 310 
SER HG   H N N 311 
SER HXT  H N N 312 
SO4 S    S N N 313 
SO4 O1   O N N 314 
SO4 O2   O N N 315 
SO4 O3   O N N 316 
SO4 O4   O N N 317 
THR N    N N N 318 
THR CA   C N S 319 
THR C    C N N 320 
THR O    O N N 321 
THR CB   C N R 322 
THR OG1  O N N 323 
THR CG2  C N N 324 
THR OXT  O N N 325 
THR H    H N N 326 
THR H2   H N N 327 
THR HA   H N N 328 
THR HB   H N N 329 
THR HG1  H N N 330 
THR HG21 H N N 331 
THR HG22 H N N 332 
THR HG23 H N N 333 
THR HXT  H N N 334 
TYR N    N N N 335 
TYR CA   C N S 336 
TYR C    C N N 337 
TYR O    O N N 338 
TYR CB   C N N 339 
TYR CG   C Y N 340 
TYR CD1  C Y N 341 
TYR CD2  C Y N 342 
TYR CE1  C Y N 343 
TYR CE2  C Y N 344 
TYR CZ   C Y N 345 
TYR OH   O N N 346 
TYR OXT  O N N 347 
TYR H    H N N 348 
TYR H2   H N N 349 
TYR HA   H N N 350 
TYR HB2  H N N 351 
TYR HB3  H N N 352 
TYR HD1  H N N 353 
TYR HD2  H N N 354 
TYR HE1  H N N 355 
TYR HE2  H N N 356 
TYR HH   H N N 357 
TYR HXT  H N N 358 
VAL N    N N N 359 
VAL CA   C N S 360 
VAL C    C N N 361 
VAL O    O N N 362 
VAL CB   C N N 363 
VAL CG1  C N N 364 
VAL CG2  C N N 365 
VAL OXT  O N N 366 
VAL H    H N N 367 
VAL H2   H N N 368 
VAL HA   H N N 369 
VAL HB   H N N 370 
VAL HG11 H N N 371 
VAL HG12 H N N 372 
VAL HG13 H N N 373 
VAL HG21 H N N 374 
VAL HG22 H N N 375 
VAL HG23 H N N 376 
VAL HXT  H N N 377 
# 
loop_
_chem_comp_bond.comp_id 
_chem_comp_bond.atom_id_1 
_chem_comp_bond.atom_id_2 
_chem_comp_bond.value_order 
_chem_comp_bond.pdbx_aromatic_flag 
_chem_comp_bond.pdbx_stereo_config 
_chem_comp_bond.pdbx_ordinal 
ALA N   CA   sing N N 1   
ALA N   H    sing N N 2   
ALA N   H2   sing N N 3   
ALA CA  C    sing N N 4   
ALA CA  CB   sing N N 5   
ALA CA  HA   sing N N 6   
ALA C   O    doub N N 7   
ALA C   OXT  sing N N 8   
ALA CB  HB1  sing N N 9   
ALA CB  HB2  sing N N 10  
ALA CB  HB3  sing N N 11  
ALA OXT HXT  sing N N 12  
ARG N   CA   sing N N 13  
ARG N   H    sing N N 14  
ARG N   H2   sing N N 15  
ARG CA  C    sing N N 16  
ARG CA  CB   sing N N 17  
ARG CA  HA   sing N N 18  
ARG C   O    doub N N 19  
ARG C   OXT  sing N N 20  
ARG CB  CG   sing N N 21  
ARG CB  HB2  sing N N 22  
ARG CB  HB3  sing N N 23  
ARG CG  CD   sing N N 24  
ARG CG  HG2  sing N N 25  
ARG CG  HG3  sing N N 26  
ARG CD  NE   sing N N 27  
ARG CD  HD2  sing N N 28  
ARG CD  HD3  sing N N 29  
ARG NE  CZ   sing N N 30  
ARG NE  HE   sing N N 31  
ARG CZ  NH1  sing N N 32  
ARG CZ  NH2  doub N N 33  
ARG NH1 HH11 sing N N 34  
ARG NH1 HH12 sing N N 35  
ARG NH2 HH21 sing N N 36  
ARG NH2 HH22 sing N N 37  
ARG OXT HXT  sing N N 38  
ASN N   CA   sing N N 39  
ASN N   H    sing N N 40  
ASN N   H2   sing N N 41  
ASN CA  C    sing N N 42  
ASN CA  CB   sing N N 43  
ASN CA  HA   sing N N 44  
ASN C   O    doub N N 45  
ASN C   OXT  sing N N 46  
ASN CB  CG   sing N N 47  
ASN CB  HB2  sing N N 48  
ASN CB  HB3  sing N N 49  
ASN CG  OD1  doub N N 50  
ASN CG  ND2  sing N N 51  
ASN ND2 HD21 sing N N 52  
ASN ND2 HD22 sing N N 53  
ASN OXT HXT  sing N N 54  
ASP N   CA   sing N N 55  
ASP N   H    sing N N 56  
ASP N   H2   sing N N 57  
ASP CA  C    sing N N 58  
ASP CA  CB   sing N N 59  
ASP CA  HA   sing N N 60  
ASP C   O    doub N N 61  
ASP C   OXT  sing N N 62  
ASP CB  CG   sing N N 63  
ASP CB  HB2  sing N N 64  
ASP CB  HB3  sing N N 65  
ASP CG  OD1  doub N N 66  
ASP CG  OD2  sing N N 67  
ASP OD2 HD2  sing N N 68  
ASP OXT HXT  sing N N 69  
CYS N   CA   sing N N 70  
CYS N   H    sing N N 71  
CYS N   H2   sing N N 72  
CYS CA  C    sing N N 73  
CYS CA  CB   sing N N 74  
CYS CA  HA   sing N N 75  
CYS C   O    doub N N 76  
CYS C   OXT  sing N N 77  
CYS CB  SG   sing N N 78  
CYS CB  HB2  sing N N 79  
CYS CB  HB3  sing N N 80  
CYS SG  HG   sing N N 81  
CYS OXT HXT  sing N N 82  
GLN N   CA   sing N N 83  
GLN N   H    sing N N 84  
GLN N   H2   sing N N 85  
GLN CA  C    sing N N 86  
GLN CA  CB   sing N N 87  
GLN CA  HA   sing N N 88  
GLN C   O    doub N N 89  
GLN C   OXT  sing N N 90  
GLN CB  CG   sing N N 91  
GLN CB  HB2  sing N N 92  
GLN CB  HB3  sing N N 93  
GLN CG  CD   sing N N 94  
GLN CG  HG2  sing N N 95  
GLN CG  HG3  sing N N 96  
GLN CD  OE1  doub N N 97  
GLN CD  NE2  sing N N 98  
GLN NE2 HE21 sing N N 99  
GLN NE2 HE22 sing N N 100 
GLN OXT HXT  sing N N 101 
GLU N   CA   sing N N 102 
GLU N   H    sing N N 103 
GLU N   H2   sing N N 104 
GLU CA  C    sing N N 105 
GLU CA  CB   sing N N 106 
GLU CA  HA   sing N N 107 
GLU C   O    doub N N 108 
GLU C   OXT  sing N N 109 
GLU CB  CG   sing N N 110 
GLU CB  HB2  sing N N 111 
GLU CB  HB3  sing N N 112 
GLU CG  CD   sing N N 113 
GLU CG  HG2  sing N N 114 
GLU CG  HG3  sing N N 115 
GLU CD  OE1  doub N N 116 
GLU CD  OE2  sing N N 117 
GLU OE2 HE2  sing N N 118 
GLU OXT HXT  sing N N 119 
GLY N   CA   sing N N 120 
GLY N   H    sing N N 121 
GLY N   H2   sing N N 122 
GLY CA  C    sing N N 123 
GLY CA  HA2  sing N N 124 
GLY CA  HA3  sing N N 125 
GLY C   O    doub N N 126 
GLY C   OXT  sing N N 127 
GLY OXT HXT  sing N N 128 
HOH O   H1   sing N N 129 
HOH O   H2   sing N N 130 
ILE N   CA   sing N N 131 
ILE N   H    sing N N 132 
ILE N   H2   sing N N 133 
ILE CA  C    sing N N 134 
ILE CA  CB   sing N N 135 
ILE CA  HA   sing N N 136 
ILE C   O    doub N N 137 
ILE C   OXT  sing N N 138 
ILE CB  CG1  sing N N 139 
ILE CB  CG2  sing N N 140 
ILE CB  HB   sing N N 141 
ILE CG1 CD1  sing N N 142 
ILE CG1 HG12 sing N N 143 
ILE CG1 HG13 sing N N 144 
ILE CG2 HG21 sing N N 145 
ILE CG2 HG22 sing N N 146 
ILE CG2 HG23 sing N N 147 
ILE CD1 HD11 sing N N 148 
ILE CD1 HD12 sing N N 149 
ILE CD1 HD13 sing N N 150 
ILE OXT HXT  sing N N 151 
LEU N   CA   sing N N 152 
LEU N   H    sing N N 153 
LEU N   H2   sing N N 154 
LEU CA  C    sing N N 155 
LEU CA  CB   sing N N 156 
LEU CA  HA   sing N N 157 
LEU C   O    doub N N 158 
LEU C   OXT  sing N N 159 
LEU CB  CG   sing N N 160 
LEU CB  HB2  sing N N 161 
LEU CB  HB3  sing N N 162 
LEU CG  CD1  sing N N 163 
LEU CG  CD2  sing N N 164 
LEU CG  HG   sing N N 165 
LEU CD1 HD11 sing N N 166 
LEU CD1 HD12 sing N N 167 
LEU CD1 HD13 sing N N 168 
LEU CD2 HD21 sing N N 169 
LEU CD2 HD22 sing N N 170 
LEU CD2 HD23 sing N N 171 
LEU OXT HXT  sing N N 172 
LYS N   CA   sing N N 173 
LYS N   H    sing N N 174 
LYS N   H2   sing N N 175 
LYS CA  C    sing N N 176 
LYS CA  CB   sing N N 177 
LYS CA  HA   sing N N 178 
LYS C   O    doub N N 179 
LYS C   OXT  sing N N 180 
LYS CB  CG   sing N N 181 
LYS CB  HB2  sing N N 182 
LYS CB  HB3  sing N N 183 
LYS CG  CD   sing N N 184 
LYS CG  HG2  sing N N 185 
LYS CG  HG3  sing N N 186 
LYS CD  CE   sing N N 187 
LYS CD  HD2  sing N N 188 
LYS CD  HD3  sing N N 189 
LYS CE  NZ   sing N N 190 
LYS CE  HE2  sing N N 191 
LYS CE  HE3  sing N N 192 
LYS NZ  HZ1  sing N N 193 
LYS NZ  HZ2  sing N N 194 
LYS NZ  HZ3  sing N N 195 
LYS OXT HXT  sing N N 196 
MET N   CA   sing N N 197 
MET N   H    sing N N 198 
MET N   H2   sing N N 199 
MET CA  C    sing N N 200 
MET CA  CB   sing N N 201 
MET CA  HA   sing N N 202 
MET C   O    doub N N 203 
MET C   OXT  sing N N 204 
MET CB  CG   sing N N 205 
MET CB  HB2  sing N N 206 
MET CB  HB3  sing N N 207 
MET CG  SD   sing N N 208 
MET CG  HG2  sing N N 209 
MET CG  HG3  sing N N 210 
MET SD  CE   sing N N 211 
MET CE  HE1  sing N N 212 
MET CE  HE2  sing N N 213 
MET CE  HE3  sing N N 214 
MET OXT HXT  sing N N 215 
MLY N   CA   sing N N 216 
MLY N   H    sing N N 217 
MLY N   H2   sing N N 218 
MLY CA  CB   sing N N 219 
MLY CA  C    sing N N 220 
MLY CA  HA   sing N N 221 
MLY CB  CG   sing N N 222 
MLY CB  HB2  sing N N 223 
MLY CB  HB3  sing N N 224 
MLY CG  CD   sing N N 225 
MLY CG  HG2  sing N N 226 
MLY CG  HG3  sing N N 227 
MLY CD  CE   sing N N 228 
MLY CD  HD2  sing N N 229 
MLY CD  HD3  sing N N 230 
MLY CE  NZ   sing N N 231 
MLY CE  HE2  sing N N 232 
MLY CE  HE3  sing N N 233 
MLY NZ  CH1  sing N N 234 
MLY NZ  CH2  sing N N 235 
MLY CH1 HH11 sing N N 236 
MLY CH1 HH12 sing N N 237 
MLY CH1 HH13 sing N N 238 
MLY CH2 HH21 sing N N 239 
MLY CH2 HH22 sing N N 240 
MLY CH2 HH23 sing N N 241 
MLY C   O    doub N N 242 
MLY C   OXT  sing N N 243 
MLY OXT HXT  sing N N 244 
PHE N   CA   sing N N 245 
PHE N   H    sing N N 246 
PHE N   H2   sing N N 247 
PHE CA  C    sing N N 248 
PHE CA  CB   sing N N 249 
PHE CA  HA   sing N N 250 
PHE C   O    doub N N 251 
PHE C   OXT  sing N N 252 
PHE CB  CG   sing N N 253 
PHE CB  HB2  sing N N 254 
PHE CB  HB3  sing N N 255 
PHE CG  CD1  doub Y N 256 
PHE CG  CD2  sing Y N 257 
PHE CD1 CE1  sing Y N 258 
PHE CD1 HD1  sing N N 259 
PHE CD2 CE2  doub Y N 260 
PHE CD2 HD2  sing N N 261 
PHE CE1 CZ   doub Y N 262 
PHE CE1 HE1  sing N N 263 
PHE CE2 CZ   sing Y N 264 
PHE CE2 HE2  sing N N 265 
PHE CZ  HZ   sing N N 266 
PHE OXT HXT  sing N N 267 
PRO N   CA   sing N N 268 
PRO N   CD   sing N N 269 
PRO N   H    sing N N 270 
PRO CA  C    sing N N 271 
PRO CA  CB   sing N N 272 
PRO CA  HA   sing N N 273 
PRO C   O    doub N N 274 
PRO C   OXT  sing N N 275 
PRO CB  CG   sing N N 276 
PRO CB  HB2  sing N N 277 
PRO CB  HB3  sing N N 278 
PRO CG  CD   sing N N 279 
PRO CG  HG2  sing N N 280 
PRO CG  HG3  sing N N 281 
PRO CD  HD2  sing N N 282 
PRO CD  HD3  sing N N 283 
PRO OXT HXT  sing N N 284 
SER N   CA   sing N N 285 
SER N   H    sing N N 286 
SER N   H2   sing N N 287 
SER CA  C    sing N N 288 
SER CA  CB   sing N N 289 
SER CA  HA   sing N N 290 
SER C   O    doub N N 291 
SER C   OXT  sing N N 292 
SER CB  OG   sing N N 293 
SER CB  HB2  sing N N 294 
SER CB  HB3  sing N N 295 
SER OG  HG   sing N N 296 
SER OXT HXT  sing N N 297 
SO4 S   O1   doub N N 298 
SO4 S   O2   doub N N 299 
SO4 S   O3   sing N N 300 
SO4 S   O4   sing N N 301 
THR N   CA   sing N N 302 
THR N   H    sing N N 303 
THR N   H2   sing N N 304 
THR CA  C    sing N N 305 
THR CA  CB   sing N N 306 
THR CA  HA   sing N N 307 
THR C   O    doub N N 308 
THR C   OXT  sing N N 309 
THR CB  OG1  sing N N 310 
THR CB  CG2  sing N N 311 
THR CB  HB   sing N N 312 
THR OG1 HG1  sing N N 313 
THR CG2 HG21 sing N N 314 
THR CG2 HG22 sing N N 315 
THR CG2 HG23 sing N N 316 
THR OXT HXT  sing N N 317 
TYR N   CA   sing N N 318 
TYR N   H    sing N N 319 
TYR N   H2   sing N N 320 
TYR CA  C    sing N N 321 
TYR CA  CB   sing N N 322 
TYR CA  HA   sing N N 323 
TYR C   O    doub N N 324 
TYR C   OXT  sing N N 325 
TYR CB  CG   sing N N 326 
TYR CB  HB2  sing N N 327 
TYR CB  HB3  sing N N 328 
TYR CG  CD1  doub Y N 329 
TYR CG  CD2  sing Y N 330 
TYR CD1 CE1  sing Y N 331 
TYR CD1 HD1  sing N N 332 
TYR CD2 CE2  doub Y N 333 
TYR CD2 HD2  sing N N 334 
TYR CE1 CZ   doub Y N 335 
TYR CE1 HE1  sing N N 336 
TYR CE2 CZ   sing Y N 337 
TYR CE2 HE2  sing N N 338 
TYR CZ  OH   sing N N 339 
TYR OH  HH   sing N N 340 
TYR OXT HXT  sing N N 341 
VAL N   CA   sing N N 342 
VAL N   H    sing N N 343 
VAL N   H2   sing N N 344 
VAL CA  C    sing N N 345 
VAL CA  CB   sing N N 346 
VAL CA  HA   sing N N 347 
VAL C   O    doub N N 348 
VAL C   OXT  sing N N 349 
VAL CB  CG1  sing N N 350 
VAL CB  CG2  sing N N 351 
VAL CB  HB   sing N N 352 
VAL CG1 HG11 sing N N 353 
VAL CG1 HG12 sing N N 354 
VAL CG1 HG13 sing N N 355 
VAL CG2 HG21 sing N N 356 
VAL CG2 HG22 sing N N 357 
VAL CG2 HG23 sing N N 358 
VAL OXT HXT  sing N N 359 
# 
_atom_sites.entry_id                    2P6V 
_atom_sites.fract_transf_matrix[1][1]   -0.01004143 
_atom_sites.fract_transf_matrix[1][2]   0.00218398 
_atom_sites.fract_transf_matrix[1][3]   -0.01150565 
_atom_sites.fract_transf_matrix[2][1]   0.00511590 
_atom_sites.fract_transf_matrix[2][2]   0.00314920 
_atom_sites.fract_transf_matrix[2][3]   -0.01420815 
_atom_sites.fract_transf_matrix[3][1]   0.00019158 
_atom_sites.fract_transf_matrix[3][2]   -0.00742013 
_atom_sites.fract_transf_matrix[3][3]   -0.00157567 
_atom_sites.fract_transf_vector[1]      0.616134 
_atom_sites.fract_transf_vector[2]      0.125144 
_atom_sites.fract_transf_vector[3]      0.899511 
# 
loop_
_atom_type.symbol 
C 
N 
O 
S 
# 
loop_
_atom_site.group_PDB 
_atom_site.id 
_atom_site.type_symbol 
_atom_site.label_atom_id 
_atom_site.label_alt_id 
_atom_site.label_comp_id 
_atom_site.label_asym_id 
_atom_site.label_entity_id 
_atom_site.label_seq_id 
_atom_site.pdbx_PDB_ins_code 
_atom_site.Cartn_x 
_atom_site.Cartn_y 
_atom_site.Cartn_z 
_atom_site.occupancy 
_atom_site.B_iso_or_equiv 
_atom_site.pdbx_formal_charge 
_atom_site.auth_seq_id 
_atom_site.auth_comp_id 
_atom_site.auth_asym_id 
_atom_site.auth_atom_id 
_atom_site.pdbx_PDB_model_num 
ATOM   1   N N   . SER A 1 9   ? 10.400  -19.795 -4.465  1.00 80.75  ? 582 SER A N   1 
ATOM   2   C CA  . SER A 1 9   ? 10.400  -21.007 -5.360  1.00 96.34  ? 582 SER A CA  1 
ATOM   3   C C   . SER A 1 9   ? 9.091   -21.841 -5.442  1.00 97.54  ? 582 SER A C   1 
ATOM   4   O O   . SER A 1 9   ? 8.526   -21.989 -6.535  1.00 88.75  ? 582 SER A O   1 
ATOM   5   C CB  . SER A 1 9   ? 11.586  -21.909 -5.015  1.00 108.60 ? 582 SER A CB  1 
ATOM   6   O OG  . SER A 1 9   ? 12.106  -22.463 -6.214  1.00 90.40  ? 582 SER A OG  1 
ATOM   7   N N   . SER A 1 10  ? 8.592   -22.398 -4.336  1.00 89.47  ? 583 SER A N   1 
ATOM   8   C CA  . SER A 1 10  ? 7.241   -22.997 -4.349  1.00 56.00  ? 583 SER A CA  1 
ATOM   9   C C   . SER A 1 10  ? 6.231   -21.869 -4.505  1.00 55.20  ? 583 SER A C   1 
ATOM   10  O O   . SER A 1 10  ? 6.553   -20.742 -4.147  1.00 54.22  ? 583 SER A O   1 
ATOM   11  C CB  . SER A 1 10  ? 6.961   -23.764 -3.047  1.00 85.96  ? 583 SER A CB  1 
ATOM   12  O OG  . SER A 1 10  ? 6.881   -22.939 -1.888  1.00 60.56  ? 583 SER A OG  1 
ATOM   13  N N   . ALA A 1 11  ? 5.034   -22.141 -5.020  1.00 46.90  ? 584 ALA A N   1 
ATOM   14  C CA  . ALA A 1 11  ? 3.906   -21.197 -4.950  1.00 62.81  ? 584 ALA A CA  1 
ATOM   15  C C   . ALA A 1 11  ? 3.698   -20.556 -3.561  1.00 84.93  ? 584 ALA A C   1 
ATOM   16  O O   . ALA A 1 11  ? 3.413   -19.359 -3.457  1.00 60.01  ? 584 ALA A O   1 
ATOM   17  C CB  . ALA A 1 11  ? 2.612   -21.894 -5.376  1.00 64.30  ? 584 ALA A CB  1 
ATOM   18  N N   . ALA A 1 12  ? 3.842   -21.350 -2.499  1.00 59.96  ? 585 ALA A N   1 
ATOM   19  C CA  . ALA A 1 12  ? 3.628   -20.884 -1.132  1.00 63.39  ? 585 ALA A CA  1 
ATOM   20  C C   . ALA A 1 12  ? 4.746   -19.922 -0.779  1.00 62.97  ? 585 ALA A C   1 
ATOM   21  O O   . ALA A 1 12  ? 4.494   -18.878 -0.195  1.00 55.20  ? 585 ALA A O   1 
ATOM   22  C CB  . ALA A 1 12  ? 3.603   -22.054 -0.130  1.00 65.84  ? 585 ALA A CB  1 
ATOM   23  N N   . THR A 1 13  ? 5.981   -20.286 -1.122  1.00 49.45  ? 586 THR A N   1 
ATOM   24  C CA  . THR A 1 13  ? 7.095   -19.420 -0.842  1.00 47.04  ? 586 THR A CA  1 
ATOM   25  C C   . THR A 1 13  ? 6.928   -18.129 -1.650  1.00 63.01  ? 586 THR A C   1 
ATOM   26  O O   . THR A 1 13  ? 7.200   -17.058 -1.132  1.00 51.17  ? 586 THR A O   1 
ATOM   27  C CB  . THR A 1 13  ? 8.447   -20.040 -1.302  1.00 76.55  ? 586 THR A CB  1 
ATOM   28  O OG1 . THR A 1 13  ? 8.721   -21.244 -0.584  1.00 67.32  ? 586 THR A OG1 1 
ATOM   29  C CG2 . THR A 1 13  ? 9.609   -19.066 -1.059  1.00 73.74  ? 586 THR A CG2 1 
ATOM   30  N N   . GLU A 1 14  ? 6.522   -18.223 -2.917  1.00 46.66  ? 587 GLU A N   1 
ATOM   31  C CA  . GLU A 1 14  ? 6.303   -17.017 -3.715  1.00 62.67  ? 587 GLU A CA  1 
ATOM   32  C C   . GLU A 1 14  ? 5.249   -16.149 -3.040  1.00 55.23  ? 587 GLU A C   1 
ATOM   33  O O   . GLU A 1 14  ? 5.453   -14.942 -2.924  1.00 47.89  ? 587 GLU A O   1 
ATOM   34  C CB  . GLU A 1 14  ? 5.860   -17.299 -5.161  1.00 45.54  ? 587 GLU A CB  1 
ATOM   35  C CG  . GLU A 1 14  ? 7.017   -17.497 -6.139  1.00 103.58 ? 587 GLU A CG  1 
ATOM   36  C CD  . GLU A 1 14  ? 6.658   -18.446 -7.288  1.00 103.71 ? 587 GLU A CD  1 
ATOM   37  O OE1 . GLU A 1 14  ? 5.558   -18.300 -7.867  1.00 114.58 ? 587 GLU A OE1 1 
ATOM   38  O OE2 . GLU A 1 14  ? 7.470   -19.344 -7.617  1.00 115.03 ? 587 GLU A OE2 1 
ATOM   39  N N   . THR A 1 15  ? 4.126   -16.742 -2.642  1.00 44.83  ? 588 THR A N   1 
ATOM   40  C CA  . THR A 1 15  ? 3.063   -15.955 -1.988  1.00 41.43  ? 588 THR A CA  1 
ATOM   41  C C   . THR A 1 15  ? 3.573   -15.178 -0.790  1.00 51.93  ? 588 THR A C   1 
ATOM   42  O O   . THR A 1 15  ? 3.282   -14.003 -0.635  1.00 46.69  ? 588 THR A O   1 
ATOM   43  C CB  . THR A 1 15  ? 1.890   -16.830 -1.563  1.00 48.09  ? 588 THR A CB  1 
ATOM   44  O OG1 . THR A 1 15  ? 1.436   -17.536 -2.716  1.00 49.05  ? 588 THR A OG1 1 
ATOM   45  C CG2 . THR A 1 15  ? 0.704   -16.010 -1.078  1.00 48.35  ? 588 THR A CG2 1 
ATOM   46  N N   . MET A 1 16  ? 4.368   -15.817 0.047   1.00 43.36  ? 589 MET A N   1 
ATOM   47  C CA  . MET A 1 16  ? 4.815   -15.184 1.287   1.00 43.63  ? 589 MET A CA  1 
ATOM   48  C C   . MET A 1 16  ? 5.774   -14.074 0.945   1.00 42.44  ? 589 MET A C   1 
ATOM   49  O O   . MET A 1 16  ? 5.774   -13.027 1.569   1.00 41.10  ? 589 MET A O   1 
ATOM   50  C CB  . MET A 1 16  ? 5.515   -16.178 2.226   1.00 47.89  ? 589 MET A CB  1 
ATOM   51  C CG  . MET A 1 16  ? 5.864   -15.584 3.607   1.00 69.97  ? 589 MET A CG  1 
ATOM   52  S SD  . MET A 1 16  ? 4.488   -14.897 4.608   1.00 63.24  ? 589 MET A SD  1 
ATOM   53  C CE  . MET A 1 16  ? 3.637   -16.437 4.956   1.00 93.04  ? 589 MET A CE  1 
ATOM   54  N N   . GLU A 1 17  ? 6.595   -14.283 -0.064  1.00 44.06  ? 590 GLU A N   1 
ATOM   55  C CA  . GLU A 1 17  ? 7.503   -13.232 -0.431  1.00 42.58  ? 590 GLU A CA  1 
ATOM   56  C C   . GLU A 1 17  ? 6.748   -12.018 -1.023  1.00 33.46  ? 590 GLU A C   1 
ATOM   57  O O   . GLU A 1 17  ? 7.146   -10.874 -0.810  1.00 38.61  ? 590 GLU A O   1 
ATOM   58  C CB  . GLU A 1 17  ? 8.513   -13.715 -1.489  1.00 72.68  ? 590 GLU A CB  1 
ATOM   59  C CG  . GLU A 1 17  ? 9.629   -14.659 -1.041  1.00 68.44  ? 590 GLU A CG  1 
ATOM   60  C CD  . GLU A 1 17  ? 10.415  -15.296 -2.237  1.00 111.86 ? 590 GLU A CD  1 
ATOM   61  O OE1 . GLU A 1 17  ? 9.996   -15.268 -3.440  1.00 74.76  ? 590 GLU A OE1 1 
ATOM   62  O OE2 . GLU A 1 17  ? 11.509  -15.856 -1.962  1.00 83.66  ? 590 GLU A OE2 1 
ATOM   63  N N   . ASN A 1 18  ? 5.705   -12.276 -1.804  1.00 39.54  ? 591 ASN A N   1 
ATOM   64  C CA  . ASN A 1 18  ? 4.932   -11.177 -2.316  1.00 36.30  ? 591 ASN A CA  1 
ATOM   65  C C   . ASN A 1 18  ? 4.291   -10.378 -1.189  1.00 41.52  ? 591 ASN A C   1 
ATOM   66  O O   . ASN A 1 18  ? 4.175   -9.153  -1.225  1.00 36.49  ? 591 ASN A O   1 
ATOM   67  C CB  . ASN A 1 18  ? 3.916   -11.765 -3.298  1.00 36.37  ? 591 ASN A CB  1 
ATOM   68  C CG  . ASN A 1 18  ? 4.500   -11.895 -4.734  1.00 55.14  ? 591 ASN A CG  1 
ATOM   69  O OD1 . ASN A 1 18  ? 5.414   -11.172 -5.110  1.00 45.46  ? 591 ASN A OD1 1 
ATOM   70  N ND2 . ASN A 1 18  ? 3.932   -12.765 -5.539  1.00 45.64  ? 591 ASN A ND2 1 
ATOM   71  N N   . VAL A 1 19  ? 3.793   -11.084 -0.178  1.00 41.60  ? 592 VAL A N   1 
ATOM   72  C CA  . VAL A 1 19  ? 3.201   -10.384 0.939   1.00 38.72  ? 592 VAL A CA  1 
ATOM   73  C C   . VAL A 1 19  ? 4.202   -9.476  1.637   1.00 35.88  ? 592 VAL A C   1 
ATOM   74  O O   . VAL A 1 19  ? 3.919   -8.336  1.980   1.00 37.27  ? 592 VAL A O   1 
ATOM   75  C CB  . VAL A 1 19  ? 2.595   -11.401 1.937   1.00 45.93  ? 592 VAL A CB  1 
ATOM   76  C CG1 . VAL A 1 19  ? 2.382   -10.780 3.310   1.00 49.33  ? 592 VAL A CG1 1 
ATOM   77  C CG2 . VAL A 1 19  ? 1.255   -11.909 1.371   1.00 41.87  ? 592 VAL A CG2 1 
HETATM 78  N N   . MLY A 1 20  ? 5.390   -9.979  1.945   1.00 35.40  ? 593 MLY A N   1 
HETATM 79  C CA  . MLY A 1 20  ? 6.385   -9.148  2.563   1.00 42.46  ? 593 MLY A CA  1 
HETATM 80  C CB  . MLY A 1 20  ? 7.623   -10.020 2.809   1.00 46.99  ? 593 MLY A CB  1 
HETATM 81  C CG  . MLY A 1 20  ? 7.336   -11.076 3.895   1.00 79.68  ? 593 MLY A CG  1 
HETATM 82  C CD  . MLY A 1 20  ? 8.604   -11.617 4.567   1.00 94.82  ? 593 MLY A CD  1 
HETATM 83  C CE  . MLY A 1 20  ? 8.371   -12.838 5.476   1.00 93.49  ? 593 MLY A CE  1 
HETATM 84  N NZ  . MLY A 1 20  ? 9.349   -13.920 5.217   1.00 105.54 ? 593 MLY A NZ  1 
HETATM 85  C CH1 . MLY A 1 20  ? 9.182   -15.004 6.210   1.00 89.37  ? 593 MLY A CH1 1 
HETATM 86  C CH2 . MLY A 1 20  ? 9.254   -14.446 3.831   1.00 86.16  ? 593 MLY A CH2 1 
HETATM 87  C C   . MLY A 1 20  ? 6.772   -7.971  1.700   1.00 34.15  ? 593 MLY A C   1 
HETATM 88  O O   . MLY A 1 20  ? 6.920   -6.841  2.188   1.00 37.22  ? 593 MLY A O   1 
HETATM 89  N N   . MLY A 1 21  ? 6.976   -8.214  0.412   1.00 44.85  ? 594 MLY A N   1 
HETATM 90  C CA  . MLY A 1 21  ? 7.228   -7.068  -0.464  1.00 38.69  ? 594 MLY A CA  1 
HETATM 91  C CB  . MLY A 1 21  ? 7.460   -7.539  -1.890  1.00 38.05  ? 594 MLY A CB  1 
HETATM 92  C CG  . MLY A 1 21  ? 8.885   -8.113  -1.926  1.00 45.19  ? 594 MLY A CG  1 
HETATM 93  C CD  . MLY A 1 21  ? 9.217   -8.478  -3.377  1.00 53.72  ? 594 MLY A CD  1 
HETATM 94  C CE  . MLY A 1 21  ? 8.672   -9.831  -3.773  1.00 57.00  ? 594 MLY A CE  1 
HETATM 95  N NZ  . MLY A 1 21  ? 9.148   -10.251 -5.116  1.00 53.90  ? 594 MLY A NZ  1 
HETATM 96  C CH1 . MLY A 1 21  ? 8.719   -11.654 -5.271  1.00 51.16  ? 594 MLY A CH1 1 
HETATM 97  C CH2 . MLY A 1 21  ? 8.702   -9.352  -6.236  1.00 54.54  ? 594 MLY A CH2 1 
HETATM 98  C C   . MLY A 1 21  ? 6.113   -6.059  -0.422  1.00 31.36  ? 594 MLY A C   1 
HETATM 99  O O   . MLY A 1 21  ? 6.364   -4.858  -0.484  1.00 34.60  ? 594 MLY A O   1 
ATOM   100 N N   . CYS A 1 22  ? 4.865   -6.514  -0.347  1.00 36.03  ? 595 CYS A N   1 
ATOM   101 C CA  . CYS A 1 22  ? 3.755   -5.575  -0.414  1.00 41.15  ? 595 CYS A CA  1 
ATOM   102 C C   . CYS A 1 22  ? 3.617   -4.803  0.881   1.00 44.85  ? 595 CYS A C   1 
ATOM   103 O O   . CYS A 1 22  ? 3.312   -3.617  0.907   1.00 40.09  ? 595 CYS A O   1 
ATOM   104 C CB  . CYS A 1 22  ? 2.508   -6.350  -0.746  1.00 33.15  ? 595 CYS A CB  1 
ATOM   105 S SG  . CYS A 1 22  ? 1.031   -5.372  -0.988  1.00 41.53  ? 595 CYS A SG  1 
HETATM 106 N N   . MLY A 1 23  ? 3.897   -5.460  1.998   1.00 38.55  ? 596 MLY A N   1 
HETATM 107 C CA  . MLY A 1 23  ? 4.030   -4.717  3.230   1.00 33.28  ? 596 MLY A CA  1 
HETATM 108 C CB  . MLY A 1 23  ? 4.526   -5.594  4.394   1.00 44.75  ? 596 MLY A CB  1 
HETATM 109 C CG  . MLY A 1 23  ? 3.320   -6.168  5.110   1.00 59.42  ? 596 MLY A CG  1 
HETATM 110 C CD  . MLY A 1 23  ? 3.735   -7.087  6.262   1.00 85.73  ? 596 MLY A CD  1 
HETATM 111 C CE  . MLY A 1 23  ? 4.127   -6.292  7.510   1.00 112.37 ? 596 MLY A CE  1 
HETATM 112 N NZ  . MLY A 1 23  ? 3.968   -7.070  8.760   1.00 128.67 ? 596 MLY A NZ  1 
HETATM 113 C CH1 . MLY A 1 23  ? 5.179   -7.892  8.984   1.00 80.06  ? 596 MLY A CH1 1 
HETATM 114 C CH2 . MLY A 1 23  ? 3.675   -6.157  9.889   1.00 115.00 ? 596 MLY A CH2 1 
HETATM 115 C C   . MLY A 1 23  ? 5.049   -3.670  3.228   1.00 32.53  ? 596 MLY A C   1 
HETATM 116 O O   . MLY A 1 23  ? 4.837   -2.560  3.726   1.00 34.64  ? 596 MLY A O   1 
ATOM   117 N N   . ASN A 1 24  ? 6.204   -4.019  2.684   1.00 31.91  ? 597 ASN A N   1 
ATOM   118 C CA  . ASN A 1 24  ? 7.271   -3.029  2.576   1.00 40.77  ? 597 ASN A CA  1 
ATOM   119 C C   . ASN A 1 24  ? 6.882   -1.869  1.626   1.00 34.20  ? 597 ASN A C   1 
ATOM   120 O O   . ASN A 1 24  ? 7.182   -0.684  1.914   1.00 32.28  ? 597 ASN A O   1 
ATOM   121 C CB  . ASN A 1 24  ? 8.563   -3.748  2.174   1.00 43.01  ? 597 ASN A CB  1 
ATOM   122 C CG  . ASN A 1 24  ? 9.720   -2.792  1.911   1.00 52.14  ? 597 ASN A CG  1 
ATOM   123 O OD1 . ASN A 1 24  ? 10.055  -2.522  0.753   1.00 55.63  ? 597 ASN A OD1 1 
ATOM   124 N ND2 . ASN A 1 24  ? 10.310  -2.253  2.978   1.00 54.47  ? 597 ASN A ND2 1 
ATOM   125 N N   . PHE A 1 25  ? 6.174   -2.207  0.550   1.00 35.80  ? 598 PHE A N   1 
ATOM   126 C CA  . PHE A 1 25  ? 5.705   -1.180  -0.389  1.00 29.13  ? 598 PHE A CA  1 
ATOM   127 C C   . PHE A 1 25  ? 4.773   -0.182  0.328   1.00 31.09  ? 598 PHE A C   1 
ATOM   128 O O   . PHE A 1 25  ? 4.969   1.020   0.253   1.00 30.33  ? 598 PHE A O   1 
ATOM   129 C CB  . PHE A 1 25  ? 4.939   -1.874  -1.554  1.00 32.48  ? 598 PHE A CB  1 
ATOM   130 C CG  . PHE A 1 25  ? 4.292   -0.903  -2.477  1.00 31.83  ? 598 PHE A CG  1 
ATOM   131 C CD1 . PHE A 1 25  ? 5.048   -0.129  -3.321  1.00 34.44  ? 598 PHE A CD1 1 
ATOM   132 C CD2 . PHE A 1 25  ? 2.882   -0.709  -2.444  1.00 30.02  ? 598 PHE A CD2 1 
ATOM   133 C CE1 . PHE A 1 25  ? 4.432   0.800   -4.129  1.00 32.55  ? 598 PHE A CE1 1 
ATOM   134 C CE2 . PHE A 1 25  ? 2.273   0.230   -3.218  1.00 30.85  ? 598 PHE A CE2 1 
ATOM   135 C CZ  . PHE A 1 25  ? 3.038   1.014   -4.068  1.00 33.67  ? 598 PHE A CZ  1 
ATOM   136 N N   . LEU A 1 26  ? 3.701   -0.676  0.974   1.00 32.92  ? 599 LEU A N   1 
ATOM   137 C CA  . LEU A 1 26  ? 2.774   0.201   1.632   1.00 31.85  ? 599 LEU A CA  1 
ATOM   138 C C   . LEU A 1 26  ? 3.396   0.935   2.835   1.00 31.29  ? 599 LEU A C   1 
ATOM   139 O O   . LEU A 1 26  ? 3.159   2.148   3.072   1.00 34.88  ? 599 LEU A O   1 
ATOM   140 C CB  . LEU A 1 26  ? 1.536   -0.604  2.050   1.00 34.21  ? 599 LEU A CB  1 
ATOM   141 C CG  . LEU A 1 26  ? 0.793   -1.331  0.989   1.00 35.87  ? 599 LEU A CG  1 
ATOM   142 C CD1 . LEU A 1 26  ? -0.321  -2.152  1.587   1.00 43.94  ? 599 LEU A CD1 1 
ATOM   143 C CD2 . LEU A 1 26  ? 0.213   -0.227  0.018   1.00 33.47  ? 599 LEU A CD2 1 
ATOM   144 N N   . SER A 1 27  ? 4.256   0.238   3.558   1.00 37.50  ? 600 SER A N   1 
ATOM   145 C CA  . SER A 1 27  ? 4.886   0.936   4.688   1.00 33.91  ? 600 SER A CA  1 
ATOM   146 C C   . SER A 1 27  ? 5.859   1.979   4.182   1.00 42.28  ? 600 SER A C   1 
ATOM   147 O O   . SER A 1 27  ? 5.929   3.061   4.738   1.00 38.80  ? 600 SER A O   1 
ATOM   148 C CB  . SER A 1 27  ? 5.504   -0.050  5.695   1.00 47.07  ? 600 SER A CB  1 
ATOM   149 O OG  . SER A 1 27  ? 6.817   -0.386  5.348   1.00 69.29  ? 600 SER A OG  1 
ATOM   150 N N   . THR A 1 28  ? 6.612   1.730   3.112   1.00 38.94  ? 601 THR A N   1 
ATOM   151 C CA  . THR A 1 28  ? 7.398   2.828   2.560   1.00 31.77  ? 601 THR A CA  1 
ATOM   152 C C   . THR A 1 28  ? 6.601   4.049   2.116   1.00 30.65  ? 601 THR A C   1 
ATOM   153 O O   . THR A 1 28  ? 7.037   5.156   2.308   1.00 36.77  ? 601 THR A O   1 
ATOM   154 C CB  . THR A 1 28  ? 8.237   2.306   1.366   1.00 47.31  ? 601 THR A CB  1 
ATOM   155 O OG1 . THR A 1 28  ? 9.097   1.299   1.870   1.00 39.74  ? 601 THR A OG1 1 
ATOM   156 C CG2 . THR A 1 28  ? 9.054   3.370   0.767   1.00 42.53  ? 601 THR A CG2 1 
ATOM   157 N N   . LEU A 1 29  ? 5.433   3.837   1.499   1.00 36.22  ? 602 LEU A N   1 
ATOM   158 C CA  . LEU A 1 29  ? 4.632   4.944   1.115   1.00 36.78  ? 602 LEU A CA  1 
ATOM   159 C C   . LEU A 1 29  ? 4.262   5.799   2.314   1.00 44.56  ? 602 LEU A C   1 
ATOM   160 O O   . LEU A 1 29  ? 4.261   7.028   2.310   1.00 37.31  ? 602 LEU A O   1 
ATOM   161 C CB  . LEU A 1 29  ? 3.354   4.414   0.455   1.00 34.27  ? 602 LEU A CB  1 
ATOM   162 C CG  . LEU A 1 29  ? 3.249   3.987   -1.005  1.00 37.97  ? 602 LEU A CG  1 
ATOM   163 C CD1 . LEU A 1 29  ? 1.872   3.454   -1.147  1.00 36.18  ? 602 LEU A CD1 1 
ATOM   164 C CD2 . LEU A 1 29  ? 3.586   5.181   -1.874  1.00 38.61  ? 602 LEU A CD2 1 
ATOM   165 N N   . ILE A 1 30  ? 3.889   5.124   3.378   1.00 44.07  ? 603 ILE A N   1 
ATOM   166 C CA  . ILE A 1 30  ? 3.529   5.857   4.600   1.00 48.08  ? 603 ILE A CA  1 
ATOM   167 C C   . ILE A 1 30  ? 4.717   6.636   5.160   1.00 36.39  ? 603 ILE A C   1 
ATOM   168 O O   . ILE A 1 30  ? 4.574   7.802   5.560   1.00 41.96  ? 603 ILE A O   1 
ATOM   169 C CB  . ILE A 1 30  ? 3.047   4.904   5.722   1.00 47.68  ? 603 ILE A CB  1 
ATOM   170 C CG1 . ILE A 1 30  ? 1.729   4.227   5.335   1.00 41.76  ? 603 ILE A CG1 1 
ATOM   171 C CG2 . ILE A 1 30  ? 2.893   5.639   7.056   1.00 55.59  ? 603 ILE A CG2 1 
ATOM   172 C CD1 . ILE A 1 30  ? 0.673   5.126   4.911   1.00 48.81  ? 603 ILE A CD1 1 
HETATM 173 N N   . MLY A 1 31  ? 5.884   5.997   5.248   1.00 40.96  ? 604 MLY A N   1 
HETATM 174 C CA  . MLY A 1 31  ? 7.101   6.666   5.714   1.00 38.93  ? 604 MLY A CA  1 
HETATM 175 C CB  . MLY A 1 31  ? 8.340   5.759   5.722   1.00 44.68  ? 604 MLY A CB  1 
HETATM 176 C CG  . MLY A 1 31  ? 8.224   4.544   6.638   1.00 85.26  ? 604 MLY A CG  1 
HETATM 177 C CD  . MLY A 1 31  ? 9.482   3.681   6.587   1.00 77.49  ? 604 MLY A CD  1 
HETATM 178 C CE  . MLY A 1 31  ? 9.264   2.168   6.465   1.00 80.96  ? 604 MLY A CE  1 
HETATM 179 N NZ  . MLY A 1 31  ? 10.194  1.640   5.440   1.00 99.07  ? 604 MLY A NZ  1 
HETATM 180 C CH1 . MLY A 1 31  ? 11.578  1.555   5.959   1.00 85.21  ? 604 MLY A CH1 1 
HETATM 181 C CH2 . MLY A 1 31  ? 9.736   0.322   4.960   1.00 76.44  ? 604 MLY A CH2 1 
HETATM 182 C C   . MLY A 1 31  ? 7.449   7.876   4.892   1.00 54.09  ? 604 MLY A C   1 
HETATM 183 O O   . MLY A 1 31  ? 7.776   8.939   5.422   1.00 47.67  ? 604 MLY A O   1 
ATOM   184 N N   . LEU A 1 32  ? 7.394   7.730   3.574   1.00 46.95  ? 605 LEU A N   1 
ATOM   185 C CA  . LEU A 1 32  ? 7.656   8.856   2.672   1.00 41.65  ? 605 LEU A CA  1 
ATOM   186 C C   . LEU A 1 32  ? 6.640   9.954   2.926   1.00 49.56  ? 605 LEU A C   1 
ATOM   187 O O   . LEU A 1 32  ? 7.010   11.104  3.045   1.00 51.88  ? 605 LEU A O   1 
ATOM   188 C CB  . LEU A 1 32  ? 7.563   8.458   1.191   1.00 38.10  ? 605 LEU A CB  1 
ATOM   189 C CG  . LEU A 1 32  ? 8.672   7.461   0.801   1.00 40.51  ? 605 LEU A CG  1 
ATOM   190 C CD1 . LEU A 1 32  ? 8.499   6.884   -0.575  1.00 53.81  ? 605 LEU A CD1 1 
ATOM   191 C CD2 . LEU A 1 32  ? 10.026  8.153   0.880   1.00 43.59  ? 605 LEU A CD2 1 
ATOM   192 N N   . ALA A 1 33  ? 5.365   9.589   2.982   1.00 50.27  ? 606 ALA A N   1 
ATOM   193 C CA  . ALA A 1 33  ? 4.291   10.577  3.086   1.00 58.69  ? 606 ALA A CA  1 
ATOM   194 C C   . ALA A 1 33  ? 4.275   11.350  4.390   1.00 63.25  ? 606 ALA A C   1 
ATOM   195 O O   . ALA A 1 33  ? 3.857   12.501  4.431   1.00 68.90  ? 606 ALA A O   1 
ATOM   196 C CB  . ALA A 1 33  ? 2.945   9.931   2.806   1.00 41.06  ? 606 ALA A CB  1 
ATOM   197 N N   . SER A 1 34  ? 4.752   10.682  5.429   1.00 59.45  ? 607 SER A N   1 
ATOM   198 C CA  . SER A 1 34  ? 4.858   11.158  6.791   1.00 73.03  ? 607 SER A CA  1 
ATOM   199 C C   . SER A 1 34  ? 6.210   11.796  7.087   1.00 71.53  ? 607 SER A C   1 
ATOM   200 O O   . SER A 1 34  ? 6.470   12.136  8.236   1.00 78.29  ? 607 SER A O   1 
ATOM   201 C CB  . SER A 1 34  ? 4.612   9.973   7.752   1.00 68.64  ? 607 SER A CB  1 
ATOM   202 O OG  . SER A 1 34  ? 3.295   9.458   7.545   1.00 71.00  ? 607 SER A OG  1 
ATOM   203 N N   . SER A 1 35  ? 7.089   11.982  6.107   1.00 68.45  ? 608 SER A N   1 
ATOM   204 C CA  . SER A 1 35  ? 8.424   12.462  6.471   1.00 65.98  ? 608 SER A CA  1 
ATOM   205 C C   . SER A 1 35  ? 8.484   13.964  6.780   1.00 91.05  ? 608 SER A C   1 
ATOM   206 O O   . SER A 1 35  ? 9.493   14.458  7.290   1.00 76.08  ? 608 SER A O   1 
ATOM   207 C CB  . SER A 1 35  ? 9.439   12.198  5.365   1.00 58.16  ? 608 SER A CB  1 
ATOM   208 O OG  . SER A 1 35  ? 9.071   12.948  4.225   1.00 60.33  ? 608 SER A OG  1 
ATOM   209 N N   . GLY A 1 36  ? 7.452   14.734  6.460   1.00 68.25  ? 609 GLY A N   1 
ATOM   210 C CA  . GLY A 1 36  ? 7.609   16.179  6.668   1.00 101.57 ? 609 GLY A CA  1 
ATOM   211 C C   . GLY A 1 36  ? 8.433   16.901  5.607   1.00 97.84  ? 609 GLY A C   1 
ATOM   212 O O   . GLY A 1 36  ? 8.710   18.084  5.730   1.00 79.76  ? 609 GLY A O   1 
HETATM 213 N N   . MLY A 1 37  ? 8.852   16.216  4.551   1.00 97.84  ? 610 MLY A N   1 
HETATM 214 C CA  . MLY A 1 37  ? 9.297   16.911  3.354   1.00 54.64  ? 610 MLY A CA  1 
HETATM 215 C CB  . MLY A 1 37  ? 10.360  16.151  2.562   1.00 110.73 ? 610 MLY A CB  1 
HETATM 216 C CG  . MLY A 1 37  ? 11.757  16.076  3.181   1.00 109.58 ? 610 MLY A CG  1 
HETATM 217 C CD  . MLY A 1 37  ? 12.750  15.418  2.212   1.00 133.73 ? 610 MLY A CD  1 
HETATM 218 C CE  . MLY A 1 37  ? 13.423  16.378  1.220   1.00 130.97 ? 610 MLY A CE  1 
HETATM 219 N NZ  . MLY A 1 37  ? 14.355  15.690  0.297   1.00 130.07 ? 610 MLY A NZ  1 
HETATM 220 C CH1 . MLY A 1 37  ? 14.380  16.353  -1.022  1.00 100.63 ? 610 MLY A CH1 1 
HETATM 221 C CH2 . MLY A 1 37  ? 15.717  15.642  0.864   1.00 109.00 ? 610 MLY A CH2 1 
HETATM 222 C C   . MLY A 1 37  ? 8.064   17.024  2.494   1.00 82.03  ? 610 MLY A C   1 
HETATM 223 O O   . MLY A 1 37  ? 8.118   17.607  1.416   1.00 59.60  ? 610 MLY A O   1 
ATOM   224 N N   . GLN A 1 38  ? 6.938   16.467  2.950   1.00 57.68  ? 611 GLN A N   1 
ATOM   225 C CA  . GLN A 1 38  ? 5.707   16.425  2.157   1.00 64.40  ? 611 GLN A CA  1 
ATOM   226 C C   . GLN A 1 38  ? 4.547   17.268  2.695   1.00 65.08  ? 611 GLN A C   1 
ATOM   227 O O   . GLN A 1 38  ? 4.513   17.565  3.892   1.00 62.02  ? 611 GLN A O   1 
ATOM   228 C CB  . GLN A 1 38  ? 5.210   14.965  2.100   1.00 68.25  ? 611 GLN A CB  1 
ATOM   229 C CG  . GLN A 1 38  ? 5.832   14.118  1.025   1.00 82.28  ? 611 GLN A CG  1 
ATOM   230 C CD  . GLN A 1 38  ? 5.505   14.722  -0.315  1.00 60.14  ? 611 GLN A CD  1 
ATOM   231 O OE1 . GLN A 1 38  ? 4.417   14.523  -0.866  1.00 104.38 ? 611 GLN A OE1 1 
ATOM   232 N NE2 . GLN A 1 38  ? 6.442   15.504  -0.839  1.00 110.11 ? 611 GLN A NE2 1 
ATOM   233 N N   . SER A 1 39  ? 3.571   17.596  1.850   1.00 54.90  ? 612 SER A N   1 
ATOM   234 C CA  . SER A 1 39  ? 2.466   18.451  2.332   1.00 65.02  ? 612 SER A CA  1 
ATOM   235 C C   . SER A 1 39  ? 1.569   17.711  3.304   1.00 71.99  ? 612 SER A C   1 
ATOM   236 O O   . SER A 1 39  ? 1.335   16.528  3.157   1.00 97.66  ? 612 SER A O   1 
ATOM   237 C CB  . SER A 1 39  ? 1.688   19.074  1.165   1.00 74.56  ? 612 SER A CB  1 
ATOM   238 O OG  . SER A 1 39  ? 0.488   18.417  0.823   1.00 72.49  ? 612 SER A OG  1 
ATOM   239 N N   . THR A 1 40  ? 1.072   18.384  4.328   1.00 69.10  ? 613 THR A N   1 
ATOM   240 C CA  . THR A 1 40  ? 0.301   17.702  5.377   1.00 73.73  ? 613 THR A CA  1 
ATOM   241 C C   . THR A 1 40  ? -0.958  16.988  4.813   1.00 58.84  ? 613 THR A C   1 
ATOM   242 O O   . THR A 1 40  ? -1.397  15.942  5.293   1.00 65.00  ? 613 THR A O   1 
ATOM   243 C CB  . THR A 1 40  ? -0.037  18.710  6.533   1.00 83.46  ? 613 THR A CB  1 
ATOM   244 O OG1 . THR A 1 40  ? 0.310   18.162  7.810   1.00 80.44  ? 613 THR A OG1 1 
ATOM   245 C CG2 . THR A 1 40  ? -1.509  19.097  6.588   1.00 75.78  ? 613 THR A CG2 1 
ATOM   246 N N   . GLU A 1 41  ? -1.533  17.587  3.784   1.00 52.86  ? 614 GLU A N   1 
ATOM   247 C CA  . GLU A 1 41  ? -2.686  17.095  3.050   1.00 69.06  ? 614 GLU A CA  1 
ATOM   248 C C   . GLU A 1 41  ? -2.358  15.834  2.238   1.00 77.39  ? 614 GLU A C   1 
ATOM   249 O O   . GLU A 1 41  ? -3.111  14.875  2.184   1.00 56.28  ? 614 GLU A O   1 
ATOM   250 C CB  . GLU A 1 41  ? -3.045  18.239  2.121   1.00 73.75  ? 614 GLU A CB  1 
ATOM   251 C CG  . GLU A 1 41  ? -4.267  18.219  1.243   1.00 97.19  ? 614 GLU A CG  1 
ATOM   252 C CD  . GLU A 1 41  ? -4.550  19.661  0.835   1.00 114.40 ? 614 GLU A CD  1 
ATOM   253 O OE1 . GLU A 1 41  ? -5.126  20.404  1.678   1.00 92.56  ? 614 GLU A OE1 1 
ATOM   254 O OE2 . GLU A 1 41  ? -4.162  20.050  -0.294  1.00 95.22  ? 614 GLU A OE2 1 
ATOM   255 N N   . THR A 1 42  ? -1.230  15.843  1.553   1.00 50.12  ? 615 THR A N   1 
ATOM   256 C CA  . THR A 1 42  ? -0.725  14.638  0.889   1.00 81.67  ? 615 THR A CA  1 
ATOM   257 C C   . THR A 1 42  ? -0.555  13.464  1.853   1.00 64.40  ? 615 THR A C   1 
ATOM   258 O O   . THR A 1 42  ? -1.013  12.347  1.604   1.00 63.39  ? 615 THR A O   1 
ATOM   259 C CB  . THR A 1 42  ? 0.620   14.933  0.222   1.00 68.49  ? 615 THR A CB  1 
ATOM   260 O OG1 . THR A 1 42  ? 0.368   15.743  -0.935  1.00 67.27  ? 615 THR A OG1 1 
ATOM   261 C CG2 . THR A 1 42  ? 1.316   13.626  -0.183  1.00 87.59  ? 615 THR A CG2 1 
ATOM   262 N N   . ALA A 1 43  ? 0.110   13.713  2.970   1.00 57.35  ? 616 ALA A N   1 
ATOM   263 C CA  . ALA A 1 43  ? 0.272   12.687  3.943   1.00 46.51  ? 616 ALA A CA  1 
ATOM   264 C C   . ALA A 1 43  ? -1.019  12.095  4.444   1.00 77.92  ? 616 ALA A C   1 
ATOM   265 O O   . ALA A 1 43  ? -1.115  10.892  4.656   1.00 57.60  ? 616 ALA A O   1 
ATOM   266 C CB  . ALA A 1 43  ? 1.058   13.195  5.134   1.00 62.48  ? 616 ALA A CB  1 
ATOM   267 N N   . ALA A 1 44  ? -2.019  12.933  4.662   1.00 55.11  ? 617 ALA A N   1 
ATOM   268 C CA  . ALA A 1 44  ? -3.272  12.409  5.175   1.00 55.29  ? 617 ALA A CA  1 
ATOM   269 C C   . ALA A 1 44  ? -3.922  11.620  4.063   1.00 45.09  ? 617 ALA A C   1 
ATOM   270 O O   . ALA A 1 44  ? -4.655  10.658  4.309   1.00 52.32  ? 617 ALA A O   1 
ATOM   271 C CB  . ALA A 1 44  ? -4.194  13.551  5.592   1.00 69.04  ? 617 ALA A CB  1 
ATOM   272 N N   . ASN A 1 45  ? -3.674  12.035  2.824   1.00 41.77  ? 618 ASN A N   1 
ATOM   273 C CA  . ASN A 1 45  ? -4.383  11.411  1.722   1.00 50.06  ? 618 ASN A CA  1 
ATOM   274 C C   . ASN A 1 45  ? -3.799  10.022  1.397   1.00 42.26  ? 618 ASN A C   1 
ATOM   275 O O   . ASN A 1 45  ? -4.541  9.103   1.043   1.00 43.43  ? 618 ASN A O   1 
ATOM   276 C CB  . ASN A 1 45  ? -4.337  12.323  0.492   1.00 51.62  ? 618 ASN A CB  1 
ATOM   277 C CG  . ASN A 1 45  ? -5.225  13.567  0.637   1.00 68.16  ? 618 ASN A CG  1 
ATOM   278 O OD1 . ASN A 1 45  ? -6.182  13.573  1.381   1.00 60.80  ? 618 ASN A OD1 1 
ATOM   279 N ND2 . ASN A 1 45  ? -4.911  14.613  -0.089  1.00 56.89  ? 618 ASN A ND2 1 
ATOM   280 N N   . VAL A 1 46  ? -2.470  9.932   1.460   1.00 51.55  ? 619 VAL A N   1 
ATOM   281 C CA  . VAL A 1 46  ? -1.770  8.689   1.223   1.00 52.84  ? 619 VAL A CA  1 
ATOM   282 C C   . VAL A 1 46  ? -2.127  7.748   2.363   1.00 50.63  ? 619 VAL A C   1 
ATOM   283 O O   . VAL A 1 46  ? -2.455  6.624   2.090   1.00 42.70  ? 619 VAL A O   1 
ATOM   284 C CB  . VAL A 1 46  ? -0.258  8.893   1.026   1.00 48.61  ? 619 VAL A CB  1 
ATOM   285 C CG1 . VAL A 1 46  ? 0.496   7.537   0.932   1.00 44.10  ? 619 VAL A CG1 1 
ATOM   286 C CG2 . VAL A 1 46  ? -0.035  9.686   -0.230  1.00 45.14  ? 619 VAL A CG2 1 
HETATM 287 N N   . MLY A 1 47  ? -2.101  8.183   3.624   1.00 46.46  ? 620 MLY A N   1 
HETATM 288 C CA  . MLY A 1 47  ? -2.542  7.349   4.724   1.00 47.58  ? 620 MLY A CA  1 
HETATM 289 C CB  . MLY A 1 47  ? -2.564  8.109   6.054   1.00 53.83  ? 620 MLY A CB  1 
HETATM 290 C CG  . MLY A 1 47  ? -1.177  8.127   6.682   1.00 79.23  ? 620 MLY A CG  1 
HETATM 291 C CD  . MLY A 1 47  ? -1.146  8.924   7.988   1.00 87.09  ? 620 MLY A CD  1 
HETATM 292 C CE  . MLY A 1 47  ? 0.091   9.796   8.189   1.00 79.69  ? 620 MLY A CE  1 
HETATM 293 N NZ  . MLY A 1 47  ? 0.211   10.161  9.621   1.00 95.60  ? 620 MLY A NZ  1 
HETATM 294 C CH1 . MLY A 1 47  ? 1.421   10.985  9.822   1.00 68.55  ? 620 MLY A CH1 1 
HETATM 295 C CH2 . MLY A 1 47  ? -0.999  10.880  10.077  1.00 88.88  ? 620 MLY A CH2 1 
HETATM 296 C C   . MLY A 1 47  ? -3.905  6.828   4.475   1.00 42.53  ? 620 MLY A C   1 
HETATM 297 O O   . MLY A 1 47  ? -4.148  5.640   4.676   1.00 43.52  ? 620 MLY A O   1 
ATOM   298 N N   . GLU A 1 48  ? -4.819  7.665   3.993   1.00 47.32  ? 621 GLU A N   1 
ATOM   299 C CA  . GLU A 1 48  ? -6.192  7.191   3.767   1.00 53.87  ? 621 GLU A CA  1 
ATOM   300 C C   . GLU A 1 48  ? -6.302  6.220   2.614   1.00 52.10  ? 621 GLU A C   1 
ATOM   301 O O   . GLU A 1 48  ? -7.059  5.266   2.697   1.00 51.26  ? 621 GLU A O   1 
ATOM   302 C CB  . GLU A 1 48  ? -7.241  8.322   3.570   1.00 51.61  ? 621 GLU A CB  1 
ATOM   303 C CG  . GLU A 1 48  ? -8.515  7.988   4.386   1.00 99.39  ? 621 GLU A CG  1 
ATOM   304 C CD  . GLU A 1 48  ? -8.189  7.640   5.875   1.00 110.50 ? 621 GLU A CD  1 
ATOM   305 O OE1 . GLU A 1 48  ? -8.567  6.566   6.420   1.00 95.25  ? 621 GLU A OE1 1 
ATOM   306 O OE2 . GLU A 1 48  ? -7.502  8.458   6.528   1.00 112.85 ? 621 GLU A OE2 1 
ATOM   307 N N   . LEU A 1 49  ? -5.594  6.466   1.516   1.00 43.97  ? 622 LEU A N   1 
ATOM   308 C CA  . LEU A 1 49  ? -5.525  5.441   0.451   1.00 39.46  ? 622 LEU A CA  1 
ATOM   309 C C   . LEU A 1 49  ? -5.031  4.051   0.914   1.00 34.21  ? 622 LEU A C   1 
ATOM   310 O O   . LEU A 1 49  ? -5.618  3.020   0.602   1.00 43.03  ? 622 LEU A O   1 
ATOM   311 C CB  . LEU A 1 49  ? -4.563  5.937   -0.646  1.00 51.51  ? 622 LEU A CB  1 
ATOM   312 C CG  . LEU A 1 49  ? -5.132  7.047   -1.544  1.00 48.91  ? 622 LEU A CG  1 
ATOM   313 C CD1 . LEU A 1 49  ? -4.095  7.576   -2.519  1.00 47.65  ? 622 LEU A CD1 1 
ATOM   314 C CD2 . LEU A 1 49  ? -6.297  6.502   -2.298  1.00 53.12  ? 622 LEU A CD2 1 
ATOM   315 N N   . VAL A 1 50  ? -3.904  4.073   1.627   1.00 34.46  ? 623 VAL A N   1 
ATOM   316 C CA  . VAL A 1 50  ? -3.357  2.841   2.164   1.00 38.44  ? 623 VAL A CA  1 
ATOM   317 C C   . VAL A 1 50  ? -4.380  2.183   3.108   1.00 45.05  ? 623 VAL A C   1 
ATOM   318 O O   . VAL A 1 50  ? -4.670  0.999   2.967   1.00 42.29  ? 623 VAL A O   1 
ATOM   319 C CB  . VAL A 1 50  ? -1.989  3.095   2.784   1.00 34.96  ? 623 VAL A CB  1 
ATOM   320 C CG1 . VAL A 1 50  ? -1.536  1.875   3.504   1.00 44.80  ? 623 VAL A CG1 1 
ATOM   321 C CG2 . VAL A 1 50  ? -0.999  3.467   1.662   1.00 39.74  ? 623 VAL A CG2 1 
ATOM   322 N N   . GLN A 1 51  ? -4.962  2.921   4.048   1.00 52.12  ? 624 GLN A N   1 
ATOM   323 C CA  . GLN A 1 51  ? -5.979  2.297   4.906   1.00 46.38  ? 624 GLN A CA  1 
ATOM   324 C C   . GLN A 1 51  ? -7.177  1.765   4.175   1.00 36.09  ? 624 GLN A C   1 
ATOM   325 O O   . GLN A 1 51  ? -7.632  0.632   4.412   1.00 50.19  ? 624 GLN A O   1 
ATOM   326 C CB  . GLN A 1 51  ? -6.566  3.221   5.973   1.00 56.41  ? 624 GLN A CB  1 
ATOM   327 C CG  . GLN A 1 51  ? -5.738  3.180   7.223   1.00 78.60  ? 624 GLN A CG  1 
ATOM   328 C CD  . GLN A 1 51  ? -6.393  3.886   8.395   1.00 86.05  ? 624 GLN A CD  1 
ATOM   329 O OE1 . GLN A 1 51  ? -7.284  3.352   9.061   1.00 66.69  ? 624 GLN A OE1 1 
ATOM   330 N NE2 . GLN A 1 51  ? -5.923  5.091   8.668   1.00 65.64  ? 624 GLN A NE2 1 
ATOM   331 N N   . ASN A 1 52  ? -7.747  2.540   3.269   1.00 43.79  ? 625 ASN A N   1 
ATOM   332 C CA  . ASN A 1 52  ? -8.827  1.963   2.488   1.00 37.51  ? 625 ASN A CA  1 
ATOM   333 C C   . ASN A 1 52  ? -8.486  0.734   1.695   1.00 57.47  ? 625 ASN A C   1 
ATOM   334 O O   . ASN A 1 52  ? -9.323  -0.140  1.479   1.00 45.15  ? 625 ASN A O   1 
ATOM   335 C CB  . ASN A 1 52  ? -9.395  3.012   1.523   1.00 47.49  ? 625 ASN A CB  1 
ATOM   336 C CG  . ASN A 1 52  ? -10.039 4.198   2.270   1.00 74.16  ? 625 ASN A CG  1 
ATOM   337 O OD1 . ASN A 1 52  ? -10.382 5.200   1.679   1.00 52.92  ? 625 ASN A OD1 1 
ATOM   338 N ND2 . ASN A 1 52  ? -10.179 4.090   3.571   1.00 44.30  ? 625 ASN A ND2 1 
ATOM   339 N N   . LEU A 1 53  ? -7.249  0.673   1.219   1.00 42.06  ? 626 LEU A N   1 
ATOM   340 C CA  . LEU A 1 53  ? -6.865  -0.477  0.413   1.00 41.45  ? 626 LEU A CA  1 
ATOM   341 C C   . LEU A 1 53  ? -6.853  -1.692  1.341   1.00 31.42  ? 626 LEU A C   1 
ATOM   342 O O   . LEU A 1 53  ? -7.346  -2.779  0.998   1.00 40.66  ? 626 LEU A O   1 
ATOM   343 C CB  . LEU A 1 53  ? -5.453  -0.247  -0.193  1.00 34.13  ? 626 LEU A CB  1 
ATOM   344 C CG  . LEU A 1 53  ? -4.967  -1.311  -1.167  1.00 35.44  ? 626 LEU A CG  1 
ATOM   345 C CD1 . LEU A 1 53  ? -5.766  -1.377  -2.475  1.00 36.08  ? 626 LEU A CD1 1 
ATOM   346 C CD2 . LEU A 1 53  ? -3.431  -1.081  -1.378  1.00 32.51  ? 626 LEU A CD2 1 
ATOM   347 N N   . LEU A 1 54  ? -6.124  -1.525  2.441   1.00 39.24  ? 627 LEU A N   1 
ATOM   348 C CA  . LEU A 1 54  ? -6.003  -2.573  3.415   1.00 48.12  ? 627 LEU A CA  1 
ATOM   349 C C   . LEU A 1 54  ? -7.350  -2.994  3.981   1.00 56.04  ? 627 LEU A C   1 
ATOM   350 O O   . LEU A 1 54  ? -7.532  -4.181  4.257   1.00 48.37  ? 627 LEU A O   1 
ATOM   351 C CB  . LEU A 1 54  ? -5.057  -2.144  4.527   1.00 39.70  ? 627 LEU A CB  1 
ATOM   352 C CG  . LEU A 1 54  ? -3.565  -2.264  4.200   1.00 48.94  ? 627 LEU A CG  1 
ATOM   353 C CD1 . LEU A 1 54  ? -2.848  -1.625  5.349   1.00 45.65  ? 627 LEU A CD1 1 
ATOM   354 C CD2 . LEU A 1 54  ? -3.119  -3.694  3.994   1.00 55.44  ? 627 LEU A CD2 1 
ATOM   355 N N   . ASP A 1 55  ? -8.290  -2.067  4.119   1.00 52.48  ? 628 ASP A N   1 
ATOM   356 C CA  . ASP A 1 55  ? -9.613  -2.426  4.630   1.00 67.00  ? 628 ASP A CA  1 
ATOM   357 C C   . ASP A 1 55  ? -10.516 -2.937  3.540   1.00 68.08  ? 628 ASP A C   1 
ATOM   358 O O   . ASP A 1 55  ? -11.665 -3.197  3.822   1.00 56.58  ? 628 ASP A O   1 
ATOM   359 C CB  . ASP A 1 55  ? -10.346 -1.239  5.269   1.00 55.37  ? 628 ASP A CB  1 
ATOM   360 C CG  . ASP A 1 55  ? -9.648  -0.671  6.498   1.00 58.70  ? 628 ASP A CG  1 
ATOM   361 O OD1 . ASP A 1 55  ? -8.882  -1.379  7.213   1.00 61.02  ? 628 ASP A OD1 1 
ATOM   362 O OD2 . ASP A 1 55  ? -9.900  0.540   6.725   1.00 57.92  ? 628 ASP A OD2 1 
ATOM   363 N N   . GLY A 1 56  ? -10.048 -3.085  2.308   1.00 64.08  ? 629 GLY A N   1 
ATOM   364 C CA  . GLY A 1 56  ? -10.934 -3.563  1.242   1.00 52.06  ? 629 GLY A CA  1 
ATOM   365 C C   . GLY A 1 56  ? -11.988 -2.572  0.782   1.00 43.10  ? 629 GLY A C   1 
ATOM   366 O O   . GLY A 1 56  ? -12.861 -2.905  -0.011  1.00 57.09  ? 629 GLY A O   1 
HETATM 367 N N   . MLY A 1 57  ? -11.900 -1.324  1.224   1.00 46.49  ? 630 MLY A N   1 
HETATM 368 C CA  . MLY A 1 57  ? -12.755 -0.261  0.685   1.00 50.39  ? 630 MLY A CA  1 
HETATM 369 C CB  . MLY A 1 57  ? -12.698 0.968   1.588   1.00 58.92  ? 630 MLY A CB  1 
HETATM 370 C CG  . MLY A 1 57  ? -13.329 0.705   2.960   1.00 74.89  ? 630 MLY A CG  1 
HETATM 371 C CD  . MLY A 1 57  ? -13.167 1.870   3.943   1.00 105.92 ? 630 MLY A CD  1 
HETATM 372 C CE  . MLY A 1 57  ? -13.537 1.531   5.397   1.00 99.24  ? 630 MLY A CE  1 
HETATM 373 N NZ  . MLY A 1 57  ? -13.181 2.609   6.352   1.00 124.22 ? 630 MLY A NZ  1 
HETATM 374 C CH1 . MLY A 1 57  ? -14.163 3.714   6.305   1.00 107.63 ? 630 MLY A CH1 1 
HETATM 375 C CH2 . MLY A 1 57  ? -13.041 2.078   7.724   1.00 104.07 ? 630 MLY A CH2 1 
HETATM 376 C C   . MLY A 1 57  ? -12.426 0.162   -0.724  1.00 63.07  ? 630 MLY A C   1 
HETATM 377 O O   . MLY A 1 57  ? -13.323 0.601   -1.432  1.00 57.67  ? 630 MLY A O   1 
ATOM   378 N N   . ILE A 1 58  ? -11.163 0.081   -1.151  1.00 58.43  ? 631 ILE A N   1 
ATOM   379 C CA  . ILE A 1 58  ? -10.824 0.270   -2.570  1.00 53.75  ? 631 ILE A CA  1 
ATOM   380 C C   . ILE A 1 58  ? -9.992  -0.881  -3.061  1.00 47.14  ? 631 ILE A C   1 
ATOM   381 O O   . ILE A 1 58  ? -9.385  -1.591  -2.256  1.00 48.13  ? 631 ILE A O   1 
ATOM   382 C CB  . ILE A 1 58  ? -10.057 1.575   -2.893  1.00 56.68  ? 631 ILE A CB  1 
ATOM   383 C CG1 . ILE A 1 58  ? -8.819  1.745   -2.000  1.00 39.82  ? 631 ILE A CG1 1 
ATOM   384 C CG2 . ILE A 1 58  ? -10.949 2.779   -2.670  1.00 69.03  ? 631 ILE A CG2 1 
ATOM   385 C CD1 . ILE A 1 58  ? -8.120  3.073   -2.246  1.00 65.84  ? 631 ILE A CD1 1 
ATOM   386 N N   . GLU A 1 59  ? -9.982  -1.050  -4.385  1.00 46.36  ? 632 GLU A N   1 
ATOM   387 C CA  . GLU A 1 59  ? -9.224  -2.131  -5.022  1.00 48.26  ? 632 GLU A CA  1 
ATOM   388 C C   . GLU A 1 59  ? -7.939  -1.559  -5.706  1.00 44.53  ? 632 GLU A C   1 
ATOM   389 O O   . GLU A 1 59  ? -7.752  -0.336  -5.752  1.00 42.01  ? 632 GLU A O   1 
ATOM   390 C CB  . GLU A 1 59  ? -10.128 -2.976  -5.933  1.00 59.16  ? 632 GLU A CB  1 
ATOM   391 C CG  . GLU A 1 59  ? -11.267 -3.760  -5.194  1.00 80.70  ? 632 GLU A CG  1 
ATOM   392 C CD  . GLU A 1 59  ? -10.834 -4.543  -3.920  1.00 97.33  ? 632 GLU A CD  1 
ATOM   393 O OE1 . GLU A 1 59  ? -9.713  -5.114  -3.826  1.00 57.90  ? 632 GLU A OE1 1 
ATOM   394 O OE2 . GLU A 1 59  ? -11.635 -4.608  -2.961  1.00 89.17  ? 632 GLU A OE2 1 
ATOM   395 N N   . ALA A 1 60  ? -7.089  -2.456  -6.198  1.00 45.68  ? 633 ALA A N   1 
ATOM   396 C CA  . ALA A 1 60  ? -5.718  -2.118  -6.636  1.00 46.67  ? 633 ALA A CA  1 
ATOM   397 C C   . ALA A 1 60  ? -5.720  -1.052  -7.736  1.00 33.28  ? 633 ALA A C   1 
ATOM   398 O O   . ALA A 1 60  ? -4.969  -0.065  -7.642  1.00 43.24  ? 633 ALA A O   1 
ATOM   399 C CB  . ALA A 1 60  ? -4.956  -3.390  -7.056  1.00 39.25  ? 633 ALA A CB  1 
ATOM   400 N N   . GLU A 1 61  ? -6.565  -1.205  -8.764  1.00 39.26  ? 634 GLU A N   1 
ATOM   401 C CA  . GLU A 1 61  ? -6.518  -0.253  -9.889  1.00 39.94  ? 634 GLU A CA  1 
ATOM   402 C C   . GLU A 1 61  ? -6.867  1.155   -9.467  1.00 47.88  ? 634 GLU A C   1 
ATOM   403 O O   . GLU A 1 61  ? -6.279  2.149   -9.892  1.00 47.50  ? 634 GLU A O   1 
ATOM   404 C CB  . GLU A 1 61  ? -7.495  -0.631  -11.024 1.00 45.84  ? 634 GLU A CB  1 
ATOM   405 C CG  . GLU A 1 61  ? -7.335  -2.019  -11.559 1.00 53.13  ? 634 GLU A CG  1 
ATOM   406 C CD  . GLU A 1 61  ? -7.837  -3.266  -10.745 1.00 93.67  ? 634 GLU A CD  1 
ATOM   407 O OE1 . GLU A 1 61  ? -8.176  -3.295  -9.517  1.00 54.25  ? 634 GLU A OE1 1 
ATOM   408 O OE2 . GLU A 1 61  ? -7.861  -4.314  -11.440 1.00 66.53  ? 634 GLU A OE2 1 
ATOM   409 N N   . ASP A 1 62  ? -7.843  1.268   -8.594  1.00 49.32  ? 635 ASP A N   1 
ATOM   410 C CA  . ASP A 1 62  ? -8.310  2.587   -8.200  1.00 52.75  ? 635 ASP A CA  1 
ATOM   411 C C   . ASP A 1 62  ? -7.338  3.183   -7.175  1.00 58.45  ? 635 ASP A C   1 
ATOM   412 O O   . ASP A 1 62  ? -7.050  4.385   -7.125  1.00 42.08  ? 635 ASP A O   1 
ATOM   413 C CB  . ASP A 1 62  ? -9.764  2.404   -7.721  1.00 64.03  ? 635 ASP A CB  1 
ATOM   414 C CG  . ASP A 1 62  ? -10.375 3.644   -7.070  1.00 84.25  ? 635 ASP A CG  1 
ATOM   415 O OD1 . ASP A 1 62  ? -10.226 4.781   -7.581  1.00 88.72  ? 635 ASP A OD1 1 
ATOM   416 O OD2 . ASP A 1 62  ? -11.045 3.454   -6.025  1.00 100.84 ? 635 ASP A OD2 1 
ATOM   417 N N   . PHE A 1 63  ? -6.779  2.332   -6.335  1.00 39.43  ? 636 PHE A N   1 
ATOM   418 C CA  . PHE A 1 63  ? -5.792  2.841   -5.428  1.00 37.71  ? 636 PHE A CA  1 
ATOM   419 C C   . PHE A 1 63  ? -4.608  3.418   -6.237  1.00 29.38  ? 636 PHE A C   1 
ATOM   420 O O   . PHE A 1 63  ? -4.147  4.552   -5.934  1.00 37.66  ? 636 PHE A O   1 
ATOM   421 C CB  . PHE A 1 63  ? -5.382  1.712   -4.478  1.00 38.70  ? 636 PHE A CB  1 
ATOM   422 C CG  . PHE A 1 63  ? -4.088  1.936   -3.771  1.00 35.64  ? 636 PHE A CG  1 
ATOM   423 C CD1 . PHE A 1 63  ? -4.048  2.530   -2.531  1.00 35.42  ? 636 PHE A CD1 1 
ATOM   424 C CD2 . PHE A 1 63  ? -2.908  1.519   -4.342  1.00 36.05  ? 636 PHE A CD2 1 
ATOM   425 C CE1 . PHE A 1 63  ? -2.905  2.752   -1.885  1.00 39.58  ? 636 PHE A CE1 1 
ATOM   426 C CE2 . PHE A 1 63  ? -1.738  1.706   -3.644  1.00 34.72  ? 636 PHE A CE2 1 
ATOM   427 C CZ  . PHE A 1 63  ? -1.730  2.332   -2.466  1.00 31.59  ? 636 PHE A CZ  1 
ATOM   428 N N   . THR A 1 64  ? -4.134  2.669   -7.238  1.00 36.19  ? 637 THR A N   1 
ATOM   429 C CA  . THR A 1 64  ? -2.913  3.153   -7.946  1.00 35.89  ? 637 THR A CA  1 
ATOM   430 C C   . THR A 1 64  ? -3.197  4.433   -8.738  1.00 43.18  ? 637 THR A C   1 
ATOM   431 O O   . THR A 1 64  ? -2.401  5.376   -8.719  1.00 37.69  ? 637 THR A O   1 
ATOM   432 C CB  . THR A 1 64  ? -2.296  2.109   -8.889  1.00 35.70  ? 637 THR A CB  1 
ATOM   433 O OG1 . THR A 1 64  ? -3.275  1.686   -9.823  1.00 38.69  ? 637 THR A OG1 1 
ATOM   434 C CG2 . THR A 1 64  ? -1.906  0.878   -8.128  1.00 35.85  ? 637 THR A CG2 1 
ATOM   435 N N   . SER A 1 65  ? -4.367  4.486   -9.372  1.00 46.61  ? 638 SER A N   1 
ATOM   436 C CA  . SER A 1 65  ? -4.776  5.722   -10.094 1.00 46.49  ? 638 SER A CA  1 
ATOM   437 C C   . SER A 1 65  ? -4.788  6.930   -9.215  1.00 36.10  ? 638 SER A C   1 
ATOM   438 O O   . SER A 1 65  ? -4.341  8.021   -9.576  1.00 39.50  ? 638 SER A O   1 
ATOM   439 C CB  . SER A 1 65  ? -6.210  5.644   -10.614 1.00 48.14  ? 638 SER A CB  1 
ATOM   440 O OG  . SER A 1 65  ? -6.284  4.616   -11.574 1.00 54.57  ? 638 SER A OG  1 
ATOM   441 N N   . ARG A 1 66  ? -5.341  6.760   -8.018  1.00 41.12  ? 639 ARG A N   1 
ATOM   442 C CA  . ARG A 1 66  ? -5.400  7.872   -7.090  1.00 36.47  ? 639 ARG A CA  1 
ATOM   443 C C   . ARG A 1 66  ? -4.107  8.228   -6.470  1.00 43.33  ? 639 ARG A C   1 
ATOM   444 O O   . ARG A 1 66  ? -3.878  9.369   -6.116  1.00 42.92  ? 639 ARG A O   1 
ATOM   445 C CB  . ARG A 1 66  ? -6.352  7.580   -5.929  1.00 47.21  ? 639 ARG A CB  1 
ATOM   446 C CG  . ARG A 1 66  ? -7.799  7.473   -6.375  1.00 56.31  ? 639 ARG A CG  1 
ATOM   447 C CD  . ARG A 1 66  ? -8.674  7.336   -5.146  1.00 60.48  ? 639 ARG A CD  1 
ATOM   448 N NE  . ARG A 1 66  ? -9.925  6.644   -5.426  1.00 86.73  ? 639 ARG A NE  1 
ATOM   449 C CZ  . ARG A 1 66  ? -11.080 7.259   -5.652  1.00 90.23  ? 639 ARG A CZ  1 
ATOM   450 N NH1 . ARG A 1 66  ? -11.162 8.585   -5.639  1.00 87.74  ? 639 ARG A NH1 1 
ATOM   451 N NH2 . ARG A 1 66  ? -12.163 6.536   -5.892  1.00 99.61  ? 639 ARG A NH2 1 
ATOM   452 N N   . LEU A 1 67  ? -3.268  7.217   -6.321  1.00 41.77  ? 640 LEU A N   1 
ATOM   453 C CA  . LEU A 1 67  ? -1.958  7.451   -5.762  1.00 38.13  ? 640 LEU A CA  1 
ATOM   454 C C   . LEU A 1 67  ? -1.093  8.260   -6.721  1.00 35.78  ? 640 LEU A C   1 
ATOM   455 O O   . LEU A 1 67  ? -0.369  9.152   -6.323  1.00 40.59  ? 640 LEU A O   1 
ATOM   456 C CB  . LEU A 1 67  ? -1.303  6.067   -5.525  1.00 39.36  ? 640 LEU A CB  1 
ATOM   457 C CG  . LEU A 1 67  ? 0.100   6.107   -4.922  1.00 43.46  ? 640 LEU A CG  1 
ATOM   458 C CD1 . LEU A 1 67  ? -0.010  6.554   -3.468  1.00 44.54  ? 640 LEU A CD1 1 
ATOM   459 C CD2 . LEU A 1 67  ? 0.860   4.772   -5.011  1.00 40.66  ? 640 LEU A CD2 1 
ATOM   460 N N   . TYR A 1 68  ? -1.095  7.873   -7.986  1.00 38.83  ? 641 TYR A N   1 
ATOM   461 C CA  . TYR A 1 68  ? -0.277  8.578   -9.000  1.00 36.22  ? 641 TYR A CA  1 
ATOM   462 C C   . TYR A 1 68  ? -0.654  10.070  -9.054  1.00 38.71  ? 641 TYR A C   1 
ATOM   463 O O   . TYR A 1 68  ? 0.169   10.973  -9.148  1.00 43.62  ? 641 TYR A O   1 
ATOM   464 C CB  . TYR A 1 68  ? -0.482  7.994   -10.389 1.00 40.17  ? 641 TYR A CB  1 
ATOM   465 C CG  . TYR A 1 68  ? -0.150  6.544   -10.616 1.00 38.00  ? 641 TYR A CG  1 
ATOM   466 C CD1 . TYR A 1 68  ? 0.925   5.947   -9.996  1.00 34.61  ? 641 TYR A CD1 1 
ATOM   467 C CD2 . TYR A 1 68  ? -0.850  5.801   -11.551 1.00 35.85  ? 641 TYR A CD2 1 
ATOM   468 C CE1 . TYR A 1 68  ? 1.236   4.635   -10.215 1.00 34.88  ? 641 TYR A CE1 1 
ATOM   469 C CE2 . TYR A 1 68  ? -0.544  4.467   -11.798 1.00 34.52  ? 641 TYR A CE2 1 
ATOM   470 C CZ  . TYR A 1 68  ? 0.500   3.900   -11.071 1.00 28.45  ? 641 TYR A CZ  1 
ATOM   471 O OH  . TYR A 1 68  ? 0.863   2.614   -11.345 1.00 32.09  ? 641 TYR A OH  1 
ATOM   472 N N   . ARG A 1 69  ? -1.940  10.334  -8.952  1.00 40.31  ? 642 ARG A N   1 
ATOM   473 C CA  . ARG A 1 69  ? -2.480  11.706  -8.886  1.00 50.21  ? 642 ARG A CA  1 
ATOM   474 C C   . ARG A 1 69  ? -2.017  12.412  -7.617  1.00 49.99  ? 642 ARG A C   1 
ATOM   475 O O   . ARG A 1 69  ? -1.599  13.559  -7.673  1.00 47.20  ? 642 ARG A O   1 
ATOM   476 C CB  A ARG A 1 69  ? -3.959  11.674  -9.285  0.50 63.43  ? 642 ARG A CB  1 
ATOM   477 C CB  B ARG A 1 69  ? -4.009  11.674  -8.570  0.50 105.76 ? 642 ARG A CB  1 
ATOM   478 C CG  A ARG A 1 69  ? -4.231  10.991  -10.687 0.50 104.92 ? 642 ARG A CG  1 
ATOM   479 C CG  B ARG A 1 69  ? -5.014  12.962  -8.558  0.50 122.11 ? 642 ARG A CG  1 
ATOM   480 C CD  A ARG A 1 69  ? -5.710  10.652  -10.939 0.50 88.08  ? 642 ARG A CD  1 
ATOM   481 C CD  B ARG A 1 69  ? -6.544  12.599  -8.333  0.50 133.44 ? 642 ARG A CD  1 
ATOM   482 N NE  A ARG A 1 69  ? -6.060  10.412  -12.329 0.50 109.58 ? 642 ARG A NE  1 
ATOM   483 N NE  B ARG A 1 69  ? -6.927  11.299  -8.918  0.50 130.89 ? 642 ARG A NE  1 
ATOM   484 C CZ  A ARG A 1 69  ? -6.095  11.377  -13.239 0.50 109.78 ? 642 ARG A CZ  1 
ATOM   485 C CZ  B ARG A 1 69  ? -8.097  10.668  -8.820  0.50 124.77 ? 642 ARG A CZ  1 
ATOM   486 N NH1 A ARG A 1 69  ? -5.776  12.642  -12.930 0.50 60.41  ? 642 ARG A NH1 1 
ATOM   487 N NH1 B ARG A 1 69  ? -9.079  11.173  -8.079  0.50 84.02  ? 642 ARG A NH1 1 
ATOM   488 N NH2 A ARG A 1 69  ? -6.439  11.046  -14.473 0.50 126.71 ? 642 ARG A NH2 1 
ATOM   489 N NH2 B ARG A 1 69  ? -8.242  9.490   -9.447  0.50 77.94  ? 642 ARG A NH2 1 
ATOM   490 N N   . GLU A 1 70  ? -2.041  11.723  -6.475  1.00 56.21  ? 643 GLU A N   1 
ATOM   491 C CA  . GLU A 1 70  ? -1.753  12.354  -5.196  1.00 43.95  ? 643 GLU A CA  1 
ATOM   492 C C   . GLU A 1 70  ? -0.295  12.737  -5.063  1.00 51.80  ? 643 GLU A C   1 
ATOM   493 O O   . GLU A 1 70  ? 0.045   13.765  -4.457  1.00 57.66  ? 643 GLU A O   1 
ATOM   494 C CB  . GLU A 1 70  ? -2.222  11.461  -4.031  1.00 42.17  ? 643 GLU A CB  1 
ATOM   495 C CG  . GLU A 1 70  ? -2.201  12.122  -2.669  1.00 77.61  ? 643 GLU A CG  1 
ATOM   496 C CD  . GLU A 1 70  ? -3.041  13.406  -2.596  1.00 61.47  ? 643 GLU A CD  1 
ATOM   497 O OE1 . GLU A 1 70  ? -4.126  13.434  -3.226  1.00 82.83  ? 643 GLU A OE1 1 
ATOM   498 O OE2 . GLU A 1 70  ? -2.590  14.348  -1.902  1.00 94.04  ? 643 GLU A OE2 1 
ATOM   499 N N   . LEU A 1 71  ? 0.556   11.908  -5.639  1.00 53.36  ? 644 LEU A N   1 
ATOM   500 C CA  . LEU A 1 71  ? 1.988   12.101  -5.508  1.00 50.48  ? 644 LEU A CA  1 
ATOM   501 C C   . LEU A 1 71  ? 2.537   12.662  -6.767  1.00 47.51  ? 644 LEU A C   1 
ATOM   502 O O   . LEU A 1 71  ? 3.772   12.793  -6.906  1.00 59.52  ? 644 LEU A O   1 
ATOM   503 C CB  . LEU A 1 71  ? 2.714   10.764  -5.311  1.00 53.19  ? 644 LEU A CB  1 
ATOM   504 C CG  . LEU A 1 71  ? 2.343   9.854   -4.128  1.00 62.16  ? 644 LEU A CG  1 
ATOM   505 C CD1 . LEU A 1 71  ? 3.093   8.534   -4.242  1.00 62.77  ? 644 LEU A CD1 1 
ATOM   506 C CD2 . LEU A 1 71  ? 2.589   10.518  -2.776  1.00 61.39  ? 644 LEU A CD2 1 
ATOM   507 N N   . ASN A 1 72  ? 1.638   12.904  -7.703  1.00 60.68  ? 645 ASN A N   1 
ATOM   508 C CA  . ASN A 1 72  ? 2.074   13.312  -9.019  1.00 52.38  ? 645 ASN A CA  1 
ATOM   509 C C   . ASN A 1 72  ? 3.210   12.409  -9.421  1.00 61.46  ? 645 ASN A C   1 
ATOM   510 O O   . ASN A 1 72  ? 4.321   12.844  -9.714  1.00 53.06  ? 645 ASN A O   1 
ATOM   511 C CB  . ASN A 1 72  ? 2.537   14.770  -9.036  1.00 80.60  ? 645 ASN A CB  1 
ATOM   512 C CG  . ASN A 1 72  ? 2.875   15.218  -10.432 1.00 90.10  ? 645 ASN A CG  1 
ATOM   513 O OD1 . ASN A 1 72  ? 2.075   15.015  -11.347 1.00 94.86  ? 645 ASN A OD1 1 
ATOM   514 N ND2 . ASN A 1 72  ? 4.060   15.805  -10.613 1.00 72.24  ? 645 ASN A ND2 1 
ATOM   515 N N   . SER A 1 73  ? 2.934   11.117  -9.414  1.00 52.68  ? 646 SER A N   1 
ATOM   516 C CA  . SER A 1 73  ? 3.925   10.194  -9.927  1.00 36.83  ? 646 SER A CA  1 
ATOM   517 C C   . SER A 1 73  ? 3.475   9.568   -11.235 1.00 41.02  ? 646 SER A C   1 
ATOM   518 O O   . SER A 1 73  ? 2.325   9.680   -11.652 1.00 57.69  ? 646 SER A O   1 
ATOM   519 C CB  . SER A 1 73  ? 4.259   9.084   -8.893  1.00 50.90  ? 646 SER A CB  1 
ATOM   520 O OG  . SER A 1 73  ? 3.113   8.430   -8.392  1.00 59.66  ? 646 SER A OG  1 
ATOM   521 N N   . SER A 1 74  ? 4.455   8.918   -11.863 1.00 42.85  ? 647 SER A N   1 
ATOM   522 C CA  . SER A 1 74  ? 4.276   8.183   -13.092 1.00 44.96  ? 647 SER A CA  1 
ATOM   523 C C   . SER A 1 74  ? 3.833   6.694   -12.918 1.00 47.81  ? 647 SER A C   1 
ATOM   524 O O   . SER A 1 74  ? 4.205   6.038   -11.932 1.00 41.87  ? 647 SER A O   1 
ATOM   525 C CB  . SER A 1 74  ? 5.605   8.288   -13.840 1.00 45.79  ? 647 SER A CB  1 
ATOM   526 O OG  . SER A 1 74  ? 5.713   7.346   -14.899 1.00 69.21  ? 647 SER A OG  1 
ATOM   527 N N   . PRO A 1 75  ? 3.008   6.171   -13.854 1.00 46.68  ? 648 PRO A N   1 
ATOM   528 C CA  . PRO A 1 75  ? 2.517   4.801   -13.802 1.00 40.74  ? 648 PRO A CA  1 
ATOM   529 C C   . PRO A 1 75  ? 3.603   3.741   -13.898 1.00 39.02  ? 648 PRO A C   1 
ATOM   530 O O   . PRO A 1 75  ? 4.603   3.917   -14.586 1.00 41.05  ? 648 PRO A O   1 
ATOM   531 C CB  . PRO A 1 75  ? 1.455   4.713   -14.930 1.00 37.28  ? 648 PRO A CB  1 
ATOM   532 C CG  . PRO A 1 75  ? 1.629   5.897   -15.756 1.00 39.53  ? 648 PRO A CG  1 
ATOM   533 C CD  . PRO A 1 75  ? 2.401   6.932   -14.979 1.00 41.71  ? 648 PRO A CD  1 
ATOM   534 N N   . GLN A 1 76  ? 3.350   2.664   -13.160 1.00 34.58  ? 649 GLN A N   1 
ATOM   535 C CA  . GLN A 1 76  ? 4.095   1.411   -13.081 1.00 33.55  ? 649 GLN A CA  1 
ATOM   536 C C   . GLN A 1 76  ? 3.288   0.216   -13.517 1.00 28.50  ? 649 GLN A C   1 
ATOM   537 O O   . GLN A 1 76  ? 2.366   -0.294  -12.817 1.00 39.31  ? 649 GLN A O   1 
ATOM   538 C CB  . GLN A 1 76  ? 4.544   1.134   -11.639 1.00 37.44  ? 649 GLN A CB  1 
ATOM   539 C CG  . GLN A 1 76  ? 5.368   2.225   -11.055 1.00 34.31  ? 649 GLN A CG  1 
ATOM   540 C CD  . GLN A 1 76  ? 5.862   1.897   -9.624  1.00 41.74  ? 649 GLN A CD  1 
ATOM   541 O OE1 . GLN A 1 76  ? 6.073   0.755   -9.267  1.00 36.40  ? 649 GLN A OE1 1 
ATOM   542 N NE2 . GLN A 1 76  ? 5.967   2.903   -8.825  1.00 34.93  ? 649 GLN A NE2 1 
ATOM   543 N N   . PRO A 1 77  ? 3.589   -0.270  -14.737 1.00 37.93  ? 650 PRO A N   1 
ATOM   544 C CA  . PRO A 1 77  ? 2.841   -1.348  -15.355 1.00 32.47  ? 650 PRO A CA  1 
ATOM   545 C C   . PRO A 1 77  ? 2.726   -2.687  -14.571 1.00 37.23  ? 650 PRO A C   1 
ATOM   546 O O   . PRO A 1 77  ? 1.785   -3.443  -14.772 1.00 42.16  ? 650 PRO A O   1 
ATOM   547 C CB  . PRO A 1 77  ? 3.615   -1.612  -16.651 1.00 38.78  ? 650 PRO A CB  1 
ATOM   548 C CG  . PRO A 1 77  ? 4.485   -0.540  -16.854 1.00 49.79  ? 650 PRO A CG  1 
ATOM   549 C CD  . PRO A 1 77  ? 4.633   0.261   -15.624 1.00 40.41  ? 650 PRO A CD  1 
ATOM   550 N N   . TYR A 1 78  ? 3.677   -2.950  -13.698 1.00 35.60  ? 651 TYR A N   1 
ATOM   551 C CA  . TYR A 1 78  ? 3.629   -4.228  -12.967 1.00 34.67  ? 651 TYR A CA  1 
ATOM   552 C C   . TYR A 1 78  ? 3.019   -4.025  -11.563 1.00 31.08  ? 651 TYR A C   1 
ATOM   553 O O   . TYR A 1 78  ? 2.836   -5.000  -10.827 1.00 41.64  ? 651 TYR A O   1 
ATOM   554 C CB  . TYR A 1 78  ? 5.007   -4.916  -12.905 1.00 36.25  ? 651 TYR A CB  1 
ATOM   555 C CG  . TYR A 1 78  ? 5.498   -5.377  -14.269 1.00 40.90  ? 651 TYR A CG  1 
ATOM   556 C CD1 . TYR A 1 78  ? 4.996   -6.518  -14.862 1.00 49.89  ? 651 TYR A CD1 1 
ATOM   557 C CD2 . TYR A 1 78  ? 6.379   -4.601  -15.008 1.00 38.21  ? 651 TYR A CD2 1 
ATOM   558 C CE1 . TYR A 1 78  ? 5.412   -6.917  -16.141 1.00 50.53  ? 651 TYR A CE1 1 
ATOM   559 C CE2 . TYR A 1 78  ? 6.779   -4.981  -16.282 1.00 34.80  ? 651 TYR A CE2 1 
ATOM   560 C CZ  . TYR A 1 78  ? 6.315   -6.149  -16.836 1.00 45.11  ? 651 TYR A CZ  1 
ATOM   561 O OH  . TYR A 1 78  ? 6.706   -6.541  -18.112 1.00 46.17  ? 651 TYR A OH  1 
ATOM   562 N N   . LEU A 1 79  ? 2.692   -2.789  -11.214 1.00 31.64  ? 652 LEU A N   1 
ATOM   563 C CA  . LEU A 1 79  ? 2.233   -2.488  -9.856  1.00 37.19  ? 652 LEU A CA  1 
ATOM   564 C C   . LEU A 1 79  ? 0.844   -3.059  -9.520  1.00 41.03  ? 652 LEU A C   1 
ATOM   565 O O   . LEU A 1 79  ? 0.597   -3.685  -8.503  1.00 33.10  ? 652 LEU A O   1 
ATOM   566 C CB  . LEU A 1 79  ? 2.339   -0.993  -9.651  1.00 36.12  ? 652 LEU A CB  1 
ATOM   567 C CG  . LEU A 1 79  ? 1.914   -0.463  -8.250  1.00 35.14  ? 652 LEU A CG  1 
ATOM   568 C CD1 . LEU A 1 79  ? 2.619   -1.202  -7.085  1.00 33.35  ? 652 LEU A CD1 1 
ATOM   569 C CD2 . LEU A 1 79  ? 1.989   1.022   -8.088  1.00 34.65  ? 652 LEU A CD2 1 
ATOM   570 N N   . VAL A 1 80  ? -0.125  -2.835  -10.374 1.00 34.58  ? 653 VAL A N   1 
ATOM   571 C CA  . VAL A 1 80  ? -1.454  -3.421  -10.123 1.00 43.88  ? 653 VAL A CA  1 
ATOM   572 C C   . VAL A 1 80  ? -1.438  -4.964  -10.005 1.00 34.90  ? 653 VAL A C   1 
ATOM   573 O O   . VAL A 1 80  ? -1.953  -5.527  -9.050  1.00 41.07  ? 653 VAL A O   1 
ATOM   574 C CB  . VAL A 1 80  ? -2.502  -2.872  -11.144 1.00 38.26  ? 653 VAL A CB  1 
ATOM   575 C CG1 . VAL A 1 80  ? -3.771  -3.687  -11.114 1.00 41.15  ? 653 VAL A CG1 1 
ATOM   576 C CG2 . VAL A 1 80  ? -2.782  -1.424  -10.839 1.00 38.74  ? 653 VAL A CG2 1 
ATOM   577 N N   . PRO A 1 81  ? -0.855  -5.673  -10.971 1.00 37.71  ? 654 PRO A N   1 
ATOM   578 C CA  . PRO A 1 81  ? -0.859  -7.107  -10.790 1.00 39.79  ? 654 PRO A CA  1 
ATOM   579 C C   . PRO A 1 81  ? -0.101  -7.575  -9.534  1.00 37.09  ? 654 PRO A C   1 
ATOM   580 O O   . PRO A 1 81  ? -0.469  -8.597  -8.971  1.00 38.57  ? 654 PRO A O   1 
ATOM   581 C CB  . PRO A 1 81  ? -0.146  -7.630  -12.046 1.00 44.10  ? 654 PRO A CB  1 
ATOM   582 C CG  . PRO A 1 81  ? 0.172   -6.453  -12.897 1.00 42.95  ? 654 PRO A CG  1 
ATOM   583 C CD  . PRO A 1 81  ? -0.241  -5.219  -12.249 1.00 42.14  ? 654 PRO A CD  1 
ATOM   584 N N   . PHE A 1 82  ? 0.961   -6.880  -9.171  1.00 41.87  ? 655 PHE A N   1 
ATOM   585 C CA  . PHE A 1 82  ? 1.672   -7.169  -7.923  1.00 38.92  ? 655 PHE A CA  1 
ATOM   586 C C   . PHE A 1 82  ? 0.721   -7.077  -6.681  1.00 41.56  ? 655 PHE A C   1 
ATOM   587 O O   . PHE A 1 82  ? 0.615   -7.948  -5.828  1.00 37.67  ? 655 PHE A O   1 
ATOM   588 C CB  . PHE A 1 82  ? 2.813   -6.178  -7.804  1.00 34.47  ? 655 PHE A CB  1 
ATOM   589 C CG  . PHE A 1 82  ? 3.480   -6.222  -6.463  1.00 29.80  ? 655 PHE A CG  1 
ATOM   590 C CD1 . PHE A 1 82  ? 4.176   -7.356  -6.094  1.00 50.54  ? 655 PHE A CD1 1 
ATOM   591 C CD2 . PHE A 1 82  ? 3.293   -5.190  -5.543  1.00 35.09  ? 655 PHE A CD2 1 
ATOM   592 C CE1 . PHE A 1 82  ? 4.770   -7.424  -4.819  1.00 39.48  ? 655 PHE A CE1 1 
ATOM   593 C CE2 . PHE A 1 82  ? 3.882   -5.252  -4.234  1.00 39.77  ? 655 PHE A CE2 1 
ATOM   594 C CZ  . PHE A 1 82  ? 4.628   -6.360  -3.904  1.00 48.49  ? 655 PHE A CZ  1 
ATOM   595 N N   . LEU A 1 83  ? 0.035   -5.962  -6.584  1.00 34.68  ? 656 LEU A N   1 
ATOM   596 C CA  . LEU A 1 83  ? -0.877  -5.665  -5.521  1.00 37.13  ? 656 LEU A CA  1 
ATOM   597 C C   . LEU A 1 83  ? -1.982  -6.682  -5.524  1.00 44.45  ? 656 LEU A C   1 
ATOM   598 O O   . LEU A 1 83  ? -2.336  -7.217  -4.476  1.00 40.04  ? 656 LEU A O   1 
ATOM   599 C CB  . LEU A 1 83  ? -1.461  -4.267  -5.687  1.00 37.03  ? 656 LEU A CB  1 
ATOM   600 C CG  . LEU A 1 83  ? -0.528  -3.129  -5.315  1.00 30.07  ? 656 LEU A CG  1 
ATOM   601 C CD1 . LEU A 1 83  ? -1.179  -1.775  -5.557  1.00 29.16  ? 656 LEU A CD1 1 
ATOM   602 C CD2 . LEU A 1 83  ? 0.041   -3.123  -3.871  1.00 35.48  ? 656 LEU A CD2 1 
HETATM 603 N N   . MLY A 1 84  ? -2.528  -6.974  -6.697  1.00 38.78  ? 657 MLY A N   1 
HETATM 604 C CA  . MLY A 1 84  ? -3.669  -7.911  -6.781  1.00 43.80  ? 657 MLY A CA  1 
HETATM 605 C CB  . MLY A 1 84  ? -4.265  -8.111  -8.164  1.00 43.48  ? 657 MLY A CB  1 
HETATM 606 C CG  . MLY A 1 84  ? -4.958  -6.836  -8.567  1.00 47.08  ? 657 MLY A CG  1 
HETATM 607 C CD  . MLY A 1 84  ? -5.516  -6.949  -9.984  1.00 79.31  ? 657 MLY A CD  1 
HETATM 608 C CE  . MLY A 1 84  ? -6.957  -7.461  -9.971  1.00 86.75  ? 657 MLY A CE  1 
HETATM 609 N NZ  . MLY A 1 84  ? -7.805  -6.883  -11.027 1.00 95.25  ? 657 MLY A NZ  1 
HETATM 610 C CH1 . MLY A 1 84  ? -7.216  -7.070  -12.371 1.00 85.81  ? 657 MLY A CH1 1 
HETATM 611 C CH2 . MLY A 1 84  ? -9.130  -7.521  -10.890 1.00 86.43  ? 657 MLY A CH2 1 
HETATM 612 C C   . MLY A 1 84  ? -3.333  -9.278  -6.286  1.00 53.05  ? 657 MLY A C   1 
HETATM 613 O O   . MLY A 1 84  ? -4.145  -9.968  -5.688  1.00 50.11  ? 657 MLY A O   1 
ATOM   614 N N   . ARG A 1 85  ? -2.098  -9.700  -6.469  1.00 40.52  ? 658 ARG A N   1 
ATOM   615 C CA  . ARG A 1 85  ? -1.812  -11.005 -6.013  1.00 50.86  ? 658 ARG A CA  1 
ATOM   616 C C   . ARG A 1 85  ? -1.407  -11.109 -4.544  1.00 55.78  ? 658 ARG A C   1 
ATOM   617 O O   . ARG A 1 85  ? -1.398  -12.190 -4.009  1.00 48.35  ? 658 ARG A O   1 
ATOM   618 C CB  . ARG A 1 85  ? -0.700  -11.540 -6.877  1.00 45.57  ? 658 ARG A CB  1 
ATOM   619 C CG  . ARG A 1 85  ? 0.689   -11.257 -6.446  1.00 47.79  ? 658 ARG A CG  1 
ATOM   620 C CD  . ARG A 1 85  ? 1.586   -12.049 -7.405  1.00 77.45  ? 658 ARG A CD  1 
ATOM   621 N NE  . ARG A 1 85  ? 1.047   -11.997 -8.763  1.00 64.28  ? 658 ARG A NE  1 
ATOM   622 C CZ  . ARG A 1 85  ? 1.487   -11.198 -9.748  1.00 108.77 ? 658 ARG A CZ  1 
ATOM   623 N NH1 . ARG A 1 85  ? 2.515   -10.368 -9.568  1.00 84.77  ? 658 ARG A NH1 1 
ATOM   624 N NH2 . ARG A 1 85  ? 0.903   -11.210 -10.951 1.00 76.20  ? 658 ARG A NH2 1 
ATOM   625 N N   . SER A 1 86  ? -1.021  -10.006 -3.928  1.00 39.83  ? 659 SER A N   1 
ATOM   626 C CA  . SER A 1 86  ? -0.456  -9.898  -2.586  1.00 48.73  ? 659 SER A CA  1 
ATOM   627 C C   . SER A 1 86  ? -1.517  -9.537  -1.547  1.00 39.29  ? 659 SER A C   1 
ATOM   628 O O   . SER A 1 86  ? -1.433  -9.899  -0.372  1.00 45.20  ? 659 SER A O   1 
ATOM   629 C CB  . SER A 1 86  ? 0.594   -8.760  -2.630  1.00 47.31  ? 659 SER A CB  1 
ATOM   630 O OG  . SER A 1 86  ? 1.619   -9.004  -3.567  1.00 63.50  ? 659 SER A OG  1 
ATOM   631 N N   . LEU A 1 87  ? -2.480  -8.729  -1.964  1.00 35.93  ? 660 LEU A N   1 
ATOM   632 C CA  . LEU A 1 87  ? -3.414  -8.016  -1.061  1.00 34.14  ? 660 LEU A CA  1 
ATOM   633 C C   . LEU A 1 87  ? -4.346  -9.013  -0.313  1.00 45.19  ? 660 LEU A C   1 
ATOM   634 O O   . LEU A 1 87  ? -4.587  -8.835  0.878   1.00 42.78  ? 660 LEU A O   1 
ATOM   635 C CB  . LEU A 1 87  ? -4.264  -6.975  -1.791  1.00 44.00  ? 660 LEU A CB  1 
ATOM   636 C CG  . LEU A 1 87  ? -3.527  -5.630  -1.938  1.00 44.46  ? 660 LEU A CG  1 
ATOM   637 C CD1 . LEU A 1 87  ? -4.223  -4.689  -2.936  1.00 51.74  ? 660 LEU A CD1 1 
ATOM   638 C CD2 . LEU A 1 87  ? -3.352  -4.983  -0.578  1.00 49.40  ? 660 LEU A CD2 1 
ATOM   639 N N   . PRO A 1 88  ? -4.868  -10.030 -1.002  1.00 43.95  ? 661 PRO A N   1 
ATOM   640 C CA  . PRO A 1 88  ? -5.789  -10.965 -0.293  1.00 52.24  ? 661 PRO A CA  1 
ATOM   641 C C   . PRO A 1 88  ? -5.179  -11.619 0.938   1.00 42.75  ? 661 PRO A C   1 
ATOM   642 O O   . PRO A 1 88  ? -5.808  -11.656 2.005   1.00 51.05  ? 661 PRO A O   1 
ATOM   643 C CB  . PRO A 1 88  ? -6.069  -12.024 -1.343  1.00 48.52  ? 661 PRO A CB  1 
ATOM   644 C CG  . PRO A 1 88  ? -5.896  -11.295 -2.655  1.00 52.65  ? 661 PRO A CG  1 
ATOM   645 C CD  . PRO A 1 88  ? -4.715  -10.399 -2.419  1.00 52.11  ? 661 PRO A CD  1 
ATOM   646 N N   . ALA A 1 89  ? -3.944  -12.083 0.794   1.00 42.87  ? 662 ALA A N   1 
ATOM   647 C CA  . ALA A 1 89  ? -3.172  -12.597 1.901   1.00 41.36  ? 662 ALA A CA  1 
ATOM   648 C C   . ALA A 1 89  ? -2.781  -11.525 2.898   1.00 66.12  ? 662 ALA A C   1 
ATOM   649 O O   . ALA A 1 89  ? -2.942  -11.715 4.116   1.00 40.20  ? 662 ALA A O   1 
ATOM   650 C CB  . ALA A 1 89  ? -1.942  -13.351 1.402   1.00 48.23  ? 662 ALA A CB  1 
ATOM   651 N N   . LEU A 1 90  ? -2.253  -10.397 2.427   1.00 37.41  ? 663 LEU A N   1 
ATOM   652 C CA  . LEU A 1 90  ? -1.829  -9.357  3.365   1.00 49.94  ? 663 LEU A CA  1 
ATOM   653 C C   . LEU A 1 90  ? -3.027  -8.827  4.171   1.00 42.35  ? 663 LEU A C   1 
ATOM   654 O O   . LEU A 1 90  ? -2.978  -8.492  5.353   1.00 42.66  ? 663 LEU A O   1 
ATOM   655 C CB  . LEU A 1 90  ? -1.033  -8.244  2.660   1.00 39.73  ? 663 LEU A CB  1 
ATOM   656 C CG  . LEU A 1 90  ? -0.625  -7.067  3.537   1.00 41.20  ? 663 LEU A CG  1 
ATOM   657 C CD1 . LEU A 1 90  ? 0.387   -7.583  4.562   1.00 46.08  ? 663 LEU A CD1 1 
ATOM   658 C CD2 . LEU A 1 90  ? 0.034   -5.987  2.718   1.00 43.13  ? 663 LEU A CD2 1 
ATOM   659 N N   . ARG A 1 91  ? -4.163  -8.747  3.518   1.00 31.69  ? 664 ARG A N   1 
ATOM   660 C CA  . ARG A 1 91  ? -5.299  -8.268  4.224   1.00 41.73  ? 664 ARG A CA  1 
ATOM   661 C C   . ARG A 1 91  ? -5.683  -9.219  5.380   1.00 51.56  ? 664 ARG A C   1 
ATOM   662 O O   . ARG A 1 91  ? -6.096  -8.764  6.434   1.00 48.95  ? 664 ARG A O   1 
ATOM   663 C CB  . ARG A 1 91  ? -6.444  -8.145  3.232   1.00 37.12  ? 664 ARG A CB  1 
ATOM   664 C CG  . ARG A 1 91  ? -6.470  -6.805  2.513   1.00 49.27  ? 664 ARG A CG  1 
ATOM   665 C CD  . ARG A 1 91  ? -7.595  -6.856  1.471   1.00 45.10  ? 664 ARG A CD  1 
ATOM   666 N NE  . ARG A 1 91  ? -7.684  -5.613  0.710   1.00 55.11  ? 664 ARG A NE  1 
ATOM   667 C CZ  . ARG A 1 91  ? -8.048  -5.531  -0.576  1.00 48.00  ? 664 ARG A CZ  1 
ATOM   668 N NH1 . ARG A 1 91  ? -8.331  -6.651  -1.245  1.00 46.47  ? 664 ARG A NH1 1 
ATOM   669 N NH2 . ARG A 1 91  ? -8.134  -4.320  -1.180  1.00 56.57  ? 664 ARG A NH2 1 
ATOM   670 N N   . GLN A 1 92  ? -5.512  -10.521 5.188   1.00 42.81  ? 665 GLN A N   1 
ATOM   671 C CA  . GLN A 1 92  ? -5.970  -11.519 6.182   1.00 44.62  ? 665 GLN A CA  1 
ATOM   672 C C   . GLN A 1 92  ? -4.957  -11.446 7.279   1.00 44.83  ? 665 GLN A C   1 
ATOM   673 O O   . GLN A 1 92  ? -5.224  -11.746 8.423   1.00 63.08  ? 665 GLN A O   1 
ATOM   674 C CB  . GLN A 1 92  ? -6.023  -12.917 5.561   1.00 41.82  ? 665 GLN A CB  1 
ATOM   675 C CG  . GLN A 1 92  ? -7.195  -13.204 4.651   1.00 41.12  ? 665 GLN A CG  1 
ATOM   676 C CD  . GLN A 1 92  ? -8.535  -13.260 5.438   1.00 55.77  ? 665 GLN A CD  1 
ATOM   677 O OE1 . GLN A 1 92  ? -8.575  -13.030 6.640   1.00 56.37  ? 665 GLN A OE1 1 
ATOM   678 N NE2 . GLN A 1 92  ? -9.607  -13.570 4.750   1.00 62.60  ? 665 GLN A NE2 1 
ATOM   679 N N   . LEU A 1 93  ? -3.747  -11.026 6.918   1.00 43.27  ? 666 LEU A N   1 
ATOM   680 C CA  . LEU A 1 93  ? -2.711  -10.850 7.882   1.00 35.32  ? 666 LEU A CA  1 
ATOM   681 C C   . LEU A 1 93  ? -2.613  -9.544  8.671   1.00 47.29  ? 666 LEU A C   1 
ATOM   682 O O   . LEU A 1 93  ? -1.721  -9.372  9.529   1.00 50.72  ? 666 LEU A O   1 
ATOM   683 C CB  . LEU A 1 93  ? -1.348  -11.138 7.250   1.00 37.92  ? 666 LEU A CB  1 
ATOM   684 C CG  . LEU A 1 93  ? -1.074  -12.580 6.816   1.00 61.39  ? 666 LEU A CG  1 
ATOM   685 C CD1 . LEU A 1 93  ? 0.233   -12.560 6.031   1.00 51.78  ? 666 LEU A CD1 1 
ATOM   686 C CD2 . LEU A 1 93  ? -0.989  -13.515 8.069   1.00 45.57  ? 666 LEU A CD2 1 
ATOM   687 N N   . THR A 1 94  ? -3.515  -8.644  8.321   1.00 43.70  ? 667 THR A N   1 
ATOM   688 C CA  . THR A 1 94  ? -3.411  -7.240  8.712   1.00 45.46  ? 667 THR A CA  1 
ATOM   689 C C   . THR A 1 94  ? -4.816  -6.855  9.194   1.00 50.52  ? 667 THR A C   1 
ATOM   690 O O   . THR A 1 94  ? -5.553  -6.146  8.531   1.00 54.86  ? 667 THR A O   1 
ATOM   691 C CB  . THR A 1 94  ? -2.880  -6.343  7.559   1.00 59.42  ? 667 THR A CB  1 
ATOM   692 O OG1 . THR A 1 94  ? -1.592  -6.817  7.113   1.00 50.60  ? 667 THR A OG1 1 
ATOM   693 C CG2 . THR A 1 94  ? -2.738  -4.934  8.079   1.00 57.35  ? 667 THR A CG2 1 
ATOM   694 N N   . PRO A 1 95  ? -5.164  -7.313  10.407  1.00 67.58  ? 668 PRO A N   1 
ATOM   695 C CA  . PRO A 1 95  ? -6.550  -7.191  10.858  1.00 64.63  ? 668 PRO A CA  1 
ATOM   696 C C   . PRO A 1 95  ? -6.851  -5.732  11.305  1.00 62.92  ? 668 PRO A C   1 
ATOM   697 O O   . PRO A 1 95  ? -8.003  -5.305  11.214  1.00 64.99  ? 668 PRO A O   1 
ATOM   698 C CB  . PRO A 1 95  ? -6.623  -8.249  11.962  1.00 65.98  ? 668 PRO A CB  1 
ATOM   699 C CG  . PRO A 1 95  ? -5.193  -8.330  12.544  1.00 62.80  ? 668 PRO A CG  1 
ATOM   700 C CD  . PRO A 1 95  ? -4.264  -7.897  11.427  1.00 62.32  ? 668 PRO A CD  1 
ATOM   701 N N   . ASP A 1 96  ? -5.821  -4.972  11.704  1.00 66.42  ? 669 ASP A N   1 
ATOM   702 C CA  . ASP A 1 96  ? -5.936  -3.551  12.090  1.00 71.09  ? 669 ASP A CA  1 
ATOM   703 C C   . ASP A 1 96  ? -5.140  -2.539  11.224  1.00 40.34  ? 669 ASP A C   1 
ATOM   704 O O   . ASP A 1 96  ? -3.936  -2.316  11.474  1.00 47.24  ? 669 ASP A O   1 
ATOM   705 C CB  . ASP A 1 96  ? -5.459  -3.441  13.548  1.00 53.36  ? 669 ASP A CB  1 
ATOM   706 C CG  . ASP A 1 96  ? -5.677  -2.058  14.165  1.00 65.70  ? 669 ASP A CG  1 
ATOM   707 O OD1 . ASP A 1 96  ? -6.251  -1.138  13.542  1.00 67.00  ? 669 ASP A OD1 1 
ATOM   708 O OD2 . ASP A 1 96  ? -5.241  -1.898  15.320  1.00 70.75  ? 669 ASP A OD2 1 
ATOM   709 N N   . SER A 1 97  ? -5.794  -1.918  10.242  1.00 52.62  ? 670 SER A N   1 
ATOM   710 C CA  . SER A 1 97  ? -5.086  -1.001  9.313   1.00 48.40  ? 670 SER A CA  1 
ATOM   711 C C   . SER A 1 97  ? -4.497  0.239   9.967   1.00 49.44  ? 670 SER A C   1 
ATOM   712 O O   . SER A 1 97  ? -3.376  0.659   9.657   1.00 54.60  ? 670 SER A O   1 
ATOM   713 C CB  . SER A 1 97  ? -5.960  -0.642  8.092   1.00 63.99  ? 670 SER A CB  1 
ATOM   714 O OG  . SER A 1 97  ? -7.240  -0.168  8.422   1.00 67.07  ? 670 SER A OG  1 
ATOM   715 N N   . ALA A 1 98  ? -5.209  0.788   10.943  1.00 53.77  ? 671 ALA A N   1 
ATOM   716 C CA  . ALA A 1 98  ? -4.688  1.901   11.715  1.00 41.73  ? 671 ALA A CA  1 
ATOM   717 C C   . ALA A 1 98  ? -3.400  1.599   12.450  1.00 45.26  ? 671 ALA A C   1 
ATOM   718 O O   . ALA A 1 98  ? -2.446  2.391   12.508  1.00 49.58  ? 671 ALA A O   1 
ATOM   719 C CB  . ALA A 1 98  ? -5.785  2.352   12.702  1.00 57.95  ? 671 ALA A CB  1 
ATOM   720 N N   . ALA A 1 99  ? -3.340  0.417   13.052  1.00 47.16  ? 672 ALA A N   1 
ATOM   721 C CA  . ALA A 1 99  ? -2.092  0.018   13.689  1.00 45.94  ? 672 ALA A CA  1 
ATOM   722 C C   . ALA A 1 99  ? -0.925  -0.180  12.695  1.00 53.10  ? 672 ALA A C   1 
ATOM   723 O O   . ALA A 1 99  ? 0.244   0.098   13.013  1.00 45.24  ? 672 ALA A O   1 
ATOM   724 C CB  . ALA A 1 99  ? -2.329  -1.282  14.433  1.00 57.06  ? 672 ALA A CB  1 
ATOM   725 N N   . PHE A 1 100 ? -1.231  -0.698  11.502  1.00 52.55  ? 673 PHE A N   1 
ATOM   726 C CA  . PHE A 1 100 ? -0.181  -0.850  10.464  1.00 49.45  ? 673 PHE A CA  1 
ATOM   727 C C   . PHE A 1 100 ? 0.433   0.505   10.103  1.00 32.54  ? 673 PHE A C   1 
ATOM   728 O O   . PHE A 1 100 ? 1.688   0.674   10.032  1.00 50.23  ? 673 PHE A O   1 
ATOM   729 C CB  . PHE A 1 100 ? -0.810  -1.463  9.206   1.00 51.54  ? 673 PHE A CB  1 
ATOM   730 C CG  . PHE A 1 100 ? 0.164   -1.604  8.059   1.00 60.02  ? 673 PHE A CG  1 
ATOM   731 C CD1 . PHE A 1 100 ? 1.097   -2.613  8.073   1.00 50.96  ? 673 PHE A CD1 1 
ATOM   732 C CD2 . PHE A 1 100 ? 0.141   -0.721  6.969   1.00 53.60  ? 673 PHE A CD2 1 
ATOM   733 C CE1 . PHE A 1 100 ? 2.015   -2.769  7.022   1.00 67.36  ? 673 PHE A CE1 1 
ATOM   734 C CE2 . PHE A 1 100 ? 1.058   -0.854  5.912   1.00 57.69  ? 673 PHE A CE2 1 
ATOM   735 C CZ  . PHE A 1 100 ? 1.987   -1.882  5.933   1.00 58.26  ? 673 PHE A CZ  1 
ATOM   736 N N   . ILE A 1 101 ? -0.475  1.467   9.901   1.00 42.62  ? 674 ILE A N   1 
ATOM   737 C CA  . ILE A 1 101 ? -0.096  2.843   9.549   1.00 51.15  ? 674 ILE A CA  1 
ATOM   738 C C   . ILE A 1 101 ? 0.754   3.405   10.669  1.00 60.56  ? 674 ILE A C   1 
ATOM   739 O O   . ILE A 1 101 ? 1.836   3.964   10.435  1.00 52.20  ? 674 ILE A O   1 
ATOM   740 C CB  . ILE A 1 101 ? -1.299  3.787   9.458   1.00 50.60  ? 674 ILE A CB  1 
ATOM   741 C CG1 . ILE A 1 101 ? -2.398  3.370   8.472   1.00 72.14  ? 674 ILE A CG1 1 
ATOM   742 C CG2 . ILE A 1 101 ? -0.830  5.206   9.237   1.00 66.13  ? 674 ILE A CG2 1 
ATOM   743 C CD1 . ILE A 1 101 ? -2.049  3.068   7.104   1.00 59.37  ? 674 ILE A CD1 1 
ATOM   744 N N   . GLN A 1 102 ? 0.245   3.255   11.895  1.00 62.15  ? 675 GLN A N   1 
ATOM   745 C CA  . GLN A 1 102 ? 0.954   3.777   13.051  1.00 52.33  ? 675 GLN A CA  1 
ATOM   746 C C   . GLN A 1 102 ? 2.313   3.101   13.126  1.00 46.39  ? 675 GLN A C   1 
ATOM   747 O O   . GLN A 1 102 ? 3.351   3.736   13.358  1.00 59.83  ? 675 GLN A O   1 
ATOM   748 C CB  . GLN A 1 102 ? 0.127   3.615   14.341  1.00 76.90  ? 675 GLN A CB  1 
ATOM   749 C CG  . GLN A 1 102 ? 0.878   3.995   15.625  1.00 94.75  ? 675 GLN A CG  1 
ATOM   750 C CD  . GLN A 1 102 ? 1.342   5.451   15.623  1.00 117.71 ? 675 GLN A CD  1 
ATOM   751 O OE1 . GLN A 1 102 ? 0.557   6.352   15.316  1.00 114.30 ? 675 GLN A OE1 1 
ATOM   752 N NE2 . GLN A 1 102 ? 2.617   5.689   15.960  1.00 106.50 ? 675 GLN A NE2 1 
ATOM   753 N N   . GLN A 1 103 ? 2.337   1.795   12.905  1.00 70.00  ? 676 GLN A N   1 
ATOM   754 C CA  . GLN A 1 103 ? 3.621   1.136   13.022  1.00 51.21  ? 676 GLN A CA  1 
ATOM   755 C C   . GLN A 1 103 ? 4.636   1.602   11.961  1.00 89.56  ? 676 GLN A C   1 
ATOM   756 O O   . GLN A 1 103 ? 5.829   1.668   12.238  1.00 74.16  ? 676 GLN A O   1 
ATOM   757 C CB  . GLN A 1 103 ? 3.513   -0.389  13.058  1.00 76.00  ? 676 GLN A CB  1 
ATOM   758 C CG  . GLN A 1 103 ? 4.583   -0.988  13.998  1.00 101.54 ? 676 GLN A CG  1 
ATOM   759 C CD  . GLN A 1 103 ? 4.418   -0.718  15.534  1.00 114.08 ? 676 GLN A CD  1 
ATOM   760 O OE1 . GLN A 1 103 ? 4.147   0.399   16.033  1.00 81.99  ? 676 GLN A OE1 1 
ATOM   761 N NE2 . GLN A 1 103 ? 4.623   -1.791  16.295  1.00 103.63 ? 676 GLN A NE2 1 
ATOM   762 N N   . SER A 1 104 ? 4.183   1.956   10.764  1.00 78.65  ? 677 SER A N   1 
ATOM   763 C CA  . SER A 1 104 ? 5.093   2.426   9.716   1.00 76.90  ? 677 SER A CA  1 
ATOM   764 C C   . SER A 1 104 ? 5.562   3.888   9.877   1.00 86.48  ? 677 SER A C   1 
ATOM   765 O O   . SER A 1 104 ? 5.721   4.563   8.862   1.00 109.33 ? 677 SER A O   1 
ATOM   766 C CB  . SER A 1 104 ? 4.393   2.308   8.346   1.00 68.84  ? 677 SER A CB  1 
ATOM   767 O OG  . SER A 1 104 ? 3.615   1.123   8.138   1.00 57.09  ? 677 SER A OG  1 
ATOM   768 N N   . GLN A 1 105 ? 5.787   4.396   11.093  1.00 90.08  ? 678 GLN A N   1 
ATOM   769 C CA  . GLN A 1 105 ? 6.143   5.815   11.333  1.00 90.16  ? 678 GLN A CA  1 
ATOM   770 C C   . GLN A 1 105 ? 7.113   6.028   12.505  1.00 80.43  ? 678 GLN A C   1 
ATOM   771 O O   . GLN A 1 105 ? 7.905   5.149   12.853  1.00 94.25  ? 678 GLN A O   1 
ATOM   772 C CB  . GLN A 1 105 ? 4.894   6.661   11.645  1.00 94.03  ? 678 GLN A CB  1 
ATOM   773 C CG  . GLN A 1 105 ? 3.896   6.935   10.508  1.00 63.60  ? 678 GLN A CG  1 
ATOM   774 C CD  . GLN A 1 105 ? 2.521   7.411   10.996  1.00 76.73  ? 678 GLN A CD  1 
ATOM   775 O OE1 . GLN A 1 105 ? 2.392   8.024   12.049  1.00 100.80 ? 678 GLN A OE1 1 
ATOM   776 N NE2 . GLN A 1 105 ? 1.480   7.114   10.231  1.00 79.38  ? 678 GLN A NE2 1 
HETATM 777 S S   . SO4 B 2 .   ? 7.929   9.172   -9.693  0.33 54.33  ? 700 SO4 A S   1 
HETATM 778 O O1  . SO4 B 2 .   ? 8.437   10.501  -9.324  0.33 60.59  ? 700 SO4 A O1  1 
HETATM 779 O O2  . SO4 B 2 .   ? 6.984   9.369   -10.794 0.33 56.54  ? 700 SO4 A O2  1 
HETATM 780 O O3  . SO4 B 2 .   ? 8.944   8.184   -10.071 0.33 62.06  ? 700 SO4 A O3  1 
HETATM 781 O O4  . SO4 B 2 .   ? 7.228   8.599   -8.545  0.33 70.71  ? 700 SO4 A O4  1 
HETATM 782 O O   . HOH C 3 .   ? -0.012  -1.300  -12.861 1.00 32.83  ? 1   HOH A O   1 
HETATM 783 O O   . HOH C 3 .   ? 8.610   -1.143  -2.504  1.00 28.43  ? 2   HOH A O   1 
HETATM 784 O O   . HOH C 3 .   ? -7.254  -5.413  -5.052  1.00 41.75  ? 3   HOH A O   1 
HETATM 785 O O   . HOH C 3 .   ? -0.753  1.286   -13.014 1.00 40.33  ? 4   HOH A O   1 
HETATM 786 O O   . HOH C 3 .   ? -6.777  -7.915  -4.606  1.00 45.71  ? 5   HOH A O   1 
HETATM 787 O O   . HOH C 3 .   ? -2.713  -4.977  11.823  1.00 54.41  ? 6   HOH A O   1 
HETATM 788 O O   . HOH C 3 .   ? 8.542   -3.697  -1.721  1.00 42.11  ? 7   HOH A O   1 
HETATM 789 O O   . HOH C 3 .   ? 3.555   -24.624 -2.536  1.00 55.64  ? 8   HOH A O   1 
HETATM 790 O O   . HOH C 3 .   ? -2.442  -12.958 -1.657  1.00 44.63  ? 9   HOH A O   1 
HETATM 791 O O   . HOH C 3 .   ? 9.430   -6.212  -18.458 1.00 46.41  ? 10  HOH A O   1 
HETATM 792 O O   . HOH C 3 .   ? -8.260  -11.311 1.922   1.00 47.91  ? 11  HOH A O   1 
HETATM 793 O O   . HOH C 3 .   ? 3.110   -18.892 1.957   1.00 51.33  ? 12  HOH A O   1 
HETATM 794 O O   . HOH C 3 .   ? 0.373   -4.219  11.084  1.00 61.29  ? 13  HOH A O   1 
HETATM 795 O O   . HOH C 3 .   ? 11.528  -8.148  -18.415 1.00 47.54  ? 14  HOH A O   1 
HETATM 796 O O   . HOH C 3 .   ? 4.631   -10.192 6.630   1.00 65.73  ? 15  HOH A O   1 
HETATM 797 O O   . HOH C 3 .   ? 5.165   -10.792 -7.765  1.00 49.33  ? 16  HOH A O   1 
HETATM 798 O O   . HOH C 3 .   ? -9.290  -9.540  -0.424  1.00 52.21  ? 17  HOH A O   1 
HETATM 799 O O   . HOH C 3 .   ? -11.906 0.337   -5.834  1.00 50.50  ? 18  HOH A O   1 
HETATM 800 O O   . HOH C 3 .   ? -9.790  6.153   -1.148  1.00 56.54  ? 19  HOH A O   1 
HETATM 801 O O   . HOH C 3 .   ? 5.367   5.787   -9.805  1.00 50.55  ? 20  HOH A O   1 
HETATM 802 O O   . HOH C 3 .   ? -10.345 -0.931  -8.479  1.00 62.23  ? 21  HOH A O   1 
HETATM 803 O O   . HOH C 3 .   ? -3.745  2.178   -12.452 1.00 49.15  ? 22  HOH A O   1 
HETATM 804 O O   . HOH C 3 .   ? -2.100  -10.403 -10.302 1.00 59.86  ? 23  HOH A O   1 
HETATM 805 O O   . HOH C 3 .   ? -3.738  -8.994  -12.302 1.00 56.43  ? 24  HOH A O   1 
HETATM 806 O O   . HOH C 3 .   ? 0.672   -7.209  8.526   1.00 50.61  ? 25  HOH A O   1 
HETATM 807 O O   . HOH C 3 .   ? -3.757  -6.762  -13.762 1.00 42.87  ? 26  HOH A O   1 
HETATM 808 O O   . HOH C 3 .   ? -3.002  -4.371  -14.715 1.00 47.85  ? 27  HOH A O   1 
HETATM 809 O O   . HOH C 3 .   ? -5.795  7.358   -13.974 1.00 49.83  ? 28  HOH A O   1 
HETATM 810 O O   . HOH C 3 .   ? 7.250   -3.940  6.060   1.00 58.03  ? 29  HOH A O   1 
HETATM 811 O O   . HOH C 3 .   ? -5.963  11.178  -5.541  1.00 53.50  ? 30  HOH A O   1 
HETATM 812 O O   . HOH C 3 .   ? -10.130 -14.223 2.019   0.50 66.34  ? 31  HOH A O   1 
HETATM 813 O O   . HOH C 3 .   ? -7.635  -13.260 8.983   1.00 65.39  ? 32  HOH A O   1 
HETATM 814 O O   . HOH C 3 .   ? 6.538   -1.808  -10.228 1.00 36.16  ? 33  HOH A O   1 
HETATM 815 O O   . HOH C 3 .   ? -0.344  -2.957  -15.217 1.00 36.90  ? 34  HOH A O   1 
HETATM 816 O O   . HOH C 3 .   ? 6.290   -1.509  -13.139 1.00 37.58  ? 35  HOH A O   1 
HETATM 817 O O   . HOH C 3 .   ? 4.115   8.580   -0.102  1.00 49.07  ? 36  HOH A O   1 
HETATM 818 O O   . HOH C 3 .   ? -10.220 2.700   5.611   1.00 69.06  ? 37  HOH A O   1 
HETATM 819 O O   . HOH C 3 .   ? 9.076   -3.253  5.312   1.00 65.32  ? 38  HOH A O   1 
HETATM 820 O O   . HOH C 3 .   ? 11.663  -10.917 -4.759  1.00 58.83  ? 39  HOH A O   1 
# 
